data_8TMP
#
_entry.id   8TMP
#
_cell.length_a   1.00
_cell.length_b   1.00
_cell.length_c   1.00
_cell.angle_alpha   90.00
_cell.angle_beta   90.00
_cell.angle_gamma   90.00
#
_symmetry.space_group_name_H-M   'P 1'
#
loop_
_entity.id
_entity.type
_entity.pdbx_description
1 polymer 'sAB C18 Light Chain'
2 polymer 'sAB C18 Heavy Chain'
3 polymer 'Cobalt/magnesium transport protein CorA'
4 non-polymer 'MAGNESIUM ION'
#
loop_
_entity_poly.entity_id
_entity_poly.type
_entity_poly.pdbx_seq_one_letter_code
_entity_poly.pdbx_strand_id
1 'polypeptide(L)'
;SDIQMTQSPSSLSASVGDRVTITCRASQSVSSAVAWYQQKPGKAPKLLIYSASSLYSGVPSRFSGSRSGTDFTLTISSLQ
PEDFATYYCQQSSSSLITFGQGTKVEIKRTVAAPSVFIFPPSDSQLKSGTASVVCLLNNFYPREAKVQWKVDNALQSGNS
;
L
2 'polypeptide(L)'
;EISEVQLVESGGGLVQPGGSLRLSCAASGFNVSYYSIHWVRQAPGKGLEWVASISSSSGSTSYADSVKGRFTISADTSKN
TAYLQMNSLRAEDTAVYYCARSYWYYIWSYSYGNAMDYWGQGTLVTVSSASTKGPSVFPLAPSSKSTSGGTAALGCLVKD
;
H
3 'polypeptide(L)'
;MGSSHHHHHHSSGRENLYFQGHMEEKRLSAKKGLPPGTLVYTGKYREDFEIEVMNYSIEEFREFKTTDVESVLPFRDSST
PTWINITGIHRTDVVQRVGEFFGIHPLVLEDILNVHQRPKVEFFENYVFIVLKMFTYDKNLHELESEQVSLILTKNCVLM
FQEKIGDVFDPVRERIRYNRGIIRKKRADYLLYSLIDALVDDYFVLLEKIDDEIDVLEEEVLERPEKETVQRTHQLKRNL
VELRKTIWPLREVLSSLYRDVPPLIEKETVPYFRDVYDHTIQIADTVETFRDIVSGLLDVYLSSVSNKTNEVMKVLTIIA
TIFMPLTFIAGIYGMNFEYMPELRWKWGYPVVLAVMGVIAVIMVVYFKKKKWL
;
A,B,C,D,E
#
# COMPACT_ATOMS: atom_id res chain seq x y z
N ASP A 2 39.36 22.28 -0.89
CA ASP A 2 38.16 22.21 -1.72
C ASP A 2 38.03 20.86 -2.42
N ILE A 3 37.38 20.87 -3.59
CA ILE A 3 37.14 19.66 -4.37
C ILE A 3 37.89 19.77 -5.68
N GLN A 4 38.69 18.76 -5.99
CA GLN A 4 39.45 18.70 -7.23
C GLN A 4 38.79 17.69 -8.16
N MET A 5 38.55 18.10 -9.40
CA MET A 5 37.79 17.30 -10.37
C MET A 5 38.77 16.88 -11.47
N THR A 6 39.38 15.71 -11.30
CA THR A 6 40.40 15.24 -12.22
C THR A 6 39.73 14.68 -13.47
N GLN A 7 40.06 15.24 -14.63
CA GLN A 7 39.40 14.91 -15.89
C GLN A 7 40.38 14.20 -16.82
N SER A 8 39.97 13.06 -17.35
CA SER A 8 40.77 12.25 -18.25
C SER A 8 39.91 11.74 -19.39
N PRO A 9 40.49 11.57 -20.60
CA PRO A 9 41.88 11.88 -20.94
C PRO A 9 42.11 13.37 -21.15
N SER A 10 43.37 13.81 -21.03
CA SER A 10 43.68 15.22 -21.22
C SER A 10 43.64 15.63 -22.68
N SER A 11 43.61 14.67 -23.61
CA SER A 11 43.52 14.97 -25.03
C SER A 11 43.10 13.69 -25.76
N LEU A 12 42.02 13.77 -26.53
CA LEU A 12 41.46 12.62 -27.21
C LEU A 12 41.43 12.88 -28.72
N SER A 13 41.78 11.86 -29.49
CA SER A 13 41.76 11.93 -30.94
C SER A 13 40.72 10.94 -31.47
N ALA A 14 39.80 11.43 -32.28
CA ALA A 14 38.75 10.59 -32.84
C ALA A 14 38.22 11.23 -34.11
N SER A 15 37.90 10.39 -35.10
CA SER A 15 37.35 10.85 -36.36
C SER A 15 35.85 11.10 -36.19
N VAL A 16 35.15 11.29 -37.30
CA VAL A 16 33.72 11.56 -37.28
C VAL A 16 32.95 10.24 -37.32
N GLY A 17 31.90 10.15 -36.52
CA GLY A 17 31.00 9.01 -36.55
C GLY A 17 31.23 7.94 -35.49
N ASP A 18 32.10 8.18 -34.52
CA ASP A 18 32.38 7.19 -33.49
C ASP A 18 31.94 7.69 -32.12
N ARG A 19 31.87 6.77 -31.17
CA ARG A 19 31.50 7.08 -29.80
C ARG A 19 32.74 7.55 -29.03
N VAL A 20 32.61 8.67 -28.32
CA VAL A 20 33.70 9.23 -27.53
C VAL A 20 33.24 9.38 -26.09
N THR A 21 34.05 8.91 -25.15
CA THR A 21 33.74 8.95 -23.73
C THR A 21 34.83 9.71 -23.00
N ILE A 22 34.44 10.70 -22.19
CA ILE A 22 35.34 11.46 -21.33
C ILE A 22 34.86 11.27 -19.90
N THR A 23 35.80 11.12 -18.97
CA THR A 23 35.46 10.84 -17.58
C THR A 23 36.11 11.87 -16.69
N CYS A 24 35.43 12.22 -15.58
CA CYS A 24 36.05 13.03 -14.55
C CYS A 24 35.65 12.49 -13.18
N ARG A 25 36.61 12.48 -12.28
CA ARG A 25 36.49 11.92 -10.94
C ARG A 25 36.63 13.03 -9.92
N ALA A 26 35.67 13.12 -9.01
CA ALA A 26 35.74 14.09 -7.93
C ALA A 26 36.62 13.58 -6.79
N SER A 27 37.32 14.51 -6.15
CA SER A 27 38.16 14.15 -5.01
C SER A 27 37.32 13.57 -3.87
N GLN A 28 36.19 14.19 -3.58
CA GLN A 28 35.27 13.66 -2.57
C GLN A 28 33.86 13.57 -3.14
N SER A 29 32.89 13.30 -2.29
CA SER A 29 31.53 13.06 -2.76
C SER A 29 30.87 14.34 -3.22
N VAL A 30 30.30 14.31 -4.43
CA VAL A 30 29.42 15.35 -4.93
C VAL A 30 28.10 14.68 -5.32
N SER A 31 26.99 15.23 -4.83
CA SER A 31 25.69 14.59 -4.98
C SER A 31 25.13 14.86 -6.38
N SER A 32 25.80 14.29 -7.37
CA SER A 32 25.40 14.38 -8.77
C SER A 32 25.27 15.81 -9.27
N ALA A 33 25.94 16.75 -8.61
CA ALA A 33 25.90 18.15 -9.01
C ALA A 33 27.08 18.48 -9.93
N VAL A 34 27.14 17.74 -11.04
CA VAL A 34 28.22 17.87 -12.01
C VAL A 34 27.64 18.29 -13.35
N ALA A 35 28.21 19.35 -13.91
CA ALA A 35 27.79 19.88 -15.20
C ALA A 35 28.94 19.75 -16.20
N TRP A 36 28.58 19.60 -17.46
CA TRP A 36 29.53 19.49 -18.56
C TRP A 36 29.33 20.64 -19.52
N TYR A 37 30.41 21.37 -19.80
CA TYR A 37 30.41 22.50 -20.71
C TYR A 37 31.32 22.21 -21.90
N GLN A 38 31.00 22.83 -23.03
CA GLN A 38 31.76 22.69 -24.26
C GLN A 38 32.21 24.07 -24.72
N GLN A 39 33.50 24.19 -25.08
CA GLN A 39 34.07 25.47 -25.51
C GLN A 39 34.85 25.26 -26.79
N LYS A 40 34.40 25.94 -27.85
CA LYS A 40 35.20 26.01 -29.06
C LYS A 40 36.40 26.92 -28.84
N PRO A 41 37.49 26.73 -29.59
CA PRO A 41 38.67 27.59 -29.41
C PRO A 41 38.35 29.04 -29.71
N GLY A 42 38.45 29.88 -28.68
CA GLY A 42 38.23 31.31 -28.82
C GLY A 42 36.80 31.78 -28.66
N LYS A 43 35.93 30.97 -28.06
CA LYS A 43 34.55 31.35 -27.84
C LYS A 43 34.14 31.04 -26.41
N ALA A 44 33.02 31.62 -26.00
CA ALA A 44 32.49 31.37 -24.67
C ALA A 44 31.99 29.93 -24.56
N PRO A 45 32.11 29.32 -23.37
CA PRO A 45 31.63 27.95 -23.20
C PRO A 45 30.12 27.85 -23.36
N LYS A 46 29.68 26.70 -23.86
CA LYS A 46 28.28 26.40 -24.04
C LYS A 46 27.92 25.22 -23.15
N LEU A 47 26.90 25.40 -22.30
CA LEU A 47 26.51 24.34 -21.39
C LEU A 47 25.90 23.18 -22.17
N LEU A 48 26.28 21.96 -21.80
CA LEU A 48 25.74 20.75 -22.39
C LEU A 48 24.93 19.91 -21.41
N ILE A 49 25.52 19.57 -20.26
CA ILE A 49 24.91 18.64 -19.32
C ILE A 49 24.80 19.33 -17.96
N TYR A 50 23.64 19.17 -17.31
CA TYR A 50 23.48 19.58 -15.92
C TYR A 50 22.86 18.44 -15.15
N SER A 51 23.15 18.40 -13.84
CA SER A 51 22.73 17.33 -12.94
C SER A 51 23.36 15.98 -13.31
N ALA A 52 24.36 16.00 -14.19
CA ALA A 52 25.20 14.87 -14.54
C ALA A 52 24.46 13.83 -15.37
N SER A 53 23.16 13.99 -15.53
CA SER A 53 22.39 13.11 -16.40
C SER A 53 21.48 13.86 -17.35
N SER A 54 20.90 14.97 -16.92
CA SER A 54 19.92 15.68 -17.72
C SER A 54 20.58 16.38 -18.90
N LEU A 55 19.79 16.60 -19.95
CA LEU A 55 20.26 17.23 -21.18
C LEU A 55 19.73 18.66 -21.23
N TYR A 56 20.61 19.61 -21.53
CA TYR A 56 20.21 21.00 -21.63
C TYR A 56 19.30 21.20 -22.84
N SER A 57 18.36 22.14 -22.70
CA SER A 57 17.37 22.42 -23.74
C SER A 57 18.05 23.21 -24.85
N GLY A 58 18.32 22.55 -25.97
CA GLY A 58 18.89 23.23 -27.12
C GLY A 58 20.21 22.65 -27.58
N VAL A 59 20.49 21.40 -27.21
CA VAL A 59 21.70 20.72 -27.63
C VAL A 59 21.32 19.41 -28.32
N PRO A 60 22.15 18.88 -29.21
CA PRO A 60 21.82 17.61 -29.86
C PRO A 60 21.70 16.47 -28.85
N SER A 61 20.83 15.51 -29.17
CA SER A 61 20.57 14.39 -28.27
C SER A 61 21.72 13.40 -28.21
N ARG A 62 22.73 13.53 -29.07
CA ARG A 62 23.85 12.59 -29.05
C ARG A 62 24.64 12.68 -27.75
N PHE A 63 24.78 13.89 -27.21
CA PHE A 63 25.45 14.04 -25.92
C PHE A 63 24.66 13.34 -24.82
N SER A 64 25.36 12.57 -24.00
CA SER A 64 24.73 11.87 -22.89
C SER A 64 25.65 11.92 -21.67
N GLY A 65 25.04 11.93 -20.50
CA GLY A 65 25.79 11.95 -19.25
C GLY A 65 25.40 10.82 -18.35
N SER A 66 26.41 10.25 -17.68
CA SER A 66 26.20 9.14 -16.77
C SER A 66 27.02 9.35 -15.51
N ARG A 67 26.55 8.78 -14.40
CA ARG A 67 27.24 8.88 -13.12
C ARG A 67 27.33 7.50 -12.48
N SER A 68 28.50 7.20 -11.90
CA SER A 68 28.70 6.00 -11.12
C SER A 68 29.58 6.38 -9.94
N GLY A 69 28.97 6.54 -8.77
CA GLY A 69 29.69 6.98 -7.59
C GLY A 69 30.24 8.39 -7.75
N THR A 70 31.55 8.51 -7.89
CA THR A 70 32.20 9.78 -8.15
C THR A 70 32.80 9.85 -9.54
N ASP A 71 32.39 8.95 -10.44
CA ASP A 71 32.86 8.93 -11.82
C ASP A 71 31.75 9.47 -12.70
N PHE A 72 31.98 10.63 -13.33
CA PHE A 72 31.00 11.25 -14.20
C PHE A 72 31.51 11.20 -15.63
N THR A 73 30.72 10.63 -16.53
CA THR A 73 31.13 10.38 -17.89
C THR A 73 30.21 11.10 -18.87
N LEU A 74 30.82 11.73 -19.87
CA LEU A 74 30.10 12.29 -21.01
C LEU A 74 30.42 11.44 -22.24
N THR A 75 29.36 11.06 -22.97
CA THR A 75 29.51 10.23 -24.15
C THR A 75 28.84 10.91 -25.34
N ILE A 76 29.56 10.99 -26.45
CA ILE A 76 29.00 11.41 -27.73
C ILE A 76 28.83 10.15 -28.57
N SER A 77 27.59 9.89 -28.99
CA SER A 77 27.29 8.67 -29.73
C SER A 77 27.87 8.71 -31.14
N SER A 78 27.71 9.83 -31.83
CA SER A 78 28.18 9.98 -33.20
C SER A 78 28.69 11.40 -33.39
N LEU A 79 30.00 11.55 -33.56
CA LEU A 79 30.59 12.87 -33.66
C LEU A 79 30.20 13.55 -34.97
N GLN A 80 30.36 14.87 -34.98
CA GLN A 80 30.15 15.72 -36.13
C GLN A 80 31.31 16.69 -36.22
N PRO A 81 31.54 17.30 -37.39
CA PRO A 81 32.62 18.30 -37.50
C PRO A 81 32.45 19.48 -36.56
N GLU A 82 31.25 19.69 -36.02
CA GLU A 82 30.98 20.78 -35.08
C GLU A 82 31.19 20.37 -33.63
N ASP A 83 31.61 19.14 -33.36
CA ASP A 83 31.75 18.65 -32.00
C ASP A 83 33.21 18.45 -31.60
N PHE A 84 34.14 19.15 -32.23
CA PHE A 84 35.55 19.08 -31.89
C PHE A 84 35.91 20.34 -31.11
N ALA A 85 35.79 20.25 -29.78
CA ALA A 85 36.03 21.38 -28.90
C ALA A 85 36.58 20.84 -27.58
N THR A 86 36.67 21.71 -26.58
CA THR A 86 37.21 21.34 -25.28
C THR A 86 36.07 21.18 -24.28
N TYR A 87 36.07 20.08 -23.54
CA TYR A 87 34.96 19.73 -22.66
C TYR A 87 35.43 19.82 -21.21
N TYR A 88 34.65 20.52 -20.38
CA TYR A 88 35.01 20.79 -19.00
C TYR A 88 33.94 20.26 -18.06
N CYS A 89 34.38 19.58 -17.00
CA CYS A 89 33.51 19.25 -15.89
C CYS A 89 33.41 20.42 -14.91
N GLN A 90 32.36 20.40 -14.10
CA GLN A 90 32.21 21.41 -13.06
C GLN A 90 31.34 20.85 -11.95
N GLN A 91 31.88 20.75 -10.74
CA GLN A 91 31.08 20.36 -9.59
C GLN A 91 30.51 21.60 -8.91
N SER A 92 29.23 21.54 -8.57
CA SER A 92 28.55 22.67 -7.95
C SER A 92 27.85 22.29 -6.66
N SER A 93 28.26 21.17 -6.03
CA SER A 93 27.64 20.76 -4.77
C SER A 93 27.92 21.79 -3.68
N SER A 94 29.14 22.31 -3.61
CA SER A 94 29.49 23.30 -2.62
C SER A 94 29.38 24.71 -3.19
N SER A 95 29.52 25.69 -2.30
CA SER A 95 29.51 27.08 -2.74
C SER A 95 30.71 27.39 -3.62
N LEU A 96 31.88 26.86 -3.28
CA LEU A 96 33.08 27.04 -4.08
C LEU A 96 33.11 25.96 -5.15
N ILE A 97 32.77 26.35 -6.38
CA ILE A 97 32.71 25.42 -7.50
C ILE A 97 34.06 25.37 -8.18
N THR A 98 34.35 24.23 -8.81
CA THR A 98 35.63 24.01 -9.47
C THR A 98 35.39 23.39 -10.84
N PHE A 99 36.35 23.61 -11.74
CA PHE A 99 36.29 23.11 -13.10
C PHE A 99 37.34 22.02 -13.32
N GLY A 100 37.11 21.20 -14.34
CA GLY A 100 38.12 20.26 -14.79
C GLY A 100 39.17 20.95 -15.64
N GLN A 101 40.24 20.20 -15.95
CA GLN A 101 41.33 20.77 -16.72
C GLN A 101 41.06 20.73 -18.22
N GLY A 102 40.02 20.06 -18.67
CA GLY A 102 39.64 20.09 -20.07
C GLY A 102 40.08 18.85 -20.83
N THR A 103 39.38 18.58 -21.93
CA THR A 103 39.67 17.45 -22.81
C THR A 103 39.46 17.91 -24.25
N LYS A 104 40.54 18.33 -24.89
CA LYS A 104 40.46 18.72 -26.30
C LYS A 104 40.21 17.49 -27.16
N VAL A 105 39.26 17.60 -28.09
CA VAL A 105 38.91 16.51 -28.98
C VAL A 105 39.42 16.86 -30.37
N GLU A 106 40.35 16.06 -30.88
CA GLU A 106 40.99 16.31 -32.16
C GLU A 106 40.39 15.39 -33.22
N ILE A 107 40.98 15.41 -34.42
CA ILE A 107 40.54 14.56 -35.52
C ILE A 107 41.68 13.64 -35.91
N LYS A 108 41.41 12.75 -36.87
CA LYS A 108 42.44 11.82 -37.36
C LYS A 108 42.61 11.94 -38.87
N GLU B 4 17.55 36.85 -26.59
CA GLU B 4 17.07 38.00 -25.85
C GLU B 4 18.02 38.35 -24.71
N VAL B 5 18.39 37.34 -23.93
CA VAL B 5 19.31 37.55 -22.82
C VAL B 5 20.72 37.75 -23.35
N GLN B 6 21.41 38.76 -22.83
CA GLN B 6 22.75 39.09 -23.27
C GLN B 6 23.60 39.48 -22.06
N LEU B 7 24.81 38.95 -22.01
CA LEU B 7 25.80 39.33 -21.00
C LEU B 7 26.97 40.00 -21.70
N VAL B 8 27.32 41.20 -21.26
CA VAL B 8 28.39 41.98 -21.88
C VAL B 8 29.31 42.50 -20.78
N GLU B 9 30.60 42.23 -20.92
CA GLU B 9 31.61 42.68 -19.98
C GLU B 9 32.37 43.88 -20.55
N SER B 10 33.08 44.57 -19.66
CA SER B 10 33.88 45.72 -20.05
C SER B 10 34.90 45.99 -18.95
N GLY B 11 35.76 46.98 -19.18
CA GLY B 11 36.75 47.39 -18.21
C GLY B 11 38.10 46.71 -18.33
N GLY B 12 38.23 45.73 -19.21
CA GLY B 12 39.50 45.05 -19.36
C GLY B 12 40.55 45.93 -20.02
N GLY B 13 41.80 45.66 -19.71
CA GLY B 13 42.90 46.41 -20.29
C GLY B 13 44.18 46.19 -19.51
N LEU B 14 45.25 46.80 -20.03
CA LEU B 14 46.56 46.68 -19.40
C LEU B 14 46.59 47.43 -18.08
N VAL B 15 47.04 46.75 -17.03
CA VAL B 15 47.18 47.35 -15.70
C VAL B 15 48.49 46.88 -15.09
N GLN B 16 49.18 47.78 -14.40
CA GLN B 16 50.40 47.41 -13.70
C GLN B 16 50.07 46.54 -12.49
N PRO B 17 51.00 45.70 -12.04
CA PRO B 17 50.75 44.90 -10.84
C PRO B 17 50.47 45.79 -9.64
N GLY B 18 49.52 45.36 -8.82
CA GLY B 18 49.07 46.13 -7.68
C GLY B 18 48.04 47.20 -8.00
N GLY B 19 47.68 47.36 -9.26
CA GLY B 19 46.69 48.35 -9.65
C GLY B 19 45.31 47.74 -9.75
N SER B 20 44.31 48.47 -9.24
CA SER B 20 42.94 47.98 -9.16
C SER B 20 42.13 48.50 -10.34
N LEU B 21 41.44 47.59 -11.03
CA LEU B 21 40.50 47.95 -12.08
C LEU B 21 39.20 47.19 -11.85
N ARG B 22 38.09 47.80 -12.25
CA ARG B 22 36.76 47.24 -12.03
C ARG B 22 36.22 46.68 -13.33
N LEU B 23 35.73 45.45 -13.27
CA LEU B 23 35.08 44.81 -14.41
C LEU B 23 33.57 44.85 -14.22
N SER B 24 32.85 45.37 -15.20
CA SER B 24 31.40 45.48 -15.15
C SER B 24 30.78 44.49 -16.11
N CYS B 25 29.76 43.77 -15.63
CA CYS B 25 29.04 42.78 -16.42
C CYS B 25 27.61 43.29 -16.62
N ALA B 26 27.41 44.03 -17.70
CA ALA B 26 26.09 44.56 -18.01
C ALA B 26 25.15 43.41 -18.36
N ALA B 27 23.98 43.41 -17.73
CA ALA B 27 22.99 42.35 -17.90
C ALA B 27 21.79 42.90 -18.66
N SER B 28 21.49 42.29 -19.80
CA SER B 28 20.37 42.70 -20.64
C SER B 28 19.48 41.50 -20.92
N GLY B 29 18.17 41.71 -20.91
CA GLY B 29 17.22 40.66 -21.16
C GLY B 29 16.74 39.91 -19.94
N PHE B 30 17.27 40.21 -18.76
CA PHE B 30 16.82 39.56 -17.53
C PHE B 30 17.12 40.48 -16.36
N ASN B 31 16.49 40.19 -15.24
CA ASN B 31 16.71 40.93 -14.01
C ASN B 31 17.77 40.22 -13.18
N VAL B 32 18.81 40.95 -12.78
CA VAL B 32 19.91 40.35 -12.03
C VAL B 32 19.46 39.94 -10.62
N SER B 33 18.33 40.47 -10.15
CA SER B 33 17.89 40.18 -8.79
C SER B 33 17.43 38.73 -8.64
N TYR B 34 16.94 38.11 -9.71
CA TYR B 34 16.39 36.77 -9.63
C TYR B 34 17.39 35.67 -9.96
N TYR B 35 18.62 36.02 -10.32
CA TYR B 35 19.60 35.03 -10.74
C TYR B 35 20.96 35.33 -10.15
N SER B 36 21.76 34.29 -9.98
CA SER B 36 23.15 34.45 -9.56
C SER B 36 24.01 34.85 -10.75
N ILE B 37 25.12 35.54 -10.46
CA ILE B 37 26.06 35.97 -11.47
C ILE B 37 27.44 35.47 -11.06
N HIS B 38 28.07 34.68 -11.92
CA HIS B 38 29.38 34.11 -11.65
C HIS B 38 30.41 34.67 -12.63
N TRP B 39 31.61 34.93 -12.12
CA TRP B 39 32.73 35.29 -12.95
C TRP B 39 33.65 34.08 -13.11
N VAL B 40 34.12 33.85 -14.32
CA VAL B 40 34.99 32.71 -14.64
C VAL B 40 36.22 33.24 -15.36
N ARG B 41 37.40 32.87 -14.86
CA ARG B 41 38.67 33.33 -15.40
C ARG B 41 39.35 32.19 -16.14
N GLN B 42 39.79 32.48 -17.37
CA GLN B 42 40.50 31.50 -18.19
C GLN B 42 41.85 32.08 -18.59
N ALA B 43 42.91 31.54 -18.02
CA ALA B 43 44.25 31.99 -18.37
C ALA B 43 44.54 31.64 -19.84
N PRO B 44 45.35 32.45 -20.52
CA PRO B 44 45.64 32.19 -21.94
C PRO B 44 46.37 30.86 -22.10
N GLY B 45 45.72 29.94 -22.81
CA GLY B 45 46.26 28.61 -23.00
C GLY B 45 46.00 27.62 -21.89
N LYS B 46 45.17 27.97 -20.92
CA LYS B 46 44.84 27.11 -19.79
C LYS B 46 43.34 26.88 -19.73
N GLY B 47 42.92 26.06 -18.77
CA GLY B 47 41.52 25.71 -18.63
C GLY B 47 40.73 26.74 -17.86
N LEU B 48 39.42 26.51 -17.79
CA LEU B 48 38.52 27.41 -17.09
C LEU B 48 38.76 27.35 -15.60
N GLU B 49 38.67 28.51 -14.94
CA GLU B 49 38.83 28.59 -13.50
C GLU B 49 37.77 29.53 -12.94
N TRP B 50 37.11 29.11 -11.86
CA TRP B 50 36.12 29.93 -11.19
C TRP B 50 36.79 30.88 -10.21
N VAL B 51 36.29 32.10 -10.13
CA VAL B 51 36.91 33.16 -9.35
C VAL B 51 35.97 33.75 -8.31
N ALA B 52 34.72 34.05 -8.68
CA ALA B 52 33.82 34.71 -7.75
C ALA B 52 32.37 34.45 -8.16
N SER B 53 31.45 34.86 -7.29
CA SER B 53 30.03 34.70 -7.51
C SER B 53 29.28 35.72 -6.66
N ILE B 54 28.02 35.97 -7.03
CA ILE B 54 27.19 36.93 -6.32
C ILE B 54 25.72 36.53 -6.48
N SER B 55 24.95 36.73 -5.41
CA SER B 55 23.50 36.57 -5.44
C SER B 55 22.89 37.92 -5.11
N SER B 56 22.31 38.57 -6.12
CA SER B 56 21.86 39.96 -5.95
C SER B 56 20.67 40.06 -5.01
N SER B 57 19.85 39.02 -4.91
CA SER B 57 18.65 39.10 -4.08
C SER B 57 19.00 39.30 -2.61
N SER B 58 20.02 38.58 -2.12
CA SER B 58 20.41 38.66 -0.73
C SER B 58 21.80 39.24 -0.52
N GLY B 59 22.56 39.51 -1.57
CA GLY B 59 23.90 40.06 -1.41
C GLY B 59 24.87 39.12 -0.73
N SER B 60 24.82 37.83 -1.07
CA SER B 60 25.72 36.84 -0.50
C SER B 60 26.76 36.47 -1.55
N THR B 61 28.04 36.63 -1.20
CA THR B 61 29.14 36.43 -2.11
C THR B 61 29.83 35.10 -1.84
N SER B 62 30.66 34.69 -2.81
CA SER B 62 31.49 33.50 -2.66
C SER B 62 32.72 33.67 -3.55
N TYR B 63 33.90 33.55 -2.95
CA TYR B 63 35.15 33.74 -3.66
C TYR B 63 35.98 32.46 -3.62
N ALA B 64 36.76 32.24 -4.67
CA ALA B 64 37.70 31.14 -4.69
C ALA B 64 38.85 31.42 -3.74
N ASP B 65 39.51 30.34 -3.31
CA ASP B 65 40.63 30.47 -2.38
C ASP B 65 41.79 31.24 -2.98
N SER B 66 41.90 31.30 -4.31
CA SER B 66 43.00 32.00 -4.94
C SER B 66 42.83 33.52 -4.94
N VAL B 67 41.61 34.01 -4.76
CA VAL B 67 41.34 35.44 -4.82
C VAL B 67 40.61 35.90 -3.57
N LYS B 68 40.48 35.01 -2.58
CA LYS B 68 39.74 35.35 -1.37
C LYS B 68 40.42 36.48 -0.62
N GLY B 69 39.63 37.50 -0.26
CA GLY B 69 40.13 38.65 0.47
C GLY B 69 40.82 39.69 -0.39
N ARG B 70 41.09 39.40 -1.66
CA ARG B 70 41.76 40.32 -2.56
C ARG B 70 40.79 40.91 -3.59
N PHE B 71 39.99 40.09 -4.24
CA PHE B 71 38.97 40.56 -5.15
C PHE B 71 37.73 41.00 -4.37
N THR B 72 36.77 41.56 -5.09
CA THR B 72 35.50 41.97 -4.49
C THR B 72 34.45 42.02 -5.59
N ILE B 73 33.30 41.38 -5.34
CA ILE B 73 32.22 41.31 -6.30
C ILE B 73 30.99 41.99 -5.70
N SER B 74 30.35 42.85 -6.49
CA SER B 74 29.15 43.55 -6.07
C SER B 74 28.19 43.63 -7.25
N ALA B 75 26.91 43.64 -6.95
CA ALA B 75 25.86 43.69 -7.96
C ALA B 75 24.95 44.88 -7.69
N ASP B 76 24.68 45.67 -8.72
CA ASP B 76 23.80 46.82 -8.64
C ASP B 76 22.51 46.47 -9.38
N THR B 77 21.44 46.21 -8.61
CA THR B 77 20.17 45.86 -9.22
C THR B 77 19.53 47.04 -9.93
N SER B 78 19.85 48.27 -9.52
CA SER B 78 19.22 49.44 -10.10
C SER B 78 19.56 49.57 -11.59
N LYS B 79 20.85 49.49 -11.92
CA LYS B 79 21.29 49.55 -13.31
C LYS B 79 21.41 48.16 -13.95
N ASN B 80 21.06 47.10 -13.23
CA ASN B 80 21.10 45.73 -13.75
C ASN B 80 22.51 45.38 -14.24
N THR B 81 23.46 45.43 -13.31
CA THR B 81 24.86 45.19 -13.63
C THR B 81 25.57 44.66 -12.39
N ALA B 82 26.47 43.70 -12.60
CA ALA B 82 27.30 43.14 -11.54
C ALA B 82 28.74 43.55 -11.75
N TYR B 83 29.37 44.09 -10.72
CA TYR B 83 30.71 44.64 -10.80
C TYR B 83 31.70 43.77 -10.04
N LEU B 84 32.87 43.56 -10.63
CA LEU B 84 33.98 42.86 -9.99
C LEU B 84 35.12 43.83 -9.79
N GLN B 85 35.59 43.96 -8.57
CA GLN B 85 36.71 44.85 -8.23
C GLN B 85 37.93 44.00 -7.91
N MET B 86 39.01 44.24 -8.62
CA MET B 86 40.24 43.45 -8.51
C MET B 86 41.37 44.33 -7.98
N ASN B 87 41.45 44.44 -6.66
CA ASN B 87 42.56 45.15 -6.04
C ASN B 87 43.77 44.23 -5.91
N SER B 88 44.94 44.84 -5.75
CA SER B 88 46.20 44.11 -5.55
C SER B 88 46.40 43.06 -6.64
N LEU B 89 46.13 43.44 -7.88
CA LEU B 89 46.21 42.50 -8.99
C LEU B 89 47.64 42.05 -9.22
N ARG B 90 47.84 40.74 -9.30
CA ARG B 90 49.17 40.15 -9.36
C ARG B 90 49.48 39.73 -10.80
N ALA B 91 50.61 39.03 -10.97
CA ALA B 91 51.12 38.76 -12.31
C ALA B 91 50.31 37.69 -13.03
N GLU B 92 49.95 36.61 -12.34
CA GLU B 92 49.29 35.48 -13.00
C GLU B 92 47.81 35.70 -13.24
N ASP B 93 47.25 36.80 -12.73
CA ASP B 93 45.83 37.08 -12.93
C ASP B 93 45.50 37.46 -14.36
N THR B 94 46.50 37.69 -15.21
CA THR B 94 46.27 37.98 -16.62
C THR B 94 45.49 36.85 -17.29
N ALA B 95 44.27 37.14 -17.70
CA ALA B 95 43.38 36.13 -18.26
C ALA B 95 42.16 36.83 -18.86
N VAL B 96 41.36 36.05 -19.57
CA VAL B 96 40.07 36.51 -20.08
C VAL B 96 39.00 36.15 -19.07
N TYR B 97 38.17 37.13 -18.70
CA TYR B 97 37.17 36.96 -17.65
C TYR B 97 35.79 36.84 -18.28
N TYR B 98 35.08 35.76 -17.97
CA TYR B 98 33.73 35.54 -18.44
C TYR B 98 32.74 35.78 -17.31
N CYS B 99 31.60 36.36 -17.65
CA CYS B 99 30.51 36.58 -16.70
C CYS B 99 29.34 35.70 -17.12
N ALA B 100 28.90 34.83 -16.20
CA ALA B 100 27.88 33.85 -16.49
C ALA B 100 26.74 33.96 -15.50
N ARG B 101 25.54 33.65 -15.98
CA ARG B 101 24.33 33.67 -15.17
C ARG B 101 23.90 32.23 -14.93
N SER B 102 23.80 31.85 -13.65
CA SER B 102 23.54 30.47 -13.26
C SER B 102 22.16 30.34 -12.64
N TYR B 103 21.60 29.14 -12.75
CA TYR B 103 20.29 28.82 -12.18
C TYR B 103 20.43 27.60 -11.28
N TRP B 104 19.76 27.64 -10.13
CA TRP B 104 19.77 26.52 -9.20
C TRP B 104 18.82 25.43 -9.69
N TYR B 105 19.28 24.19 -9.62
CA TYR B 105 18.42 23.05 -9.87
C TYR B 105 18.44 22.12 -8.65
N TYR B 106 17.52 21.18 -8.63
CA TYR B 106 17.26 20.34 -7.47
C TYR B 106 17.62 18.89 -7.80
N ILE B 107 18.39 18.27 -6.91
CA ILE B 107 18.78 16.87 -7.04
C ILE B 107 18.13 16.02 -5.95
N TRP B 108 18.43 16.32 -4.69
CA TRP B 108 17.77 15.72 -3.55
C TRP B 108 17.34 16.82 -2.61
N SER B 109 16.61 16.45 -1.55
CA SER B 109 16.10 17.43 -0.62
C SER B 109 17.21 18.15 0.14
N TYR B 110 18.43 17.60 0.12
CA TYR B 110 19.55 18.21 0.82
C TYR B 110 20.61 18.79 -0.12
N SER B 111 20.60 18.43 -1.39
CA SER B 111 21.63 18.83 -2.33
C SER B 111 21.04 19.64 -3.47
N TYR B 112 21.67 20.76 -3.78
CA TYR B 112 21.33 21.58 -4.93
C TYR B 112 22.58 21.88 -5.73
N GLY B 113 22.39 22.18 -7.01
CA GLY B 113 23.48 22.55 -7.87
C GLY B 113 23.08 23.68 -8.79
N ASN B 114 24.09 24.39 -9.28
CA ASN B 114 23.88 25.53 -10.16
C ASN B 114 24.59 25.31 -11.48
N ALA B 115 23.96 25.73 -12.57
CA ALA B 115 24.49 25.57 -13.92
C ALA B 115 24.39 26.89 -14.66
N MET B 116 25.42 27.21 -15.44
CA MET B 116 25.54 28.51 -16.08
C MET B 116 24.98 28.45 -17.50
N ASP B 117 23.79 29.04 -17.70
CA ASP B 117 23.16 29.02 -19.01
C ASP B 117 23.91 29.88 -20.01
N TYR B 118 23.99 31.18 -19.73
CA TYR B 118 24.47 32.16 -20.69
C TYR B 118 25.76 32.80 -20.21
N TRP B 119 26.74 32.88 -21.10
CA TRP B 119 28.04 33.46 -20.80
C TRP B 119 28.24 34.73 -21.61
N GLY B 120 29.05 35.64 -21.08
CA GLY B 120 29.39 36.86 -21.78
C GLY B 120 30.44 36.65 -22.83
N GLN B 121 30.74 37.73 -23.56
CA GLN B 121 31.77 37.66 -24.59
C GLN B 121 33.15 37.41 -23.98
N GLY B 122 33.44 38.03 -22.83
CA GLY B 122 34.72 37.86 -22.19
C GLY B 122 35.71 38.94 -22.55
N THR B 123 36.23 39.64 -21.55
CA THR B 123 37.20 40.70 -21.73
C THR B 123 38.56 40.26 -21.21
N LEU B 124 39.60 40.57 -21.97
CA LEU B 124 40.95 40.14 -21.64
C LEU B 124 41.62 41.17 -20.74
N VAL B 125 42.17 40.70 -19.63
CA VAL B 125 42.91 41.53 -18.68
C VAL B 125 44.37 41.10 -18.73
N THR B 126 45.25 42.04 -19.03
CA THR B 126 46.68 41.77 -19.14
C THR B 126 47.44 42.55 -18.09
N VAL B 127 48.28 41.85 -17.33
CA VAL B 127 49.13 42.46 -16.31
C VAL B 127 50.57 42.13 -16.66
N SER B 128 51.32 43.16 -17.05
CA SER B 128 52.73 43.00 -17.41
C SER B 128 53.35 44.39 -17.49
N SER B 129 54.66 44.42 -17.69
CA SER B 129 55.43 45.66 -17.82
C SER B 129 55.17 46.63 -16.69
N THR C 38 23.89 4.94 42.05
CA THR C 38 25.22 4.71 41.50
C THR C 38 25.29 5.13 40.03
N LEU C 39 26.50 5.40 39.56
CA LEU C 39 26.74 5.81 38.18
C LEU C 39 27.49 4.71 37.46
N VAL C 40 26.93 4.23 36.35
CA VAL C 40 27.52 3.15 35.57
C VAL C 40 27.62 3.60 34.12
N TYR C 41 28.78 3.33 33.50
CA TYR C 41 29.01 3.66 32.10
C TYR C 41 28.56 2.50 31.23
N THR C 42 27.75 2.80 30.22
CA THR C 42 27.15 1.77 29.37
C THR C 42 27.89 1.56 28.06
N GLY C 43 28.57 2.57 27.54
CA GLY C 43 29.21 2.48 26.26
C GLY C 43 30.41 1.53 26.26
N LYS C 44 31.12 1.54 25.14
CA LYS C 44 32.24 0.64 24.93
C LYS C 44 33.55 1.35 24.63
N TYR C 45 33.56 2.69 24.57
CA TYR C 45 34.79 3.45 24.38
C TYR C 45 35.33 3.82 25.75
N ARG C 46 36.36 3.10 26.19
CA ARG C 46 36.92 3.25 27.53
C ARG C 46 38.44 3.30 27.47
N GLU C 47 38.98 4.13 26.56
CA GLU C 47 40.41 4.21 26.37
C GLU C 47 40.96 5.63 26.29
N ASP C 48 40.11 6.65 26.17
CA ASP C 48 40.57 8.02 26.02
C ASP C 48 39.88 8.92 27.04
N PHE C 49 40.62 9.91 27.54
CA PHE C 49 40.07 10.90 28.45
C PHE C 49 40.90 12.16 28.36
N GLU C 50 40.21 13.31 28.34
CA GLU C 50 40.86 14.61 28.25
C GLU C 50 39.80 15.68 28.47
N ILE C 51 40.23 16.79 29.08
CA ILE C 51 39.37 17.96 29.30
C ILE C 51 39.90 19.11 28.47
N GLU C 52 39.02 19.76 27.71
CA GLU C 52 39.40 20.89 26.87
C GLU C 52 38.57 22.10 27.25
N VAL C 53 39.24 23.21 27.54
CA VAL C 53 38.57 24.43 28.00
C VAL C 53 38.84 25.55 27.02
N MET C 54 37.78 26.23 26.61
CA MET C 54 37.85 27.39 25.71
C MET C 54 37.02 28.51 26.34
N ASN C 55 37.68 29.48 26.96
CA ASN C 55 37.00 30.63 27.54
C ASN C 55 37.31 31.84 26.67
N TYR C 56 36.29 32.32 25.95
CA TYR C 56 36.47 33.37 24.97
C TYR C 56 35.59 34.57 25.32
N SER C 57 36.14 35.76 25.12
CA SER C 57 35.43 37.01 25.27
C SER C 57 35.49 37.77 23.94
N ILE C 58 35.04 39.01 23.95
CA ILE C 58 35.06 39.82 22.73
C ILE C 58 36.49 40.09 22.30
N GLU C 59 37.40 40.27 23.25
CA GLU C 59 38.77 40.65 22.95
C GLU C 59 39.83 39.66 23.43
N GLU C 60 39.46 38.67 24.26
CA GLU C 60 40.43 37.73 24.79
C GLU C 60 39.91 36.30 24.65
N PHE C 61 40.83 35.37 24.49
CA PHE C 61 40.51 33.95 24.42
C PHE C 61 41.60 33.16 25.13
N ARG C 62 41.19 32.11 25.84
CA ARG C 62 42.10 31.21 26.54
C ARG C 62 41.66 29.78 26.28
N GLU C 63 42.49 29.02 25.58
CA GLU C 63 42.21 27.63 25.27
C GLU C 63 43.31 26.76 25.87
N PHE C 64 42.93 25.67 26.52
CA PHE C 64 43.93 24.76 27.07
C PHE C 64 43.34 23.37 27.22
N LYS C 65 44.23 22.41 27.46
CA LYS C 65 43.88 21.01 27.62
C LYS C 65 44.44 20.53 28.95
N THR C 66 43.56 20.06 29.83
CA THR C 66 43.93 19.61 31.16
C THR C 66 43.17 18.34 31.50
N THR C 67 43.70 17.58 32.46
CA THR C 67 43.09 16.36 32.94
C THR C 67 42.70 16.44 34.41
N ASP C 68 42.60 17.64 34.96
CA ASP C 68 42.24 17.84 36.36
C ASP C 68 40.87 18.50 36.43
N VAL C 69 39.92 17.82 37.11
CA VAL C 69 38.57 18.35 37.21
C VAL C 69 38.53 19.58 38.11
N GLU C 70 39.34 19.60 39.18
CA GLU C 70 39.28 20.69 40.14
C GLU C 70 39.78 22.01 39.57
N SER C 71 40.60 21.98 38.52
CA SER C 71 41.14 23.22 37.96
C SER C 71 40.12 23.95 37.12
N VAL C 72 39.17 23.23 36.51
CA VAL C 72 38.21 23.85 35.59
C VAL C 72 36.92 24.25 36.28
N LEU C 73 36.75 23.92 37.56
CA LEU C 73 35.51 24.21 38.26
C LEU C 73 35.20 25.71 38.37
N PRO C 74 36.15 26.58 38.77
CA PRO C 74 35.77 27.99 38.99
C PRO C 74 35.46 28.77 37.73
N PHE C 75 35.43 28.09 36.57
CA PHE C 75 35.15 28.78 35.32
C PHE C 75 33.73 29.34 35.24
N ARG C 76 32.84 28.92 36.15
CA ARG C 76 31.54 29.55 36.24
C ARG C 76 31.64 31.01 36.65
N ASP C 77 32.73 31.41 37.29
CA ASP C 77 32.89 32.79 37.74
C ASP C 77 32.97 33.76 36.55
N SER C 78 33.50 33.30 35.42
CA SER C 78 33.66 34.17 34.26
C SER C 78 32.29 34.50 33.68
N SER C 79 31.93 35.79 33.68
CA SER C 79 30.69 36.22 33.05
C SER C 79 30.71 35.97 31.55
N THR C 80 31.89 36.01 30.94
CA THR C 80 32.01 35.69 29.53
C THR C 80 31.73 34.20 29.30
N PRO C 81 31.19 33.84 28.14
CA PRO C 81 30.86 32.43 27.89
C PRO C 81 32.10 31.55 27.89
N THR C 82 31.90 30.30 28.31
CA THR C 82 32.99 29.31 28.37
C THR C 82 32.48 28.00 27.79
N TRP C 83 33.43 27.19 27.32
CA TRP C 83 33.13 25.92 26.66
C TRP C 83 34.03 24.85 27.26
N ILE C 84 33.43 23.92 28.01
CA ILE C 84 34.15 22.82 28.64
C ILE C 84 33.78 21.54 27.93
N ASN C 85 34.78 20.79 27.48
CA ASN C 85 34.61 19.55 26.74
C ASN C 85 35.22 18.42 27.55
N ILE C 86 34.40 17.43 27.89
CA ILE C 86 34.85 16.23 28.58
C ILE C 86 34.87 15.12 27.54
N THR C 87 36.05 14.63 27.20
CA THR C 87 36.18 13.65 26.13
C THR C 87 35.98 12.23 26.61
N GLY C 88 36.40 11.90 27.83
CA GLY C 88 36.27 10.55 28.33
C GLY C 88 35.15 10.39 29.34
N ILE C 89 34.20 9.52 29.03
CA ILE C 89 33.09 9.25 29.93
C ILE C 89 33.40 8.07 30.86
N HIS C 90 34.24 7.13 30.42
CA HIS C 90 34.55 5.96 31.22
C HIS C 90 35.16 6.32 32.57
N ARG C 91 35.78 7.50 32.69
CA ARG C 91 36.22 8.02 33.98
C ARG C 91 35.03 8.71 34.60
N THR C 92 34.24 7.94 35.36
CA THR C 92 33.00 8.46 35.92
C THR C 92 33.23 9.48 37.02
N ASP C 93 34.42 9.47 37.65
CA ASP C 93 34.68 10.39 38.73
C ASP C 93 34.63 11.85 38.28
N VAL C 94 35.17 12.14 37.09
CA VAL C 94 35.22 13.52 36.62
C VAL C 94 33.81 14.04 36.34
N VAL C 95 32.96 13.23 35.70
CA VAL C 95 31.60 13.68 35.40
C VAL C 95 30.79 13.79 36.68
N GLN C 96 31.03 12.89 37.64
CA GLN C 96 30.34 12.97 38.93
C GLN C 96 30.70 14.26 39.63
N ARG C 97 31.99 14.60 39.67
CA ARG C 97 32.43 15.82 40.32
C ARG C 97 31.91 17.06 39.60
N VAL C 98 31.88 17.04 38.27
CA VAL C 98 31.36 18.17 37.51
C VAL C 98 29.88 18.37 37.81
N GLY C 99 29.12 17.27 37.84
CA GLY C 99 27.71 17.39 38.21
C GLY C 99 27.53 17.90 39.63
N GLU C 100 28.39 17.47 40.55
CA GLU C 100 28.31 17.94 41.92
C GLU C 100 28.56 19.45 42.01
N PHE C 101 29.58 19.94 41.30
CA PHE C 101 29.92 21.35 41.41
C PHE C 101 28.92 22.22 40.66
N PHE C 102 28.50 21.80 39.46
CA PHE C 102 27.52 22.56 38.69
C PHE C 102 26.10 22.34 39.17
N GLY C 103 25.86 21.35 40.03
CA GLY C 103 24.54 21.14 40.60
C GLY C 103 23.50 20.66 39.62
N ILE C 104 23.66 19.43 39.11
CA ILE C 104 22.71 18.85 38.18
C ILE C 104 22.17 17.57 38.79
N HIS C 105 20.85 17.38 38.67
CA HIS C 105 20.17 16.28 39.34
C HIS C 105 20.60 14.94 38.74
N PRO C 106 20.94 13.95 39.55
CA PRO C 106 21.67 12.76 39.04
C PRO C 106 20.98 11.99 37.94
N LEU C 107 19.68 12.22 37.70
CA LEU C 107 19.02 11.56 36.58
C LEU C 107 19.68 11.96 35.26
N VAL C 108 20.13 13.21 35.15
CA VAL C 108 20.84 13.60 33.94
C VAL C 108 22.18 12.89 33.85
N LEU C 109 22.81 12.59 34.99
CA LEU C 109 24.02 11.77 34.95
C LEU C 109 23.73 10.38 34.40
N GLU C 110 22.64 9.77 34.86
CA GLU C 110 22.25 8.46 34.34
C GLU C 110 21.98 8.53 32.83
N ASP C 111 21.30 9.59 32.39
CA ASP C 111 21.02 9.74 30.97
C ASP C 111 22.29 9.94 30.15
N ILE C 112 23.25 10.70 30.69
CA ILE C 112 24.52 10.90 30.00
C ILE C 112 25.26 9.58 29.86
N LEU C 113 25.33 8.82 30.95
CA LEU C 113 26.04 7.54 30.90
C LEU C 113 25.27 6.46 30.16
N ASN C 114 23.98 6.67 29.88
CA ASN C 114 23.18 5.72 29.10
C ASN C 114 23.39 6.02 27.63
N VAL C 115 24.36 5.32 27.03
CA VAL C 115 24.77 5.61 25.66
C VAL C 115 23.66 5.25 24.68
N HIS C 116 23.08 4.06 24.83
CA HIS C 116 22.03 3.62 23.92
C HIS C 116 20.77 4.43 24.20
N GLN C 117 20.53 5.43 23.36
CA GLN C 117 19.42 6.37 23.58
C GLN C 117 19.09 7.02 22.25
N ARG C 118 18.24 8.03 22.29
CA ARG C 118 17.86 8.85 21.16
C ARG C 118 18.03 10.31 21.54
N PRO C 119 18.19 11.20 20.57
CA PRO C 119 18.31 12.63 20.89
C PRO C 119 17.11 13.12 21.68
N LYS C 120 17.38 13.91 22.71
CA LYS C 120 16.31 14.35 23.60
C LYS C 120 16.69 15.67 24.24
N VAL C 121 15.67 16.39 24.71
CA VAL C 121 15.85 17.69 25.36
C VAL C 121 15.10 17.70 26.67
N GLU C 122 15.75 18.19 27.72
CA GLU C 122 15.15 18.35 29.03
C GLU C 122 15.38 19.79 29.49
N PHE C 123 14.33 20.43 29.98
CA PHE C 123 14.37 21.82 30.41
C PHE C 123 14.28 21.91 31.93
N PHE C 124 15.10 22.77 32.50
CA PHE C 124 15.11 23.00 33.94
C PHE C 124 15.25 24.48 34.20
N GLU C 125 14.93 24.88 35.44
CA GLU C 125 15.06 26.29 35.83
C GLU C 125 16.50 26.75 35.87
N ASN C 126 17.45 25.82 35.91
CA ASN C 126 18.87 26.14 35.99
C ASN C 126 19.63 25.92 34.68
N TYR C 127 19.36 24.83 33.98
CA TYR C 127 20.17 24.46 32.84
C TYR C 127 19.32 23.68 31.83
N VAL C 128 19.83 23.57 30.61
CA VAL C 128 19.17 22.84 29.54
C VAL C 128 20.02 21.63 29.18
N PHE C 129 19.41 20.46 29.14
CA PHE C 129 20.11 19.20 28.88
C PHE C 129 19.71 18.69 27.51
N ILE C 130 20.71 18.35 26.68
CA ILE C 130 20.47 17.90 25.32
C ILE C 130 21.32 16.66 25.07
N VAL C 131 20.72 15.64 24.45
CA VAL C 131 21.42 14.43 24.04
C VAL C 131 21.32 14.32 22.52
N LEU C 132 22.47 14.26 21.86
CA LEU C 132 22.54 14.17 20.41
C LEU C 132 23.43 13.00 20.04
N LYS C 133 23.46 12.66 18.75
CA LYS C 133 24.28 11.55 18.27
C LYS C 133 25.10 12.00 17.07
N MET C 134 26.40 11.80 17.15
CA MET C 134 27.29 11.96 16.01
C MET C 134 27.40 10.64 15.25
N PHE C 135 27.74 10.73 13.98
CA PHE C 135 27.79 9.57 13.11
C PHE C 135 29.11 9.52 12.36
N THR C 136 29.55 8.30 12.06
CA THR C 136 30.79 8.07 11.33
C THR C 136 30.52 7.03 10.25
N TYR C 137 30.91 7.35 9.01
CA TYR C 137 30.71 6.46 7.88
C TYR C 137 31.99 6.37 7.07
N ASP C 138 32.38 5.16 6.70
CA ASP C 138 33.54 4.91 5.86
C ASP C 138 33.13 4.09 4.64
N LYS C 139 33.61 4.52 3.46
CA LYS C 139 33.14 3.95 2.21
C LYS C 139 33.56 2.49 2.06
N ASN C 140 34.79 2.16 2.45
CA ASN C 140 35.33 0.81 2.25
C ASN C 140 34.49 -0.24 2.96
N LEU C 141 34.44 -0.19 4.29
CA LEU C 141 33.60 -1.07 5.07
C LEU C 141 32.25 -0.39 5.26
N HIS C 142 31.23 -0.86 4.53
CA HIS C 142 29.96 -0.17 4.48
C HIS C 142 29.20 -0.33 5.79
N GLU C 143 29.66 0.31 6.85
CA GLU C 143 29.02 0.20 8.15
C GLU C 143 28.94 1.59 8.78
N LEU C 144 27.94 1.76 9.66
CA LEU C 144 27.69 3.02 10.33
C LEU C 144 27.83 2.83 11.83
N GLU C 145 28.55 3.74 12.48
CA GLU C 145 28.70 3.72 13.93
C GLU C 145 28.44 5.12 14.49
N SER C 146 27.81 5.17 15.65
CA SER C 146 27.39 6.43 16.27
C SER C 146 28.24 6.71 17.51
N GLU C 147 28.01 7.89 18.09
CA GLU C 147 28.70 8.29 19.31
C GLU C 147 27.84 9.34 20.01
N GLN C 148 27.24 8.94 21.13
CA GLN C 148 26.36 9.85 21.86
C GLN C 148 27.16 11.01 22.44
N VAL C 149 26.61 12.22 22.30
CA VAL C 149 27.24 13.43 22.79
C VAL C 149 26.22 14.21 23.61
N SER C 150 26.60 14.60 24.82
CA SER C 150 25.71 15.30 25.73
C SER C 150 26.12 16.77 25.84
N LEU C 151 25.13 17.66 25.91
CA LEU C 151 25.37 19.08 26.10
C LEU C 151 24.53 19.59 27.27
N ILE C 152 25.14 20.43 28.10
CA ILE C 152 24.48 21.05 29.24
C ILE C 152 24.73 22.55 29.16
N LEU C 153 23.66 23.32 29.05
CA LEU C 153 23.73 24.77 28.95
C LEU C 153 23.34 25.37 30.30
N THR C 154 24.34 25.91 31.02
CA THR C 154 24.12 26.64 32.26
C THR C 154 24.41 28.11 32.02
N LYS C 155 24.14 28.91 33.06
CA LYS C 155 24.30 30.36 32.97
C LYS C 155 25.71 30.74 32.51
N ASN C 156 25.80 31.28 31.29
CA ASN C 156 27.07 31.71 30.69
C ASN C 156 28.08 30.56 30.68
N CYS C 157 27.61 29.36 30.36
CA CYS C 157 28.51 28.21 30.31
C CYS C 157 27.86 27.08 29.52
N VAL C 158 28.69 26.32 28.81
CA VAL C 158 28.26 25.13 28.10
C VAL C 158 29.26 24.01 28.39
N LEU C 159 28.73 22.83 28.70
CA LEU C 159 29.55 21.63 28.90
C LEU C 159 29.16 20.60 27.85
N MET C 160 30.15 19.97 27.24
CA MET C 160 29.87 18.90 26.28
C MET C 160 30.66 17.66 26.67
N PHE C 161 29.94 16.55 26.83
CA PHE C 161 30.54 15.25 27.13
C PHE C 161 30.53 14.41 25.87
N GLN C 162 31.73 14.11 25.37
CA GLN C 162 31.96 13.25 24.23
C GLN C 162 32.28 11.83 24.70
N GLU C 163 32.73 10.99 23.78
CA GLU C 163 33.07 9.61 24.10
C GLU C 163 34.49 9.21 23.70
N LYS C 164 35.10 9.91 22.75
CA LYS C 164 36.44 9.55 22.27
C LYS C 164 37.06 10.75 21.57
N ILE C 165 38.36 10.64 21.28
CA ILE C 165 39.06 11.70 20.57
C ILE C 165 38.46 11.89 19.19
N GLY C 166 38.21 13.14 18.83
CA GLY C 166 37.67 13.46 17.52
C GLY C 166 36.20 13.81 17.55
N ASP C 167 35.82 14.89 16.86
CA ASP C 167 34.44 15.34 16.80
C ASP C 167 34.25 16.13 15.51
N VAL C 168 33.10 16.79 15.39
CA VAL C 168 32.74 17.54 14.21
C VAL C 168 32.65 19.04 14.48
N PHE C 169 33.16 19.48 15.62
CA PHE C 169 33.07 20.88 16.03
C PHE C 169 34.35 21.66 15.74
N ASP C 170 35.23 21.12 14.90
CA ASP C 170 36.45 21.83 14.53
C ASP C 170 36.19 23.19 13.89
N PRO C 171 35.24 23.36 12.96
CA PRO C 171 34.97 24.72 12.45
C PRO C 171 34.56 25.69 13.54
N VAL C 172 33.81 25.23 14.54
CA VAL C 172 33.45 26.10 15.65
C VAL C 172 34.69 26.52 16.43
N ARG C 173 35.61 25.58 16.66
CA ARG C 173 36.86 25.90 17.33
C ARG C 173 37.66 26.93 16.53
N GLU C 174 37.73 26.76 15.22
CA GLU C 174 38.46 27.72 14.39
C GLU C 174 37.80 29.09 14.43
N ARG C 175 36.47 29.14 14.38
CA ARG C 175 35.78 30.43 14.45
C ARG C 175 36.03 31.13 15.77
N ILE C 176 36.00 30.37 16.88
CA ILE C 176 36.28 30.95 18.18
C ILE C 176 37.73 31.44 18.26
N ARG C 177 38.66 30.63 17.76
CA ARG C 177 40.08 30.93 17.94
C ARG C 177 40.52 32.12 17.09
N TYR C 178 40.13 32.14 15.82
CA TYR C 178 40.63 33.13 14.88
C TYR C 178 39.68 34.31 14.69
N ASN C 179 38.58 34.36 15.45
CA ASN C 179 37.62 35.47 15.40
C ASN C 179 37.10 35.68 13.99
N ARG C 180 36.43 34.65 13.46
CA ARG C 180 35.91 34.70 12.10
C ARG C 180 34.50 35.29 12.06
N GLY C 181 33.57 34.68 12.79
CA GLY C 181 32.19 35.12 12.82
C GLY C 181 31.88 36.03 13.99
N ILE C 182 30.63 36.03 14.40
CA ILE C 182 30.17 36.85 15.52
C ILE C 182 30.02 36.00 16.80
N ILE C 183 30.69 34.85 16.87
CA ILE C 183 30.52 33.97 18.00
C ILE C 183 31.07 34.60 19.28
N ARG C 184 32.18 35.35 19.16
CA ARG C 184 32.76 35.98 20.34
C ARG C 184 31.83 37.02 20.94
N LYS C 185 31.16 37.81 20.10
CA LYS C 185 30.30 38.88 20.57
C LYS C 185 29.03 38.37 21.25
N LYS C 186 28.73 37.09 21.16
CA LYS C 186 27.52 36.53 21.73
C LYS C 186 27.84 35.63 22.92
N ARG C 187 26.78 35.17 23.59
CA ARG C 187 26.90 34.40 24.82
C ARG C 187 26.94 32.91 24.51
N ALA C 188 26.81 32.08 25.54
CA ALA C 188 26.95 30.64 25.39
C ALA C 188 25.78 30.00 24.63
N ASP C 189 24.63 30.68 24.57
CA ASP C 189 23.53 30.16 23.77
C ASP C 189 23.90 30.09 22.31
N TYR C 190 24.58 31.12 21.80
CA TYR C 190 25.07 31.07 20.42
C TYR C 190 26.13 29.99 20.25
N LEU C 191 26.89 29.69 21.32
CA LEU C 191 27.85 28.59 21.25
C LEU C 191 27.14 27.25 21.10
N LEU C 192 26.04 27.06 21.84
CA LEU C 192 25.22 25.86 21.67
C LEU C 192 24.65 25.80 20.25
N TYR C 193 24.20 26.94 19.74
CA TYR C 193 23.77 27.03 18.35
C TYR C 193 24.84 26.56 17.39
N SER C 194 26.06 27.06 17.55
CA SER C 194 27.14 26.70 16.63
C SER C 194 27.45 25.21 16.71
N LEU C 195 27.43 24.64 17.93
CA LEU C 195 27.67 23.22 18.07
C LEU C 195 26.62 22.39 17.35
N ILE C 196 25.34 22.74 17.53
CA ILE C 196 24.28 22.00 16.86
C ILE C 196 24.36 22.16 15.35
N ASP C 197 24.71 23.36 14.88
CA ASP C 197 24.84 23.59 13.45
C ASP C 197 25.97 22.76 12.86
N ALA C 198 27.10 22.66 13.57
CA ALA C 198 28.19 21.82 13.11
C ALA C 198 27.77 20.36 13.05
N LEU C 199 27.02 19.90 14.05
CA LEU C 199 26.51 18.53 14.02
C LEU C 199 25.62 18.29 12.81
N VAL C 200 24.76 19.25 12.50
CA VAL C 200 23.86 19.10 11.35
C VAL C 200 24.64 19.09 10.04
N ASP C 201 25.70 19.90 9.96
CA ASP C 201 26.55 19.86 8.76
C ASP C 201 27.23 18.51 8.62
N ASP C 202 27.67 17.93 9.73
CA ASP C 202 28.20 16.56 9.67
C ASP C 202 27.14 15.58 9.18
N TYR C 203 25.88 15.78 9.61
CA TYR C 203 24.80 14.94 9.11
C TYR C 203 24.65 15.07 7.60
N PHE C 204 24.79 16.30 7.09
CA PHE C 204 24.74 16.52 5.64
C PHE C 204 25.87 15.77 4.92
N VAL C 205 27.07 15.81 5.49
CA VAL C 205 28.20 15.08 4.89
C VAL C 205 27.91 13.58 4.86
N LEU C 206 27.38 13.05 5.97
CA LEU C 206 27.02 11.64 6.01
C LEU C 206 25.96 11.32 4.96
N LEU C 207 25.00 12.22 4.76
CA LEU C 207 23.98 12.01 3.75
C LEU C 207 24.59 11.99 2.36
N GLU C 208 25.60 12.83 2.11
CA GLU C 208 26.30 12.78 0.83
C GLU C 208 26.96 11.43 0.61
N LYS C 209 27.62 10.91 1.66
CA LYS C 209 28.25 9.60 1.55
C LYS C 209 27.21 8.50 1.25
N ILE C 210 26.07 8.55 1.94
CA ILE C 210 25.03 7.55 1.70
C ILE C 210 24.44 7.70 0.30
N ASP C 211 24.35 8.94 -0.20
CA ASP C 211 23.88 9.14 -1.57
C ASP C 211 24.82 8.49 -2.58
N ASP C 212 26.12 8.66 -2.38
CA ASP C 212 27.07 7.99 -3.27
C ASP C 212 26.92 6.47 -3.18
N GLU C 213 26.75 5.95 -1.97
CA GLU C 213 26.58 4.51 -1.79
C GLU C 213 25.36 4.00 -2.53
N ILE C 214 24.23 4.71 -2.42
CA ILE C 214 23.00 4.29 -3.07
C ILE C 214 23.14 4.38 -4.59
N ASP C 215 23.82 5.42 -5.09
CA ASP C 215 24.00 5.54 -6.53
C ASP C 215 24.84 4.40 -7.07
N VAL C 216 25.86 3.97 -6.34
CA VAL C 216 26.63 2.80 -6.76
C VAL C 216 25.76 1.55 -6.71
N LEU C 217 25.03 1.37 -5.61
CA LEU C 217 24.27 0.13 -5.38
C LEU C 217 23.15 -0.03 -6.39
N GLU C 218 22.55 1.07 -6.87
CA GLU C 218 21.47 0.96 -7.85
C GLU C 218 21.94 0.20 -9.08
N GLU C 219 23.04 0.64 -9.68
CA GLU C 219 23.59 -0.06 -10.84
C GLU C 219 24.11 -1.44 -10.45
N GLU C 220 24.76 -1.55 -9.29
CA GLU C 220 25.34 -2.83 -8.89
C GLU C 220 24.29 -3.91 -8.76
N VAL C 221 23.06 -3.54 -8.39
CA VAL C 221 21.99 -4.53 -8.23
C VAL C 221 21.09 -4.61 -9.46
N LEU C 222 21.03 -3.58 -10.29
CA LEU C 222 20.25 -3.64 -11.52
C LEU C 222 21.04 -4.21 -12.69
N GLU C 223 22.33 -4.49 -12.51
CA GLU C 223 23.13 -5.13 -13.54
C GLU C 223 23.59 -6.53 -13.15
N ARG C 224 24.17 -6.68 -11.97
CA ARG C 224 24.75 -7.94 -11.51
C ARG C 224 24.24 -8.22 -10.10
N PRO C 225 23.01 -8.75 -9.98
CA PRO C 225 22.52 -9.15 -8.65
C PRO C 225 23.25 -10.38 -8.14
N GLU C 226 23.42 -10.44 -6.82
CA GLU C 226 24.12 -11.55 -6.18
C GLU C 226 23.91 -11.44 -4.67
N LYS C 227 24.39 -12.46 -3.95
CA LYS C 227 24.21 -12.49 -2.50
C LYS C 227 24.93 -11.33 -1.82
N GLU C 228 26.14 -10.99 -2.30
CA GLU C 228 26.86 -9.87 -1.70
C GLU C 228 26.13 -8.55 -1.91
N THR C 229 25.57 -8.34 -3.10
CA THR C 229 24.84 -7.11 -3.38
C THR C 229 23.61 -7.00 -2.51
N VAL C 230 22.87 -8.09 -2.33
CA VAL C 230 21.67 -8.02 -1.50
C VAL C 230 22.04 -7.88 -0.02
N GLN C 231 23.18 -8.44 0.39
CA GLN C 231 23.65 -8.21 1.75
C GLN C 231 24.01 -6.74 1.97
N ARG C 232 24.64 -6.12 0.97
CA ARG C 232 24.93 -4.68 1.04
C ARG C 232 23.63 -3.88 1.09
N THR C 233 22.62 -4.31 0.32
CA THR C 233 21.33 -3.64 0.37
C THR C 233 20.70 -3.74 1.75
N HIS C 234 20.76 -4.92 2.38
CA HIS C 234 20.26 -5.08 3.73
C HIS C 234 21.00 -4.16 4.70
N GLN C 235 22.32 -4.11 4.59
CA GLN C 235 23.11 -3.27 5.48
C GLN C 235 22.76 -1.79 5.30
N LEU C 236 22.58 -1.37 4.05
CA LEU C 236 22.20 0.02 3.78
C LEU C 236 20.82 0.33 4.32
N LYS C 237 19.88 -0.63 4.19
CA LYS C 237 18.55 -0.43 4.75
C LYS C 237 18.60 -0.28 6.27
N ARG C 238 19.41 -1.11 6.94
CA ARG C 238 19.54 -0.99 8.39
C ARG C 238 20.18 0.34 8.77
N ASN C 239 21.18 0.77 8.02
CA ASN C 239 21.81 2.06 8.29
C ASN C 239 20.82 3.20 8.13
N LEU C 240 20.00 3.16 7.09
CA LEU C 240 18.99 4.20 6.88
C LEU C 240 17.94 4.18 7.99
N VAL C 241 17.56 2.98 8.45
CA VAL C 241 16.61 2.89 9.56
C VAL C 241 17.18 3.54 10.81
N GLU C 242 18.44 3.23 11.13
CA GLU C 242 19.08 3.86 12.28
C GLU C 242 19.16 5.37 12.11
N LEU C 243 19.50 5.82 10.91
CA LEU C 243 19.63 7.25 10.65
C LEU C 243 18.30 7.97 10.83
N ARG C 244 17.21 7.38 10.37
CA ARG C 244 15.90 8.02 10.56
C ARG C 244 15.49 7.99 12.03
N LYS C 245 15.75 6.88 12.72
CA LYS C 245 15.42 6.79 14.14
C LYS C 245 16.21 7.81 14.95
N THR C 246 17.38 8.21 14.45
CA THR C 246 18.15 9.27 15.11
C THR C 246 17.73 10.66 14.67
N ILE C 247 17.28 10.83 13.43
CA ILE C 247 17.03 12.17 12.92
C ILE C 247 15.66 12.70 13.35
N TRP C 248 14.65 11.83 13.50
CA TRP C 248 13.34 12.32 13.93
C TRP C 248 13.38 12.96 15.32
N PRO C 249 13.94 12.32 16.35
CA PRO C 249 14.06 13.02 17.64
C PRO C 249 14.91 14.27 17.56
N LEU C 250 15.87 14.34 16.63
CA LEU C 250 16.62 15.58 16.45
C LEU C 250 15.71 16.71 16.00
N ARG C 251 14.81 16.42 15.07
CA ARG C 251 13.83 17.42 14.65
C ARG C 251 12.95 17.83 15.82
N GLU C 252 12.52 16.87 16.64
CA GLU C 252 11.71 17.22 17.80
C GLU C 252 12.49 18.10 18.77
N VAL C 253 13.77 17.80 18.98
CA VAL C 253 14.60 18.61 19.87
C VAL C 253 14.73 20.03 19.37
N LEU C 254 14.97 20.20 18.07
CA LEU C 254 15.07 21.56 17.52
C LEU C 254 13.75 22.30 17.64
N SER C 255 12.64 21.61 17.40
CA SER C 255 11.32 22.23 17.55
C SER C 255 11.11 22.72 18.97
N SER C 256 11.42 21.87 19.95
CA SER C 256 11.30 22.27 21.35
C SER C 256 12.31 23.37 21.68
N LEU C 257 13.41 23.45 20.94
CA LEU C 257 14.41 24.46 21.24
C LEU C 257 13.96 25.85 20.81
N TYR C 258 13.35 25.97 19.62
CA TYR C 258 13.00 27.32 19.19
C TYR C 258 11.55 27.70 19.49
N ARG C 259 10.67 26.72 19.75
CA ARG C 259 9.25 27.03 19.88
C ARG C 259 8.94 27.65 21.24
N ASP C 260 9.16 26.89 22.31
CA ASP C 260 9.00 27.40 23.67
C ASP C 260 10.37 27.71 24.23
N VAL C 261 10.66 29.00 24.40
CA VAL C 261 12.01 29.47 24.69
C VAL C 261 12.17 29.58 26.21
N PRO C 262 13.15 28.91 26.80
CA PRO C 262 13.51 29.19 28.20
C PRO C 262 14.25 30.52 28.30
N PRO C 263 14.31 31.11 29.49
CA PRO C 263 15.08 32.36 29.64
C PRO C 263 16.54 32.21 29.26
N LEU C 264 17.10 31.00 29.37
CA LEU C 264 18.51 30.80 29.02
C LEU C 264 18.75 31.03 27.53
N ILE C 265 17.85 30.56 26.68
CA ILE C 265 18.05 30.67 25.23
C ILE C 265 18.03 32.13 24.80
N GLU C 266 17.05 32.89 25.29
CA GLU C 266 16.92 34.33 25.03
C GLU C 266 16.55 34.60 23.57
N LYS C 267 15.89 35.74 23.32
CA LYS C 267 15.26 35.99 22.03
C LYS C 267 16.27 36.07 20.89
N GLU C 268 17.41 36.73 21.13
CA GLU C 268 18.32 37.08 20.03
C GLU C 268 18.89 35.86 19.31
N THR C 269 18.82 34.68 19.93
CA THR C 269 19.33 33.46 19.30
C THR C 269 18.24 32.65 18.63
N VAL C 270 16.96 32.92 18.93
CA VAL C 270 15.87 32.14 18.37
C VAL C 270 15.85 32.17 16.84
N PRO C 271 16.02 33.31 16.16
CA PRO C 271 16.04 33.26 14.70
C PRO C 271 17.14 32.37 14.14
N TYR C 272 18.26 32.25 14.85
CA TYR C 272 19.28 31.30 14.43
C TYR C 272 18.82 29.86 14.64
N PHE C 273 18.29 29.54 15.82
CA PHE C 273 17.79 28.20 16.09
C PHE C 273 16.68 27.79 15.14
N ARG C 274 16.00 28.76 14.52
CA ARG C 274 14.93 28.42 13.58
C ARG C 274 15.47 27.81 12.31
N ASP C 275 16.74 28.09 11.97
CA ASP C 275 17.31 27.57 10.73
C ASP C 275 17.63 26.09 10.84
N VAL C 276 18.18 25.67 11.98
CA VAL C 276 18.58 24.28 12.16
C VAL C 276 17.39 23.34 12.07
N TYR C 277 16.20 23.82 12.48
CA TYR C 277 15.00 23.01 12.31
C TYR C 277 14.75 22.71 10.84
N ASP C 278 14.90 23.72 9.98
CA ASP C 278 14.70 23.51 8.55
C ASP C 278 15.80 22.63 7.96
N HIS C 279 17.02 22.76 8.48
CA HIS C 279 18.09 21.86 8.04
C HIS C 279 17.73 20.41 8.37
N THR C 280 17.19 20.19 9.57
CA THR C 280 16.74 18.86 9.95
C THR C 280 15.58 18.39 9.08
N ILE C 281 14.71 19.32 8.67
CA ILE C 281 13.65 18.97 7.74
C ILE C 281 14.23 18.45 6.43
N GLN C 282 15.25 19.15 5.91
CA GLN C 282 15.92 18.69 4.69
C GLN C 282 16.51 17.30 4.88
N ILE C 283 17.20 17.10 6.00
CA ILE C 283 17.84 15.81 6.26
C ILE C 283 16.79 14.69 6.34
N ALA C 284 15.69 14.96 7.03
CA ALA C 284 14.64 13.96 7.18
C ALA C 284 14.00 13.61 5.84
N ASP C 285 13.74 14.62 5.01
CA ASP C 285 13.16 14.34 3.70
C ASP C 285 14.11 13.50 2.85
N THR C 286 15.40 13.83 2.87
CA THR C 286 16.37 13.03 2.12
C THR C 286 16.42 11.60 2.63
N VAL C 287 16.38 11.43 3.95
CA VAL C 287 16.42 10.09 4.54
C VAL C 287 15.19 9.30 4.12
N GLU C 288 14.02 9.94 4.11
CA GLU C 288 12.80 9.25 3.67
C GLU C 288 12.92 8.82 2.22
N THR C 289 13.42 9.70 1.34
CA THR C 289 13.58 9.32 -0.06
C THR C 289 14.55 8.15 -0.22
N PHE C 290 15.67 8.19 0.50
CA PHE C 290 16.65 7.12 0.41
C PHE C 290 16.07 5.80 0.91
N ARG C 291 15.32 5.84 2.02
CA ARG C 291 14.72 4.63 2.55
C ARG C 291 13.72 4.04 1.58
N ASP C 292 12.91 4.90 0.94
CA ASP C 292 11.96 4.40 -0.05
C ASP C 292 12.67 3.76 -1.23
N ILE C 293 13.75 4.38 -1.71
CA ILE C 293 14.50 3.82 -2.84
C ILE C 293 15.07 2.46 -2.47
N VAL C 294 15.69 2.37 -1.29
CA VAL C 294 16.33 1.12 -0.88
C VAL C 294 15.29 0.02 -0.69
N SER C 295 14.16 0.34 -0.06
CA SER C 295 13.11 -0.65 0.14
C SER C 295 12.56 -1.14 -1.19
N GLY C 296 12.34 -0.22 -2.13
CA GLY C 296 11.87 -0.62 -3.44
C GLY C 296 12.84 -1.55 -4.15
N LEU C 297 14.13 -1.21 -4.12
CA LEU C 297 15.14 -2.03 -4.77
C LEU C 297 15.20 -3.42 -4.14
N LEU C 298 15.17 -3.47 -2.81
CA LEU C 298 15.23 -4.75 -2.11
C LEU C 298 14.03 -5.62 -2.46
N ASP C 299 12.84 -5.03 -2.49
CA ASP C 299 11.64 -5.79 -2.87
C ASP C 299 11.74 -6.28 -4.31
N VAL C 300 12.23 -5.42 -5.22
CA VAL C 300 12.33 -5.80 -6.62
C VAL C 300 13.25 -7.01 -6.79
N TYR C 301 14.39 -7.01 -6.10
CA TYR C 301 15.26 -8.18 -6.17
C TYR C 301 14.61 -9.39 -5.52
N LEU C 302 14.11 -9.23 -4.30
CA LEU C 302 13.65 -10.34 -3.47
C LEU C 302 12.38 -11.00 -4.00
N SER C 303 11.66 -10.36 -4.90
CA SER C 303 10.46 -10.97 -5.46
C SER C 303 10.74 -11.95 -6.59
N SER C 304 11.96 -12.45 -6.72
CA SER C 304 12.36 -13.32 -7.84
C SER C 304 13.15 -14.52 -7.33
N VAL C 305 12.63 -15.21 -6.33
CA VAL C 305 13.29 -16.36 -5.73
C VAL C 305 12.74 -17.65 -6.34
N SER C 306 11.44 -17.65 -6.66
CA SER C 306 10.82 -18.85 -7.19
C SER C 306 11.34 -19.19 -8.59
N ASN C 307 11.75 -18.19 -9.37
CA ASN C 307 12.37 -18.48 -10.65
C ASN C 307 13.71 -19.18 -10.47
N LYS C 308 14.49 -18.75 -9.47
CA LYS C 308 15.72 -19.46 -9.14
C LYS C 308 15.43 -20.88 -8.70
N THR C 309 14.34 -21.07 -7.95
CA THR C 309 13.90 -22.42 -7.58
C THR C 309 13.63 -23.26 -8.82
N ASN C 310 12.93 -22.68 -9.79
CA ASN C 310 12.69 -23.38 -11.06
C ASN C 310 13.99 -23.76 -11.73
N GLU C 311 14.94 -22.83 -11.78
CA GLU C 311 16.21 -23.10 -12.46
C GLU C 311 16.96 -24.24 -11.80
N VAL C 312 17.04 -24.22 -10.46
CA VAL C 312 17.82 -25.24 -9.76
C VAL C 312 17.13 -26.59 -9.85
N MET C 313 15.80 -26.62 -9.76
CA MET C 313 15.07 -27.85 -10.01
C MET C 313 15.28 -28.40 -11.41
N LYS C 314 15.25 -27.54 -12.44
CA LYS C 314 15.47 -28.01 -13.79
C LYS C 314 16.86 -28.62 -13.92
N VAL C 315 17.86 -27.96 -13.33
CA VAL C 315 19.24 -28.47 -13.41
C VAL C 315 19.35 -29.82 -12.72
N LEU C 316 18.86 -29.91 -11.48
CA LEU C 316 18.97 -31.15 -10.73
C LEU C 316 18.21 -32.27 -11.41
N THR C 317 17.05 -31.96 -11.99
CA THR C 317 16.25 -32.99 -12.66
C THR C 317 16.93 -33.47 -13.92
N ILE C 318 17.44 -32.57 -14.75
CA ILE C 318 18.07 -33.00 -16.00
C ILE C 318 19.38 -33.71 -15.73
N ILE C 319 19.98 -33.52 -14.56
CA ILE C 319 21.21 -34.25 -14.24
C ILE C 319 20.90 -35.61 -13.61
N ALA C 320 19.99 -35.67 -12.64
CA ALA C 320 19.73 -36.93 -11.95
C ALA C 320 18.80 -37.85 -12.74
N THR C 321 18.09 -37.33 -13.75
CA THR C 321 17.19 -38.17 -14.53
C THR C 321 17.95 -39.04 -15.54
N ILE C 322 19.11 -38.58 -15.98
CA ILE C 322 19.88 -39.30 -17.00
C ILE C 322 21.02 -40.11 -16.40
N PHE C 323 21.09 -40.22 -15.08
CA PHE C 323 22.21 -40.92 -14.45
C PHE C 323 21.72 -42.05 -13.57
N MET C 324 20.55 -41.89 -12.95
CA MET C 324 19.95 -43.01 -12.22
C MET C 324 19.67 -44.21 -13.11
N PRO C 325 19.10 -44.05 -14.32
CA PRO C 325 18.98 -45.23 -15.20
C PRO C 325 20.32 -45.84 -15.55
N LEU C 326 21.34 -45.00 -15.75
CA LEU C 326 22.66 -45.51 -16.13
C LEU C 326 23.32 -46.25 -14.98
N THR C 327 23.23 -45.70 -13.77
CA THR C 327 23.73 -46.41 -12.60
C THR C 327 22.96 -47.70 -12.36
N PHE C 328 21.66 -47.71 -12.64
CA PHE C 328 20.88 -48.94 -12.54
C PHE C 328 21.36 -49.98 -13.53
N ILE C 329 21.65 -49.58 -14.76
CA ILE C 329 22.17 -50.50 -15.77
C ILE C 329 23.52 -51.05 -15.34
N ALA C 330 24.38 -50.18 -14.81
CA ALA C 330 25.67 -50.63 -14.29
C ALA C 330 25.49 -51.63 -13.15
N GLY C 331 24.50 -51.39 -12.29
CA GLY C 331 24.23 -52.33 -11.22
C GLY C 331 23.74 -53.67 -11.72
N ILE C 332 22.89 -53.66 -12.75
CA ILE C 332 22.41 -54.92 -13.34
C ILE C 332 23.58 -55.69 -13.92
N TYR C 333 24.47 -55.02 -14.65
CA TYR C 333 25.57 -55.71 -15.31
C TYR C 333 26.79 -55.87 -14.42
N GLY C 334 26.71 -55.44 -13.16
CA GLY C 334 27.77 -55.65 -12.19
C GLY C 334 27.48 -56.70 -11.14
N MET C 335 26.44 -57.50 -11.30
CA MET C 335 26.08 -58.50 -10.31
C MET C 335 27.04 -59.68 -10.34
N ASN C 336 27.07 -60.43 -9.25
CA ASN C 336 27.91 -61.62 -9.14
C ASN C 336 27.10 -62.88 -9.43
N PHE C 337 26.63 -62.97 -10.68
CA PHE C 337 25.84 -64.12 -11.13
C PHE C 337 26.70 -65.05 -11.97
N GLU C 338 26.73 -66.32 -11.58
CA GLU C 338 27.47 -67.32 -12.33
C GLU C 338 26.66 -67.77 -13.55
N TYR C 339 27.38 -67.98 -14.66
CA TYR C 339 26.76 -68.39 -15.93
C TYR C 339 25.67 -67.42 -16.36
N MET C 340 25.91 -66.13 -16.16
CA MET C 340 25.00 -65.12 -16.66
C MET C 340 25.05 -65.08 -18.19
N PRO C 341 23.94 -64.76 -18.85
CA PRO C 341 23.92 -64.77 -20.31
C PRO C 341 24.92 -63.81 -20.95
N GLU C 342 25.18 -62.66 -20.32
CA GLU C 342 26.04 -61.63 -20.91
C GLU C 342 27.50 -61.96 -20.63
N LEU C 343 27.97 -63.07 -21.21
CA LEU C 343 29.37 -63.42 -21.13
C LEU C 343 30.18 -62.69 -22.20
N ARG C 344 29.90 -63.00 -23.48
CA ARG C 344 30.59 -62.37 -24.61
C ARG C 344 29.66 -62.46 -25.81
N TRP C 345 29.03 -61.34 -26.18
CA TRP C 345 28.08 -61.29 -27.28
C TRP C 345 28.47 -60.19 -28.25
N LYS C 346 29.37 -60.49 -29.18
CA LYS C 346 29.72 -59.62 -30.29
C LYS C 346 30.08 -58.21 -29.81
N TRP C 347 31.16 -58.13 -29.04
CA TRP C 347 31.59 -56.89 -28.39
C TRP C 347 30.49 -56.35 -27.47
N GLY C 348 30.23 -57.13 -26.42
CA GLY C 348 29.15 -56.80 -25.51
C GLY C 348 29.36 -55.48 -24.80
N TYR C 349 30.59 -55.18 -24.40
CA TYR C 349 30.88 -53.92 -23.72
C TYR C 349 30.60 -52.71 -24.60
N PRO C 350 31.11 -52.62 -25.84
CA PRO C 350 30.71 -51.49 -26.70
C PRO C 350 29.23 -51.43 -26.95
N VAL C 351 28.55 -52.57 -27.05
CA VAL C 351 27.10 -52.57 -27.25
C VAL C 351 26.38 -51.96 -26.06
N VAL C 352 26.81 -52.33 -24.85
CA VAL C 352 26.16 -51.81 -23.64
C VAL C 352 26.39 -50.31 -23.52
N LEU C 353 27.63 -49.86 -23.74
CA LEU C 353 27.87 -48.41 -23.70
C LEU C 353 27.13 -47.68 -24.81
N ALA C 354 26.98 -48.29 -25.99
CA ALA C 354 26.18 -47.68 -27.04
C ALA C 354 24.72 -47.54 -26.62
N VAL C 355 24.17 -48.56 -25.98
CA VAL C 355 22.78 -48.50 -25.51
C VAL C 355 22.62 -47.40 -24.46
N MET C 356 23.57 -47.32 -23.52
CA MET C 356 23.48 -46.28 -22.50
C MET C 356 23.63 -44.90 -23.11
N GLY C 357 24.53 -44.74 -24.08
CA GLY C 357 24.63 -43.47 -24.78
C GLY C 357 23.37 -43.11 -25.51
N VAL C 358 22.72 -44.09 -26.13
CA VAL C 358 21.47 -43.84 -26.85
C VAL C 358 20.39 -43.37 -25.89
N ILE C 359 20.25 -44.04 -24.74
CA ILE C 359 19.21 -43.65 -23.81
C ILE C 359 19.51 -42.28 -23.20
N ALA C 360 20.78 -42.00 -22.91
CA ALA C 360 21.14 -40.68 -22.42
C ALA C 360 20.84 -39.59 -23.44
N VAL C 361 21.14 -39.87 -24.72
CA VAL C 361 20.89 -38.89 -25.78
C VAL C 361 19.40 -38.64 -25.93
N ILE C 362 18.59 -39.70 -25.93
CA ILE C 362 17.15 -39.49 -26.11
C ILE C 362 16.56 -38.76 -24.91
N MET C 363 17.06 -39.04 -23.70
CA MET C 363 16.57 -38.32 -22.53
C MET C 363 16.96 -36.86 -22.56
N VAL C 364 18.20 -36.55 -22.94
CA VAL C 364 18.61 -35.14 -22.97
C VAL C 364 17.91 -34.40 -24.11
N VAL C 365 17.59 -35.10 -25.21
CA VAL C 365 16.83 -34.47 -26.28
C VAL C 365 15.40 -34.20 -25.85
N TYR C 366 14.81 -35.14 -25.09
CA TYR C 366 13.44 -34.97 -24.62
C TYR C 366 13.30 -33.74 -23.75
N PHE C 367 14.32 -33.44 -22.93
CA PHE C 367 14.25 -32.29 -22.04
C PHE C 367 14.22 -30.97 -22.81
N LYS C 368 14.89 -30.92 -23.98
CA LYS C 368 14.81 -29.73 -24.81
C LYS C 368 13.40 -29.51 -25.32
N LYS C 369 12.67 -30.59 -25.62
CA LYS C 369 11.27 -30.46 -26.00
C LYS C 369 10.42 -29.90 -24.87
N LYS C 370 10.85 -30.10 -23.63
CA LYS C 370 10.16 -29.56 -22.46
C LYS C 370 10.67 -28.19 -22.07
N LYS C 371 11.57 -27.60 -22.86
CA LYS C 371 12.10 -26.26 -22.65
C LYS C 371 12.96 -26.15 -21.39
N TRP C 372 13.51 -27.27 -20.92
CA TRP C 372 14.37 -27.25 -19.74
C TRP C 372 15.83 -27.04 -20.14
N MET D 23 -0.67 25.89 13.82
CA MET D 23 0.55 25.45 13.16
C MET D 23 1.70 26.40 13.44
N GLU D 24 2.10 27.18 12.44
CA GLU D 24 3.20 28.13 12.56
C GLU D 24 2.82 29.40 11.80
N GLU D 25 3.78 30.29 11.63
CA GLU D 25 3.52 31.66 11.19
C GLU D 25 3.78 31.87 9.70
N LYS D 26 3.85 30.79 8.91
CA LYS D 26 3.97 30.85 7.46
C LYS D 26 5.23 31.62 7.04
N ARG D 27 6.37 31.03 7.39
CA ARG D 27 7.67 31.60 7.11
C ARG D 27 8.33 30.89 5.94
N LEU D 28 9.46 31.44 5.50
CA LEU D 28 10.24 30.83 4.43
C LEU D 28 11.08 29.67 4.97
N SER D 29 11.45 28.76 4.07
CA SER D 29 12.11 27.53 4.48
C SER D 29 13.56 27.76 4.89
N ALA D 30 14.30 28.56 4.13
CA ALA D 30 15.72 28.85 4.38
C ALA D 30 16.55 27.55 4.39
N LYS D 31 16.60 26.94 3.20
CA LYS D 31 17.31 25.68 3.03
C LYS D 31 18.82 25.89 3.05
N LYS D 32 19.55 24.77 3.17
CA LYS D 32 21.00 24.79 3.30
C LYS D 32 21.68 24.79 1.94
N GLY D 33 22.92 25.29 1.92
CA GLY D 33 23.68 25.34 0.68
C GLY D 33 23.00 26.17 -0.38
N LEU D 34 22.47 27.31 0.01
CA LEU D 34 21.58 28.07 -0.87
C LEU D 34 21.40 29.46 -0.29
N PRO D 35 21.26 30.50 -1.11
CA PRO D 35 21.10 31.84 -0.56
C PRO D 35 19.86 31.94 0.30
N PRO D 36 19.89 32.80 1.32
CA PRO D 36 18.79 32.81 2.31
C PRO D 36 17.42 33.09 1.73
N GLY D 37 17.32 33.92 0.71
CA GLY D 37 16.02 34.35 0.21
C GLY D 37 15.76 34.05 -1.24
N THR D 38 16.21 32.90 -1.73
CA THR D 38 16.03 32.52 -3.13
C THR D 38 15.07 31.34 -3.23
N LEU D 39 14.44 31.24 -4.40
CA LEU D 39 13.49 30.17 -4.71
C LEU D 39 14.06 29.29 -5.82
N VAL D 40 13.94 27.98 -5.65
CA VAL D 40 14.50 27.00 -6.56
C VAL D 40 13.37 26.18 -7.15
N TYR D 41 13.37 26.02 -8.48
CA TYR D 41 12.40 25.17 -9.14
C TYR D 41 12.79 23.71 -8.92
N THR D 42 11.90 22.96 -8.26
CA THR D 42 12.20 21.59 -7.84
C THR D 42 11.63 20.61 -8.86
N GLY D 43 12.20 20.65 -10.07
CA GLY D 43 11.64 19.86 -11.14
C GLY D 43 12.62 19.40 -12.20
N LYS D 44 12.10 18.81 -13.28
CA LYS D 44 12.90 18.25 -14.35
C LYS D 44 12.73 18.95 -15.68
N TYR D 45 11.54 19.47 -15.99
CA TYR D 45 11.25 20.04 -17.30
C TYR D 45 11.73 21.48 -17.36
N ARG D 46 12.72 21.74 -18.21
CA ARG D 46 13.28 23.07 -18.40
C ARG D 46 13.43 23.37 -19.89
N GLU D 47 12.38 23.06 -20.65
CA GLU D 47 12.41 23.16 -22.11
C GLU D 47 11.54 24.27 -22.67
N ASP D 48 10.36 24.50 -22.11
CA ASP D 48 9.35 25.34 -22.73
C ASP D 48 8.80 26.36 -21.75
N PHE D 49 8.39 27.51 -22.28
CA PHE D 49 7.80 28.57 -21.48
C PHE D 49 6.84 29.37 -22.35
N GLU D 50 5.68 29.71 -21.80
CA GLU D 50 4.68 30.47 -22.52
C GLU D 50 3.63 30.96 -21.53
N ILE D 51 2.96 32.06 -21.87
CA ILE D 51 1.89 32.60 -21.05
C ILE D 51 0.68 32.84 -21.94
N GLU D 52 -0.42 32.15 -21.66
CA GLU D 52 -1.65 32.29 -22.42
C GLU D 52 -2.68 33.00 -21.56
N VAL D 53 -3.18 34.14 -22.05
CA VAL D 53 -4.19 34.92 -21.36
C VAL D 53 -5.50 34.81 -22.13
N MET D 54 -6.56 34.42 -21.42
CA MET D 54 -7.90 34.29 -21.99
C MET D 54 -8.84 35.06 -21.07
N ASN D 55 -9.25 36.25 -21.50
CA ASN D 55 -10.11 37.13 -20.72
C ASN D 55 -11.48 37.13 -21.36
N TYR D 56 -12.45 36.51 -20.70
CA TYR D 56 -13.78 36.34 -21.27
C TYR D 56 -14.81 37.13 -20.48
N SER D 57 -15.86 37.55 -21.18
CA SER D 57 -16.95 38.32 -20.59
C SER D 57 -18.26 37.75 -21.10
N ILE D 58 -19.35 38.48 -20.86
CA ILE D 58 -20.67 38.00 -21.26
C ILE D 58 -20.81 38.01 -22.77
N GLU D 59 -20.27 39.04 -23.44
CA GLU D 59 -20.49 39.23 -24.86
C GLU D 59 -19.24 39.12 -25.73
N GLU D 60 -18.05 39.37 -25.18
CA GLU D 60 -16.84 39.34 -25.97
C GLU D 60 -15.67 38.85 -25.13
N PHE D 61 -14.62 38.37 -25.79
CA PHE D 61 -13.45 37.88 -25.09
C PHE D 61 -12.21 38.12 -25.92
N ARG D 62 -11.07 38.15 -25.23
CA ARG D 62 -9.75 38.22 -25.85
C ARG D 62 -8.96 36.98 -25.46
N GLU D 63 -8.04 36.58 -26.34
CA GLU D 63 -7.18 35.44 -26.08
C GLU D 63 -5.88 35.61 -26.84
N PHE D 64 -4.76 35.47 -26.13
CA PHE D 64 -3.45 35.60 -26.78
C PHE D 64 -2.43 34.79 -26.02
N LYS D 65 -1.29 34.56 -26.68
CA LYS D 65 -0.20 33.77 -26.13
C LYS D 65 1.10 34.53 -26.34
N THR D 66 1.77 34.90 -25.25
CA THR D 66 3.01 35.67 -25.29
C THR D 66 4.08 34.96 -24.48
N THR D 67 5.24 35.64 -24.36
CA THR D 67 6.36 35.14 -23.56
C THR D 67 6.94 36.22 -22.65
N ASP D 68 6.30 37.39 -22.55
CA ASP D 68 6.75 38.47 -21.70
C ASP D 68 5.71 38.72 -20.62
N VAL D 69 6.16 38.79 -19.37
CA VAL D 69 5.23 38.90 -18.25
C VAL D 69 4.65 40.30 -18.12
N GLU D 70 5.27 41.30 -18.74
CA GLU D 70 4.78 42.67 -18.59
C GLU D 70 3.43 42.89 -19.26
N SER D 71 3.02 42.00 -20.16
CA SER D 71 1.75 42.14 -20.85
C SER D 71 0.59 41.46 -20.13
N VAL D 72 0.85 40.73 -19.06
CA VAL D 72 -0.21 40.01 -18.35
C VAL D 72 -0.53 40.63 -16.99
N LEU D 73 0.37 41.44 -16.43
CA LEU D 73 0.11 42.08 -15.15
C LEU D 73 -1.10 43.01 -15.14
N PRO D 74 -1.31 43.88 -16.15
CA PRO D 74 -2.45 44.82 -16.08
C PRO D 74 -3.82 44.13 -16.04
N PHE D 75 -3.85 42.81 -16.19
CA PHE D 75 -5.08 42.05 -16.05
C PHE D 75 -5.46 41.82 -14.59
N ARG D 76 -4.62 42.24 -13.65
CA ARG D 76 -4.95 42.06 -12.23
C ARG D 76 -6.20 42.85 -11.87
N ASP D 77 -6.29 44.10 -12.31
CA ASP D 77 -7.46 44.93 -12.05
C ASP D 77 -8.37 44.92 -13.28
N SER D 78 -8.95 43.75 -13.54
CA SER D 78 -9.87 43.55 -14.65
C SER D 78 -11.25 43.21 -14.11
N SER D 79 -12.26 43.97 -14.56
CA SER D 79 -13.62 43.71 -14.11
C SER D 79 -14.12 42.35 -14.57
N THR D 80 -13.84 41.99 -15.82
CA THR D 80 -14.27 40.71 -16.35
C THR D 80 -13.34 39.60 -15.87
N PRO D 81 -13.86 38.38 -15.71
CA PRO D 81 -13.00 37.26 -15.32
C PRO D 81 -11.96 36.96 -16.40
N THR D 82 -10.76 36.62 -15.96
CA THR D 82 -9.68 36.29 -16.88
C THR D 82 -8.90 35.09 -16.34
N TRP D 83 -8.21 34.42 -17.27
CA TRP D 83 -7.53 33.16 -17.01
C TRP D 83 -6.11 33.28 -17.55
N ILE D 84 -5.14 33.27 -16.66
CA ILE D 84 -3.73 33.45 -17.02
C ILE D 84 -3.02 32.13 -16.76
N ASN D 85 -2.64 31.43 -17.84
CA ASN D 85 -1.99 30.13 -17.76
C ASN D 85 -0.52 30.30 -18.10
N ILE D 86 0.34 30.19 -17.10
CA ILE D 86 1.79 30.25 -17.29
C ILE D 86 2.26 28.81 -17.36
N THR D 87 2.60 28.35 -18.56
CA THR D 87 3.14 27.02 -18.76
C THR D 87 4.66 27.10 -18.77
N GLY D 88 5.29 26.36 -17.87
CA GLY D 88 6.73 26.41 -17.67
C GLY D 88 7.08 27.27 -16.48
N ILE D 89 7.35 26.64 -15.33
CA ILE D 89 7.72 27.36 -14.13
C ILE D 89 9.20 27.23 -13.81
N HIS D 90 9.99 26.66 -14.72
CA HIS D 90 11.43 26.63 -14.53
C HIS D 90 12.00 28.04 -14.51
N ARG D 91 11.35 28.98 -15.18
CA ARG D 91 11.70 30.39 -15.11
C ARG D 91 11.18 30.94 -13.80
N THR D 92 12.05 31.01 -12.78
CA THR D 92 11.64 31.56 -11.50
C THR D 92 11.41 33.06 -11.56
N ASP D 93 12.01 33.75 -12.53
CA ASP D 93 11.85 35.19 -12.62
C ASP D 93 10.41 35.58 -12.92
N VAL D 94 9.78 34.89 -13.87
CA VAL D 94 8.42 35.26 -14.27
C VAL D 94 7.43 34.96 -13.14
N VAL D 95 7.58 33.81 -12.47
CA VAL D 95 6.66 33.48 -11.38
C VAL D 95 6.89 34.41 -10.19
N GLN D 96 8.14 34.80 -9.94
CA GLN D 96 8.41 35.75 -8.87
C GLN D 96 7.81 37.12 -9.17
N ARG D 97 7.91 37.58 -10.43
CA ARG D 97 7.29 38.83 -10.81
C ARG D 97 5.77 38.77 -10.68
N VAL D 98 5.17 37.66 -11.10
CA VAL D 98 3.73 37.50 -10.98
C VAL D 98 3.30 37.51 -9.51
N GLY D 99 4.04 36.79 -8.66
CA GLY D 99 3.71 36.78 -7.25
C GLY D 99 3.87 38.15 -6.61
N GLU D 100 4.89 38.90 -7.01
CA GLU D 100 5.07 40.24 -6.49
C GLU D 100 3.94 41.16 -6.91
N PHE D 101 3.50 41.06 -8.16
CA PHE D 101 2.43 41.94 -8.64
C PHE D 101 1.09 41.59 -8.01
N PHE D 102 0.74 40.30 -7.98
CA PHE D 102 -0.56 39.87 -7.51
C PHE D 102 -0.63 39.73 -5.99
N GLY D 103 0.36 40.20 -5.26
CA GLY D 103 0.32 40.13 -3.81
C GLY D 103 0.44 38.74 -3.24
N ILE D 104 1.01 37.80 -3.99
CA ILE D 104 1.13 36.42 -3.52
C ILE D 104 2.23 36.34 -2.48
N HIS D 105 1.96 35.61 -1.40
CA HIS D 105 2.94 35.45 -0.34
C HIS D 105 4.14 34.66 -0.85
N PRO D 106 5.36 35.00 -0.42
CA PRO D 106 6.55 34.28 -0.91
C PRO D 106 6.51 32.79 -0.62
N LEU D 107 5.95 32.38 0.52
CA LEU D 107 5.82 30.95 0.81
C LEU D 107 4.92 30.27 -0.19
N VAL D 108 3.85 30.96 -0.63
CA VAL D 108 2.98 30.39 -1.65
C VAL D 108 3.74 30.20 -2.95
N LEU D 109 4.61 31.15 -3.30
CA LEU D 109 5.45 30.99 -4.48
C LEU D 109 6.38 29.79 -4.33
N GLU D 110 6.95 29.61 -3.13
CA GLU D 110 7.82 28.47 -2.89
C GLU D 110 7.08 27.15 -3.06
N ASP D 111 5.84 27.07 -2.56
CA ASP D 111 5.04 25.88 -2.78
C ASP D 111 4.68 25.70 -4.25
N ILE D 112 4.47 26.80 -4.98
CA ILE D 112 4.20 26.71 -6.40
C ILE D 112 5.37 26.08 -7.14
N LEU D 113 6.58 26.53 -6.81
CA LEU D 113 7.77 26.02 -7.50
C LEU D 113 8.14 24.62 -7.02
N ASN D 114 7.91 24.30 -5.75
CA ASN D 114 8.21 22.98 -5.23
C ASN D 114 7.25 21.95 -5.80
N VAL D 115 7.78 20.98 -6.53
CA VAL D 115 6.95 20.01 -7.22
C VAL D 115 6.63 18.81 -6.35
N HIS D 116 7.59 18.33 -5.55
CA HIS D 116 7.41 17.12 -4.77
C HIS D 116 6.57 17.45 -3.52
N GLN D 117 5.27 17.57 -3.73
CA GLN D 117 4.32 17.77 -2.65
C GLN D 117 2.94 17.31 -3.10
N ARG D 118 2.19 16.75 -2.16
CA ARG D 118 0.87 16.22 -2.48
C ARG D 118 -0.12 17.35 -2.70
N PRO D 119 -1.25 17.06 -3.37
CA PRO D 119 -2.27 18.11 -3.58
C PRO D 119 -2.74 18.68 -2.25
N LYS D 120 -2.99 19.99 -2.25
CA LYS D 120 -3.36 20.67 -1.01
C LYS D 120 -4.12 21.94 -1.35
N VAL D 121 -4.79 22.51 -0.35
CA VAL D 121 -5.57 23.73 -0.52
C VAL D 121 -5.31 24.63 0.67
N GLU D 122 -5.16 25.93 0.40
CA GLU D 122 -4.93 26.92 1.44
C GLU D 122 -5.78 28.15 1.15
N PHE D 123 -6.37 28.71 2.20
CA PHE D 123 -7.22 29.89 2.11
C PHE D 123 -6.47 31.09 2.67
N PHE D 124 -6.49 32.19 1.93
CA PHE D 124 -5.91 33.43 2.42
C PHE D 124 -6.93 34.56 2.32
N GLU D 125 -6.51 35.79 2.60
CA GLU D 125 -7.45 36.91 2.60
C GLU D 125 -7.90 37.26 1.19
N ASN D 126 -6.97 37.30 0.24
CA ASN D 126 -7.26 37.79 -1.10
C ASN D 126 -7.32 36.71 -2.17
N TYR D 127 -6.95 35.48 -1.84
CA TYR D 127 -6.87 34.43 -2.86
C TYR D 127 -6.95 33.07 -2.20
N VAL D 128 -7.26 32.06 -3.01
CA VAL D 128 -7.20 30.67 -2.58
C VAL D 128 -6.19 29.94 -3.45
N PHE D 129 -5.31 29.17 -2.81
CA PHE D 129 -4.16 28.56 -3.50
C PHE D 129 -4.28 27.04 -3.41
N ILE D 130 -4.33 26.38 -4.55
CA ILE D 130 -4.55 24.95 -4.65
C ILE D 130 -3.42 24.32 -5.44
N VAL D 131 -3.00 23.13 -5.00
CA VAL D 131 -2.00 22.32 -5.70
C VAL D 131 -2.67 21.00 -6.06
N LEU D 132 -2.65 20.67 -7.36
CA LEU D 132 -3.21 19.43 -7.88
C LEU D 132 -2.17 18.79 -8.79
N LYS D 133 -2.46 17.57 -9.25
CA LYS D 133 -1.50 16.85 -10.07
C LYS D 133 -2.20 16.19 -11.26
N MET D 134 -1.61 16.35 -12.43
CA MET D 134 -1.98 15.61 -13.63
C MET D 134 -1.16 14.33 -13.71
N PHE D 135 -1.74 13.31 -14.34
CA PHE D 135 -1.06 12.03 -14.51
C PHE D 135 -1.17 11.60 -15.96
N THR D 136 -0.02 11.24 -16.55
CA THR D 136 0.02 10.73 -17.91
C THR D 136 0.63 9.33 -17.88
N TYR D 137 -0.08 8.37 -18.47
CA TYR D 137 0.35 6.97 -18.49
C TYR D 137 0.79 6.62 -19.90
N ASP D 138 2.10 6.45 -20.08
CA ASP D 138 2.67 6.03 -21.35
C ASP D 138 2.80 4.51 -21.34
N LYS D 139 2.11 3.85 -22.28
CA LYS D 139 2.17 2.40 -22.36
C LYS D 139 3.58 1.91 -22.65
N ASN D 140 4.28 2.58 -23.56
CA ASN D 140 5.69 2.27 -23.80
C ASN D 140 6.50 2.61 -22.56
N LEU D 141 7.22 1.61 -22.04
CA LEU D 141 7.99 1.70 -20.80
C LEU D 141 7.06 1.75 -19.59
N HIS D 142 5.75 1.85 -19.84
CA HIS D 142 4.73 1.82 -18.80
C HIS D 142 5.01 2.86 -17.71
N GLU D 143 5.26 4.09 -18.14
CA GLU D 143 5.68 5.16 -17.25
C GLU D 143 4.48 6.01 -16.85
N LEU D 144 4.29 6.19 -15.55
CA LEU D 144 3.23 7.04 -15.01
C LEU D 144 3.88 8.34 -14.54
N GLU D 145 3.84 9.36 -15.38
CA GLU D 145 4.42 10.66 -15.07
C GLU D 145 3.41 11.54 -14.36
N SER D 146 3.88 12.24 -13.32
CA SER D 146 3.07 13.13 -12.53
C SER D 146 3.56 14.57 -12.72
N GLU D 147 2.64 15.47 -12.99
CA GLU D 147 2.97 16.87 -13.25
C GLU D 147 2.13 17.77 -12.34
N GLN D 148 2.78 18.55 -11.49
CA GLN D 148 2.05 19.47 -10.63
C GLN D 148 1.43 20.59 -11.45
N VAL D 149 0.19 20.94 -11.11
CA VAL D 149 -0.46 22.14 -11.62
C VAL D 149 -1.01 22.92 -10.43
N SER D 150 -0.70 24.21 -10.37
CA SER D 150 -1.11 25.03 -9.24
C SER D 150 -2.08 26.11 -9.71
N LEU D 151 -3.12 26.33 -8.90
CA LEU D 151 -4.13 27.33 -9.19
C LEU D 151 -4.18 28.36 -8.08
N ILE D 152 -4.34 29.62 -8.44
CA ILE D 152 -4.54 30.70 -7.51
C ILE D 152 -5.76 31.47 -7.98
N LEU D 153 -6.82 31.44 -7.18
CA LEU D 153 -8.04 32.17 -7.49
C LEU D 153 -8.02 33.48 -6.71
N THR D 154 -7.93 34.58 -7.46
CA THR D 154 -7.93 35.93 -6.91
C THR D 154 -9.36 36.47 -7.01
N LYS D 155 -9.53 37.78 -6.78
CA LYS D 155 -10.86 38.36 -6.80
C LYS D 155 -11.49 38.27 -8.19
N ASN D 156 -10.69 38.44 -9.24
CA ASN D 156 -11.24 38.50 -10.59
C ASN D 156 -10.56 37.53 -11.55
N CYS D 157 -9.29 37.22 -11.28
CA CYS D 157 -8.43 36.48 -12.19
C CYS D 157 -8.05 35.13 -11.61
N VAL D 158 -7.87 34.14 -12.49
CA VAL D 158 -7.45 32.80 -12.10
C VAL D 158 -6.07 32.55 -12.73
N LEU D 159 -5.08 32.31 -11.89
CA LEU D 159 -3.71 32.06 -12.32
C LEU D 159 -3.43 30.57 -12.24
N MET D 160 -3.01 29.97 -13.35
CA MET D 160 -2.63 28.56 -13.34
C MET D 160 -1.18 28.43 -13.76
N PHE D 161 -0.35 27.92 -12.86
CA PHE D 161 1.04 27.62 -13.15
C PHE D 161 1.17 26.13 -13.47
N GLN D 162 1.63 25.85 -14.68
CA GLN D 162 1.87 24.48 -15.13
C GLN D 162 3.37 24.20 -15.13
N GLU D 163 3.73 22.98 -15.52
CA GLU D 163 5.12 22.56 -15.55
C GLU D 163 5.67 22.39 -16.95
N LYS D 164 4.84 22.01 -17.92
CA LYS D 164 5.28 21.79 -19.29
C LYS D 164 4.08 21.90 -20.22
N ILE D 165 4.38 21.98 -21.52
CA ILE D 165 3.31 22.03 -22.53
C ILE D 165 2.52 20.75 -22.48
N GLY D 166 1.19 20.88 -22.44
CA GLY D 166 0.31 19.73 -22.35
C GLY D 166 -0.57 19.78 -21.12
N ASP D 167 -1.88 19.84 -21.32
CA ASP D 167 -2.82 19.91 -20.21
C ASP D 167 -4.13 19.27 -20.64
N VAL D 168 -5.06 19.20 -19.70
CA VAL D 168 -6.34 18.51 -19.89
C VAL D 168 -7.50 19.49 -19.89
N PHE D 169 -7.23 20.78 -20.09
CA PHE D 169 -8.24 21.82 -20.05
C PHE D 169 -8.70 22.27 -21.43
N ASP D 170 -8.39 21.50 -22.46
CA ASP D 170 -8.91 21.80 -23.80
C ASP D 170 -10.44 21.91 -23.83
N PRO D 171 -11.22 21.04 -23.17
CA PRO D 171 -12.67 21.25 -23.15
C PRO D 171 -13.08 22.60 -22.58
N VAL D 172 -12.39 23.08 -21.54
CA VAL D 172 -12.73 24.38 -20.97
C VAL D 172 -12.42 25.50 -21.95
N ARG D 173 -11.29 25.38 -22.66
CA ARG D 173 -10.95 26.38 -23.67
C ARG D 173 -11.98 26.40 -24.79
N GLU D 174 -12.43 25.21 -25.23
CA GLU D 174 -13.47 25.15 -26.26
C GLU D 174 -14.76 25.77 -25.76
N ARG D 175 -15.14 25.48 -24.51
CA ARG D 175 -16.36 26.05 -23.95
C ARG D 175 -16.30 27.57 -23.89
N ILE D 176 -15.14 28.11 -23.51
CA ILE D 176 -15.00 29.57 -23.44
C ILE D 176 -15.02 30.18 -24.84
N ARG D 177 -14.31 29.56 -25.78
CA ARG D 177 -14.22 30.13 -27.12
C ARG D 177 -15.56 30.08 -27.85
N TYR D 178 -16.29 28.97 -27.72
CA TYR D 178 -17.52 28.76 -28.49
C TYR D 178 -18.77 29.22 -27.75
N ASN D 179 -18.62 29.82 -26.57
CA ASN D 179 -19.76 30.26 -25.76
C ASN D 179 -20.69 29.09 -25.44
N ARG D 180 -20.10 27.93 -25.21
CA ARG D 180 -20.86 26.74 -24.82
C ARG D 180 -20.96 26.65 -23.32
N GLY D 181 -22.06 26.07 -22.84
CA GLY D 181 -22.27 25.98 -21.42
C GLY D 181 -22.62 27.34 -20.83
N ILE D 182 -22.42 27.44 -19.51
CA ILE D 182 -22.72 28.66 -18.78
C ILE D 182 -21.45 29.28 -18.20
N ILE D 183 -20.28 28.97 -18.78
CA ILE D 183 -19.02 29.49 -18.26
C ILE D 183 -18.80 30.94 -18.65
N ARG D 184 -19.41 31.42 -19.73
CA ARG D 184 -19.16 32.78 -20.20
C ARG D 184 -19.93 33.83 -19.43
N LYS D 185 -20.93 33.43 -18.62
CA LYS D 185 -21.73 34.38 -17.86
C LYS D 185 -21.56 34.16 -16.36
N LYS D 186 -20.41 33.64 -15.95
CA LYS D 186 -20.12 33.42 -14.54
C LYS D 186 -18.69 33.85 -14.24
N ARG D 187 -18.43 34.11 -12.96
CA ARG D 187 -17.19 34.72 -12.52
C ARG D 187 -16.08 33.68 -12.42
N ALA D 188 -14.95 34.08 -11.84
CA ALA D 188 -13.74 33.26 -11.87
C ALA D 188 -13.86 32.01 -11.00
N ASP D 189 -14.74 32.04 -9.99
CA ASP D 189 -14.92 30.85 -9.16
C ASP D 189 -15.48 29.68 -9.98
N TYR D 190 -16.41 29.98 -10.89
CA TYR D 190 -16.88 28.93 -11.79
C TYR D 190 -15.78 28.46 -12.73
N LEU D 191 -14.85 29.34 -13.10
CA LEU D 191 -13.71 28.93 -13.90
C LEU D 191 -12.83 27.95 -13.13
N LEU D 192 -12.57 28.23 -11.85
CA LEU D 192 -11.81 27.31 -11.02
C LEU D 192 -12.54 25.96 -10.90
N TYR D 193 -13.86 26.00 -10.72
CA TYR D 193 -14.63 24.77 -10.67
C TYR D 193 -14.50 23.98 -11.96
N SER D 194 -14.58 24.67 -13.11
CA SER D 194 -14.47 23.99 -14.39
C SER D 194 -13.11 23.35 -14.56
N LEU D 195 -12.05 24.04 -14.16
CA LEU D 195 -10.70 23.49 -14.29
C LEU D 195 -10.54 22.25 -13.41
N ILE D 196 -11.01 22.33 -12.16
CA ILE D 196 -10.90 21.18 -11.26
C ILE D 196 -11.74 20.02 -11.79
N ASP D 197 -12.92 20.32 -12.34
CA ASP D 197 -13.77 19.28 -12.90
C ASP D 197 -13.10 18.60 -14.09
N ALA D 198 -12.44 19.38 -14.95
CA ALA D 198 -11.72 18.79 -16.08
C ALA D 198 -10.60 17.87 -15.61
N LEU D 199 -9.86 18.31 -14.58
CA LEU D 199 -8.79 17.47 -14.05
C LEU D 199 -9.34 16.16 -13.48
N VAL D 200 -10.41 16.24 -12.69
CA VAL D 200 -10.99 15.04 -12.12
C VAL D 200 -11.57 14.13 -13.20
N ASP D 201 -12.12 14.72 -14.27
CA ASP D 201 -12.61 13.92 -15.37
C ASP D 201 -11.47 13.18 -16.08
N ASP D 202 -10.33 13.85 -16.25
CA ASP D 202 -9.17 13.17 -16.85
C ASP D 202 -8.63 12.07 -15.95
N TYR D 203 -8.83 12.20 -14.64
CA TYR D 203 -8.48 11.10 -13.74
C TYR D 203 -9.23 9.82 -14.12
N PHE D 204 -10.46 9.94 -14.61
CA PHE D 204 -11.23 8.77 -15.03
C PHE D 204 -10.59 8.11 -16.26
N VAL D 205 -10.09 8.90 -17.20
CA VAL D 205 -9.40 8.34 -18.36
C VAL D 205 -8.13 7.64 -17.91
N LEU D 206 -7.42 8.22 -16.94
CA LEU D 206 -6.26 7.52 -16.38
C LEU D 206 -6.67 6.19 -15.76
N LEU D 207 -7.79 6.16 -15.05
CA LEU D 207 -8.25 4.93 -14.42
C LEU D 207 -8.62 3.87 -15.46
N GLU D 208 -9.26 4.27 -16.56
CA GLU D 208 -9.60 3.28 -17.57
C GLU D 208 -8.37 2.78 -18.32
N LYS D 209 -7.35 3.64 -18.48
CA LYS D 209 -6.08 3.16 -19.00
C LYS D 209 -5.45 2.13 -18.07
N ILE D 210 -5.57 2.36 -16.76
CA ILE D 210 -5.11 1.36 -15.78
C ILE D 210 -5.89 0.07 -15.94
N ASP D 211 -7.20 0.17 -16.14
CA ASP D 211 -8.02 -1.01 -16.43
C ASP D 211 -7.47 -1.80 -17.60
N ASP D 212 -7.22 -1.12 -18.72
CA ASP D 212 -6.72 -1.80 -19.91
C ASP D 212 -5.36 -2.44 -19.67
N GLU D 213 -4.47 -1.71 -18.99
CA GLU D 213 -3.13 -2.26 -18.75
C GLU D 213 -3.18 -3.46 -17.83
N ILE D 214 -4.07 -3.44 -16.82
CA ILE D 214 -4.21 -4.58 -15.93
C ILE D 214 -4.77 -5.78 -16.67
N ASP D 215 -5.73 -5.53 -17.57
CA ASP D 215 -6.24 -6.62 -18.42
C ASP D 215 -5.13 -7.23 -19.25
N VAL D 216 -4.23 -6.39 -19.78
CA VAL D 216 -3.07 -6.92 -20.50
C VAL D 216 -2.17 -7.72 -19.56
N LEU D 217 -1.94 -7.21 -18.36
CA LEU D 217 -0.97 -7.81 -17.45
C LEU D 217 -1.42 -9.19 -16.97
N GLU D 218 -2.71 -9.36 -16.70
CA GLU D 218 -3.16 -10.56 -16.00
C GLU D 218 -2.85 -11.83 -16.77
N GLU D 219 -3.14 -11.83 -18.08
CA GLU D 219 -2.92 -13.04 -18.88
C GLU D 219 -1.44 -13.34 -19.04
N GLU D 220 -0.60 -12.31 -19.14
CA GLU D 220 0.84 -12.53 -19.16
C GLU D 220 1.32 -13.12 -17.85
N VAL D 221 0.76 -12.65 -16.72
CA VAL D 221 1.15 -13.19 -15.43
C VAL D 221 0.79 -14.66 -15.31
N LEU D 222 -0.41 -15.02 -15.74
CA LEU D 222 -0.87 -16.40 -15.61
C LEU D 222 -0.51 -17.28 -16.80
N GLU D 223 0.25 -16.76 -17.76
CA GLU D 223 0.67 -17.58 -18.89
C GLU D 223 2.18 -17.57 -19.13
N ARG D 224 2.85 -16.44 -18.90
CA ARG D 224 4.29 -16.32 -19.09
C ARG D 224 4.94 -15.75 -17.83
N PRO D 225 5.13 -16.57 -16.80
CA PRO D 225 5.72 -16.08 -15.55
C PRO D 225 7.22 -15.87 -15.63
N GLU D 226 7.68 -14.72 -16.11
CA GLU D 226 9.11 -14.43 -16.18
C GLU D 226 9.43 -13.20 -15.33
N LYS D 227 10.69 -12.76 -15.39
CA LYS D 227 11.16 -11.68 -14.53
C LYS D 227 10.49 -10.35 -14.88
N GLU D 228 10.37 -10.04 -16.17
CA GLU D 228 9.75 -8.78 -16.57
C GLU D 228 8.32 -8.69 -16.06
N THR D 229 7.64 -9.82 -15.93
CA THR D 229 6.27 -9.83 -15.41
C THR D 229 6.23 -9.26 -13.99
N VAL D 230 7.07 -9.78 -13.09
CA VAL D 230 7.04 -9.27 -11.72
C VAL D 230 7.63 -7.87 -11.64
N GLN D 231 8.58 -7.52 -12.52
CA GLN D 231 9.05 -6.14 -12.56
C GLN D 231 7.89 -5.18 -12.84
N ARG D 232 7.11 -5.48 -13.89
CA ARG D 232 5.95 -4.64 -14.21
C ARG D 232 4.94 -4.66 -13.08
N THR D 233 4.68 -5.83 -12.49
CA THR D 233 3.67 -5.91 -11.45
C THR D 233 4.06 -5.08 -10.22
N HIS D 234 5.32 -5.11 -9.82
CA HIS D 234 5.75 -4.35 -8.66
C HIS D 234 5.80 -2.85 -8.96
N GLN D 235 6.25 -2.49 -10.16
CA GLN D 235 6.21 -1.07 -10.53
C GLN D 235 4.78 -0.56 -10.57
N LEU D 236 3.83 -1.40 -10.96
CA LEU D 236 2.43 -0.98 -10.96
C LEU D 236 1.84 -0.93 -9.56
N LYS D 237 2.27 -1.83 -8.66
CA LYS D 237 1.86 -1.73 -7.27
C LYS D 237 2.34 -0.40 -6.68
N ARG D 238 3.58 -0.01 -6.99
CA ARG D 238 4.07 1.30 -6.56
C ARG D 238 3.25 2.43 -7.19
N ASN D 239 2.90 2.28 -8.47
CA ASN D 239 2.09 3.30 -9.14
C ASN D 239 0.74 3.48 -8.47
N LEU D 240 0.08 2.38 -8.11
CA LEU D 240 -1.22 2.49 -7.43
C LEU D 240 -1.07 3.03 -6.02
N VAL D 241 0.03 2.72 -5.32
CA VAL D 241 0.28 3.35 -4.03
C VAL D 241 0.40 4.86 -4.20
N GLU D 242 1.13 5.30 -5.22
CA GLU D 242 1.24 6.72 -5.50
C GLU D 242 -0.11 7.34 -5.85
N LEU D 243 -0.93 6.62 -6.62
CA LEU D 243 -2.25 7.13 -6.96
C LEU D 243 -3.12 7.31 -5.73
N ARG D 244 -3.09 6.36 -4.80
CA ARG D 244 -3.83 6.53 -3.56
C ARG D 244 -3.30 7.73 -2.78
N LYS D 245 -1.98 7.84 -2.67
CA LYS D 245 -1.36 8.91 -1.89
C LYS D 245 -1.58 10.28 -2.52
N THR D 246 -1.93 10.36 -3.80
CA THR D 246 -2.22 11.62 -4.44
C THR D 246 -3.71 11.88 -4.62
N ILE D 247 -4.56 10.86 -4.47
CA ILE D 247 -5.99 11.05 -4.64
C ILE D 247 -6.67 11.33 -3.31
N TRP D 248 -6.19 10.74 -2.20
CA TRP D 248 -6.75 11.09 -0.91
C TRP D 248 -6.60 12.57 -0.58
N PRO D 249 -5.42 13.19 -0.73
CA PRO D 249 -5.35 14.64 -0.51
C PRO D 249 -6.24 15.45 -1.43
N LEU D 250 -6.45 14.99 -2.67
CA LEU D 250 -7.38 15.68 -3.56
C LEU D 250 -8.80 15.63 -3.01
N ARG D 251 -9.20 14.49 -2.47
CA ARG D 251 -10.51 14.38 -1.84
C ARG D 251 -10.61 15.34 -0.66
N GLU D 252 -9.57 15.43 0.16
CA GLU D 252 -9.58 16.37 1.27
C GLU D 252 -9.66 17.81 0.77
N VAL D 253 -8.97 18.11 -0.33
CA VAL D 253 -9.00 19.46 -0.91
C VAL D 253 -10.41 19.83 -1.32
N LEU D 254 -11.09 18.92 -2.01
CA LEU D 254 -12.44 19.22 -2.47
C LEU D 254 -13.42 19.29 -1.30
N SER D 255 -13.23 18.46 -0.27
CA SER D 255 -14.07 18.55 0.92
C SER D 255 -13.93 19.92 1.57
N SER D 256 -12.68 20.38 1.73
CA SER D 256 -12.46 21.72 2.26
C SER D 256 -13.01 22.78 1.33
N LEU D 257 -13.07 22.49 0.04
CA LEU D 257 -13.58 23.48 -0.92
C LEU D 257 -15.08 23.68 -0.77
N TYR D 258 -15.85 22.60 -0.69
CA TYR D 258 -17.30 22.82 -0.62
C TYR D 258 -17.80 22.88 0.82
N ARG D 259 -16.93 22.67 1.82
CA ARG D 259 -17.32 22.79 3.22
C ARG D 259 -16.36 23.77 3.89
N ASP D 260 -16.65 25.06 3.74
CA ASP D 260 -15.90 26.21 4.21
C ASP D 260 -16.47 27.46 3.54
N VAL D 261 -16.54 27.42 2.22
CA VAL D 261 -17.08 28.50 1.39
C VAL D 261 -16.38 29.81 1.74
N PRO D 262 -15.13 30.00 1.34
CA PRO D 262 -14.45 31.28 1.58
C PRO D 262 -15.14 32.40 0.83
N PRO D 263 -14.93 33.66 1.24
CA PRO D 263 -15.58 34.78 0.53
C PRO D 263 -15.20 34.89 -0.94
N LEU D 264 -14.08 34.29 -1.36
CA LEU D 264 -13.69 34.35 -2.76
C LEU D 264 -14.70 33.65 -3.66
N ILE D 265 -15.21 32.50 -3.23
CA ILE D 265 -16.20 31.75 -3.99
C ILE D 265 -17.59 32.05 -3.43
N GLU D 266 -18.55 32.18 -4.32
CA GLU D 266 -19.93 32.49 -3.94
C GLU D 266 -20.73 31.22 -3.72
N LYS D 267 -21.88 31.38 -3.06
CA LYS D 267 -22.70 30.23 -2.70
C LYS D 267 -23.34 29.57 -3.92
N GLU D 268 -23.47 30.27 -5.04
CA GLU D 268 -24.08 29.68 -6.22
C GLU D 268 -23.19 28.63 -6.88
N THR D 269 -21.92 28.56 -6.51
CA THR D 269 -21.00 27.59 -7.11
C THR D 269 -20.72 26.39 -6.21
N VAL D 270 -20.99 26.50 -4.92
CA VAL D 270 -20.76 25.42 -3.96
C VAL D 270 -21.47 24.14 -4.38
N PRO D 271 -22.72 24.17 -4.86
CA PRO D 271 -23.33 22.91 -5.33
C PRO D 271 -22.59 22.25 -6.47
N TYR D 272 -21.77 22.99 -7.23
CA TYR D 272 -21.02 22.39 -8.32
C TYR D 272 -19.84 21.55 -7.82
N PHE D 273 -19.29 21.89 -6.65
CA PHE D 273 -18.15 21.15 -6.11
C PHE D 273 -18.55 19.81 -5.53
N ARG D 274 -19.81 19.62 -5.16
CA ARG D 274 -20.25 18.34 -4.61
C ARG D 274 -20.16 17.24 -5.66
N ASP D 275 -20.46 17.57 -6.92
CA ASP D 275 -20.31 16.60 -7.99
C ASP D 275 -18.86 16.15 -8.15
N VAL D 276 -17.93 17.10 -8.06
CA VAL D 276 -16.51 16.76 -8.15
C VAL D 276 -16.09 15.89 -6.97
N TYR D 277 -16.63 16.20 -5.78
CA TYR D 277 -16.34 15.36 -4.62
C TYR D 277 -16.83 13.94 -4.81
N ASP D 278 -18.05 13.78 -5.35
CA ASP D 278 -18.56 12.44 -5.60
C ASP D 278 -17.70 11.70 -6.61
N HIS D 279 -17.26 12.42 -7.66
CA HIS D 279 -16.38 11.80 -8.64
C HIS D 279 -15.09 11.31 -8.00
N THR D 280 -14.49 12.12 -7.12
CA THR D 280 -13.27 11.69 -6.44
C THR D 280 -13.53 10.51 -5.51
N ILE D 281 -14.70 10.46 -4.88
CA ILE D 281 -15.05 9.30 -4.06
C ILE D 281 -15.05 8.03 -4.92
N GLN D 282 -15.68 8.12 -6.10
CA GLN D 282 -15.69 6.98 -7.02
C GLN D 282 -14.28 6.61 -7.44
N ILE D 283 -13.43 7.61 -7.69
CA ILE D 283 -12.05 7.34 -8.09
C ILE D 283 -11.30 6.60 -6.99
N ALA D 284 -11.47 7.02 -5.73
CA ALA D 284 -10.81 6.35 -4.63
C ALA D 284 -11.27 4.90 -4.49
N ASP D 285 -12.58 4.67 -4.65
CA ASP D 285 -13.08 3.31 -4.62
C ASP D 285 -12.46 2.46 -5.72
N THR D 286 -12.34 3.03 -6.91
CA THR D 286 -11.70 2.30 -8.03
C THR D 286 -10.25 1.99 -7.70
N VAL D 287 -9.55 2.90 -7.05
CA VAL D 287 -8.15 2.66 -6.68
C VAL D 287 -8.05 1.50 -5.68
N GLU D 288 -8.96 1.46 -4.71
CA GLU D 288 -8.95 0.34 -3.77
C GLU D 288 -9.19 -0.98 -4.47
N THR D 289 -10.15 -1.01 -5.41
CA THR D 289 -10.38 -2.22 -6.20
C THR D 289 -9.14 -2.61 -6.98
N PHE D 290 -8.44 -1.62 -7.53
CA PHE D 290 -7.19 -1.88 -8.24
C PHE D 290 -6.16 -2.55 -7.34
N ARG D 291 -6.02 -2.06 -6.10
CA ARG D 291 -5.06 -2.65 -5.18
C ARG D 291 -5.41 -4.11 -4.88
N ASP D 292 -6.69 -4.38 -4.68
CA ASP D 292 -7.10 -5.78 -4.44
C ASP D 292 -6.77 -6.65 -5.63
N ILE D 293 -7.04 -6.16 -6.85
CA ILE D 293 -6.73 -6.94 -8.05
C ILE D 293 -5.23 -7.18 -8.17
N VAL D 294 -4.42 -6.19 -7.80
CA VAL D 294 -2.97 -6.33 -7.89
C VAL D 294 -2.48 -7.42 -6.95
N SER D 295 -2.98 -7.42 -5.71
CA SER D 295 -2.59 -8.47 -4.77
C SER D 295 -2.98 -9.84 -5.30
N GLY D 296 -4.21 -9.95 -5.83
CA GLY D 296 -4.62 -11.23 -6.43
C GLY D 296 -3.73 -11.65 -7.57
N LEU D 297 -3.28 -10.69 -8.39
CA LEU D 297 -2.44 -11.00 -9.53
C LEU D 297 -1.07 -11.52 -9.09
N LEU D 298 -0.49 -10.90 -8.06
CA LEU D 298 0.76 -11.42 -7.50
C LEU D 298 0.59 -12.84 -6.98
N ASP D 299 -0.54 -13.10 -6.31
CA ASP D 299 -0.83 -14.46 -5.87
C ASP D 299 -0.90 -15.43 -7.05
N VAL D 300 -1.51 -15.00 -8.15
CA VAL D 300 -1.58 -15.84 -9.35
C VAL D 300 -0.19 -16.17 -9.87
N TYR D 301 0.68 -15.17 -9.93
CA TYR D 301 2.05 -15.42 -10.38
C TYR D 301 2.73 -16.46 -9.51
N LEU D 302 2.64 -16.29 -8.19
CA LEU D 302 3.30 -17.23 -7.28
C LEU D 302 2.74 -18.64 -7.46
N SER D 303 1.41 -18.75 -7.62
CA SER D 303 0.80 -20.06 -7.81
C SER D 303 1.28 -20.73 -9.09
N SER D 304 1.34 -19.97 -10.19
CA SER D 304 1.77 -20.56 -11.45
C SER D 304 3.22 -21.02 -11.40
N VAL D 305 4.10 -20.21 -10.80
CA VAL D 305 5.51 -20.58 -10.71
C VAL D 305 5.67 -21.82 -9.83
N SER D 306 4.95 -21.86 -8.70
CA SER D 306 5.01 -23.05 -7.84
C SER D 306 4.47 -24.27 -8.57
N ASN D 307 3.47 -24.12 -9.42
CA ASN D 307 2.97 -25.26 -10.18
C ASN D 307 4.00 -25.77 -11.17
N LYS D 308 4.71 -24.86 -11.85
CA LYS D 308 5.75 -25.30 -12.79
C LYS D 308 6.85 -26.07 -12.08
N THR D 309 7.34 -25.52 -10.94
CA THR D 309 8.36 -26.26 -10.21
C THR D 309 7.80 -27.56 -9.64
N ASN D 310 6.51 -27.60 -9.32
CA ASN D 310 5.90 -28.84 -8.87
C ASN D 310 5.90 -29.89 -9.97
N GLU D 311 5.68 -29.48 -11.22
CA GLU D 311 5.68 -30.44 -12.32
C GLU D 311 7.08 -31.01 -12.56
N VAL D 312 8.09 -30.14 -12.65
CA VAL D 312 9.44 -30.64 -12.84
C VAL D 312 9.84 -31.52 -11.66
N MET D 313 9.32 -31.18 -10.48
CA MET D 313 9.58 -31.92 -9.26
C MET D 313 8.90 -33.28 -9.29
N LYS D 314 7.70 -33.37 -9.88
CA LYS D 314 7.06 -34.65 -10.14
C LYS D 314 7.97 -35.54 -10.98
N VAL D 315 8.53 -34.97 -12.05
CA VAL D 315 9.41 -35.74 -12.92
C VAL D 315 10.59 -36.29 -12.11
N LEU D 316 11.24 -35.41 -11.33
CA LEU D 316 12.38 -35.82 -10.54
C LEU D 316 12.03 -36.93 -9.55
N THR D 317 10.93 -36.74 -8.80
CA THR D 317 10.59 -37.71 -7.77
C THR D 317 10.13 -39.03 -8.36
N ILE D 318 9.48 -39.00 -9.53
CA ILE D 318 9.10 -40.24 -10.18
C ILE D 318 10.34 -41.04 -10.58
N ILE D 319 11.30 -40.37 -11.23
CA ILE D 319 12.52 -41.07 -11.63
C ILE D 319 13.24 -41.64 -10.41
N ALA D 320 13.38 -40.81 -9.36
CA ALA D 320 14.11 -41.25 -8.17
C ALA D 320 13.40 -42.42 -7.50
N THR D 321 12.08 -42.33 -7.32
CA THR D 321 11.35 -43.38 -6.63
C THR D 321 11.40 -44.68 -7.39
N ILE D 322 11.30 -44.62 -8.72
CA ILE D 322 11.30 -45.86 -9.48
C ILE D 322 12.68 -46.51 -9.50
N PHE D 323 13.74 -45.71 -9.67
CA PHE D 323 15.07 -46.29 -9.88
C PHE D 323 15.97 -46.34 -8.65
N MET D 324 15.49 -45.91 -7.47
CA MET D 324 16.36 -46.07 -6.31
C MET D 324 16.36 -47.50 -5.77
N PRO D 325 15.19 -48.09 -5.45
CA PRO D 325 15.22 -49.48 -4.93
C PRO D 325 15.79 -50.47 -5.91
N LEU D 326 15.69 -50.18 -7.21
CA LEU D 326 16.27 -51.07 -8.22
C LEU D 326 17.79 -51.12 -8.11
N THR D 327 18.42 -49.94 -8.02
CA THR D 327 19.86 -49.90 -7.79
C THR D 327 20.22 -50.50 -6.43
N PHE D 328 19.36 -50.30 -5.44
CA PHE D 328 19.59 -50.91 -4.12
C PHE D 328 19.68 -52.43 -4.22
N ILE D 329 18.68 -53.05 -4.85
CA ILE D 329 18.69 -54.52 -4.93
C ILE D 329 19.78 -55.01 -5.87
N ALA D 330 20.13 -54.23 -6.90
CA ALA D 330 21.26 -54.60 -7.75
C ALA D 330 22.55 -54.64 -6.94
N GLY D 331 22.78 -53.64 -6.09
CA GLY D 331 23.92 -53.67 -5.20
C GLY D 331 23.84 -54.79 -4.18
N ILE D 332 22.63 -55.11 -3.73
CA ILE D 332 22.45 -56.20 -2.76
C ILE D 332 22.91 -57.52 -3.36
N TYR D 333 22.53 -57.78 -4.60
CA TYR D 333 22.93 -59.01 -5.27
C TYR D 333 24.28 -58.88 -5.98
N GLY D 334 24.92 -57.72 -5.89
CA GLY D 334 26.23 -57.53 -6.48
C GLY D 334 27.40 -57.50 -5.52
N MET D 335 27.21 -57.85 -4.25
CA MET D 335 28.30 -57.84 -3.29
C MET D 335 29.03 -59.18 -3.30
N ASN D 336 30.32 -59.13 -2.92
CA ASN D 336 31.20 -60.29 -2.99
C ASN D 336 31.20 -60.98 -1.64
N PHE D 337 30.31 -61.95 -1.47
CA PHE D 337 30.17 -62.70 -0.23
C PHE D 337 30.29 -64.19 -0.54
N GLU D 338 30.70 -64.97 0.46
CA GLU D 338 31.05 -66.36 0.19
C GLU D 338 29.82 -67.24 0.00
N TYR D 339 28.71 -66.93 0.69
CA TYR D 339 27.54 -67.80 0.70
C TYR D 339 26.40 -67.12 -0.05
N MET D 340 26.28 -67.46 -1.33
CA MET D 340 25.21 -67.00 -2.21
C MET D 340 24.18 -68.09 -2.44
N PRO D 341 22.99 -68.01 -1.84
CA PRO D 341 21.86 -68.78 -2.36
C PRO D 341 21.40 -68.17 -3.68
N GLU D 342 22.22 -68.33 -4.71
CA GLU D 342 22.07 -67.61 -5.97
C GLU D 342 21.83 -68.52 -7.16
N LEU D 343 22.49 -69.66 -7.22
CA LEU D 343 22.31 -70.59 -8.33
C LEU D 343 21.09 -71.46 -8.08
N ARG D 344 19.96 -70.84 -7.77
CA ARG D 344 18.71 -71.53 -7.50
C ARG D 344 17.59 -70.84 -8.26
N TRP D 345 16.50 -71.58 -8.50
CA TRP D 345 15.34 -71.09 -9.21
C TRP D 345 15.73 -70.58 -10.61
N LYS D 346 16.20 -71.51 -11.42
CA LYS D 346 16.69 -71.22 -12.78
C LYS D 346 17.84 -70.21 -12.74
N TRP D 347 18.92 -70.63 -12.07
CA TRP D 347 20.18 -69.88 -11.99
C TRP D 347 19.98 -68.42 -11.60
N GLY D 348 18.92 -68.13 -10.85
CA GLY D 348 18.81 -66.86 -10.14
C GLY D 348 18.43 -65.63 -10.93
N TYR D 349 19.04 -65.44 -12.11
CA TYR D 349 18.87 -64.20 -12.86
C TYR D 349 17.43 -63.93 -13.27
N PRO D 350 16.66 -64.90 -13.82
CA PRO D 350 15.28 -64.58 -14.23
C PRO D 350 14.39 -64.10 -13.09
N VAL D 351 14.52 -64.67 -11.89
CA VAL D 351 13.67 -64.22 -10.79
C VAL D 351 14.05 -62.80 -10.37
N VAL D 352 15.33 -62.45 -10.47
CA VAL D 352 15.76 -61.08 -10.18
C VAL D 352 15.16 -60.11 -11.20
N LEU D 353 15.20 -60.48 -12.49
CA LEU D 353 14.61 -59.64 -13.51
C LEU D 353 13.11 -59.49 -13.31
N ALA D 354 12.43 -60.58 -12.92
CA ALA D 354 11.00 -60.52 -12.64
C ALA D 354 10.71 -59.62 -11.44
N VAL D 355 11.59 -59.66 -10.43
CA VAL D 355 11.42 -58.76 -9.29
C VAL D 355 11.54 -57.31 -9.72
N MET D 356 12.54 -57.00 -10.56
CA MET D 356 12.67 -55.65 -11.10
C MET D 356 11.40 -55.24 -11.83
N GLY D 357 10.89 -56.12 -12.70
CA GLY D 357 9.70 -55.78 -13.47
C GLY D 357 8.49 -55.55 -12.60
N VAL D 358 8.29 -56.41 -11.59
CA VAL D 358 7.09 -56.29 -10.76
C VAL D 358 7.16 -55.05 -9.88
N ILE D 359 8.33 -54.74 -9.33
CA ILE D 359 8.44 -53.54 -8.51
C ILE D 359 8.29 -52.28 -9.37
N ALA D 360 8.83 -52.30 -10.59
CA ALA D 360 8.68 -51.17 -11.47
C ALA D 360 7.22 -50.95 -11.84
N VAL D 361 6.50 -52.03 -12.18
CA VAL D 361 5.10 -51.86 -12.55
C VAL D 361 4.27 -51.46 -11.34
N ILE D 362 4.63 -51.92 -10.15
CA ILE D 362 3.93 -51.49 -8.94
C ILE D 362 4.10 -50.00 -8.73
N MET D 363 5.33 -49.51 -8.89
CA MET D 363 5.58 -48.08 -8.74
C MET D 363 4.83 -47.27 -9.78
N VAL D 364 4.83 -47.74 -11.04
CA VAL D 364 4.14 -47.02 -12.10
C VAL D 364 2.63 -46.97 -11.84
N VAL D 365 2.07 -48.10 -11.40
CA VAL D 365 0.63 -48.14 -11.10
C VAL D 365 0.31 -47.22 -9.93
N TYR D 366 1.14 -47.23 -8.90
CA TYR D 366 0.90 -46.35 -7.76
C TYR D 366 0.95 -44.88 -8.17
N PHE D 367 1.89 -44.54 -9.05
CA PHE D 367 1.94 -43.17 -9.56
C PHE D 367 0.70 -42.85 -10.40
N LYS D 368 0.21 -43.83 -11.17
CA LYS D 368 -1.00 -43.62 -11.96
C LYS D 368 -2.22 -43.44 -11.07
N LYS D 369 -2.28 -44.16 -9.95
CA LYS D 369 -3.39 -44.01 -9.02
C LYS D 369 -3.42 -42.63 -8.39
N LYS D 370 -2.32 -41.91 -8.39
CA LYS D 370 -2.27 -40.56 -7.84
C LYS D 370 -2.53 -39.49 -8.88
N LYS D 371 -2.80 -39.88 -10.13
CA LYS D 371 -3.13 -38.96 -11.22
C LYS D 371 -1.95 -38.07 -11.61
N TRP D 372 -0.76 -38.64 -11.68
CA TRP D 372 0.33 -38.02 -12.43
C TRP D 372 1.28 -39.09 -12.94
N LEU D 373 1.49 -39.12 -14.25
CA LEU D 373 2.40 -40.05 -14.91
C LEU D 373 2.21 -41.49 -14.44
N THR E 38 -25.06 6.70 -37.45
CA THR E 38 -26.19 6.97 -38.32
C THR E 38 -26.12 6.09 -39.57
N LEU E 39 -24.89 5.76 -39.99
CA LEU E 39 -24.67 5.00 -41.22
C LEU E 39 -24.28 3.55 -40.95
N VAL E 40 -23.24 3.32 -40.16
CA VAL E 40 -22.66 2.00 -39.97
C VAL E 40 -22.65 1.66 -38.49
N TYR E 41 -22.96 0.40 -38.18
CA TYR E 41 -22.95 -0.13 -36.83
C TYR E 41 -21.98 -1.31 -36.75
N THR E 42 -21.51 -1.57 -35.53
CA THR E 42 -20.44 -2.56 -35.36
C THR E 42 -20.91 -3.96 -35.77
N GLY E 43 -22.00 -4.43 -35.19
CA GLY E 43 -22.59 -5.70 -35.56
C GLY E 43 -21.66 -6.89 -35.60
N LYS E 44 -21.21 -7.36 -34.42
CA LYS E 44 -20.36 -8.55 -34.38
C LYS E 44 -21.05 -9.74 -35.04
N TYR E 45 -22.38 -9.82 -34.97
CA TYR E 45 -23.15 -10.84 -35.65
C TYR E 45 -24.28 -10.17 -36.44
N ARG E 46 -24.43 -10.58 -37.70
CA ARG E 46 -25.40 -9.96 -38.60
C ARG E 46 -26.47 -10.97 -38.96
N GLU E 47 -27.74 -10.58 -38.76
CA GLU E 47 -28.87 -11.47 -39.00
C GLU E 47 -29.91 -10.80 -39.90
N ASP E 48 -31.08 -11.43 -40.01
CA ASP E 48 -32.13 -10.93 -40.90
C ASP E 48 -32.87 -9.76 -40.26
N PHE E 49 -33.61 -9.03 -41.10
CA PHE E 49 -34.41 -7.89 -40.67
C PHE E 49 -35.81 -8.35 -40.26
N GLU E 50 -36.45 -7.55 -39.40
CA GLU E 50 -37.77 -7.87 -38.89
C GLU E 50 -38.33 -6.66 -38.17
N ILE E 51 -39.66 -6.50 -38.22
CA ILE E 51 -40.37 -5.53 -37.37
C ILE E 51 -41.70 -6.14 -36.98
N GLU E 52 -42.14 -5.85 -35.75
CA GLU E 52 -43.43 -6.31 -35.28
C GLU E 52 -44.10 -5.18 -34.50
N VAL E 53 -45.43 -5.17 -34.53
CA VAL E 53 -46.21 -4.13 -33.87
C VAL E 53 -47.36 -4.78 -33.11
N MET E 54 -47.63 -4.27 -31.90
CA MET E 54 -48.73 -4.75 -31.07
C MET E 54 -49.47 -3.55 -30.52
N ASN E 55 -50.77 -3.49 -30.76
CA ASN E 55 -51.65 -2.45 -30.23
C ASN E 55 -52.64 -3.13 -29.30
N TYR E 56 -52.53 -2.85 -28.00
CA TYR E 56 -53.36 -3.47 -26.98
C TYR E 56 -54.17 -2.40 -26.25
N SER E 57 -55.35 -2.79 -25.79
CA SER E 57 -56.21 -1.92 -25.02
C SER E 57 -56.93 -2.76 -23.96
N ILE E 58 -57.95 -2.17 -23.35
CA ILE E 58 -58.71 -2.89 -22.33
C ILE E 58 -59.50 -4.03 -22.95
N GLU E 59 -60.05 -3.82 -24.15
CA GLU E 59 -60.91 -4.79 -24.81
C GLU E 59 -60.30 -5.35 -26.08
N GLU E 60 -59.92 -4.50 -27.03
CA GLU E 60 -59.48 -4.94 -28.35
C GLU E 60 -57.96 -4.99 -28.43
N PHE E 61 -57.45 -5.98 -29.17
CA PHE E 61 -56.03 -6.20 -29.35
C PHE E 61 -55.74 -6.56 -30.80
N ARG E 62 -54.58 -6.10 -31.30
CA ARG E 62 -54.16 -6.42 -32.65
C ARG E 62 -52.64 -6.53 -32.69
N GLU E 63 -52.14 -7.32 -33.63
CA GLU E 63 -50.71 -7.55 -33.77
C GLU E 63 -50.38 -7.78 -35.25
N PHE E 64 -49.24 -7.27 -35.69
CA PHE E 64 -48.78 -7.45 -37.06
C PHE E 64 -47.31 -7.81 -37.08
N LYS E 65 -46.96 -8.70 -38.01
CA LYS E 65 -45.60 -9.12 -38.31
C LYS E 65 -45.23 -8.57 -39.68
N THR E 66 -44.08 -7.91 -39.80
CA THR E 66 -43.82 -7.09 -40.98
C THR E 66 -42.33 -7.07 -41.28
N THR E 67 -42.01 -6.81 -42.55
CA THR E 67 -40.64 -6.67 -43.01
C THR E 67 -40.29 -5.21 -43.36
N ASP E 68 -41.29 -4.34 -43.51
CA ASP E 68 -41.04 -2.97 -43.92
C ASP E 68 -41.82 -1.99 -43.04
N VAL E 69 -41.96 -0.75 -43.48
CA VAL E 69 -42.41 0.35 -42.64
C VAL E 69 -43.87 0.68 -42.95
N GLU E 70 -44.61 -0.31 -43.44
CA GLU E 70 -46.01 -0.10 -43.83
C GLU E 70 -46.91 0.19 -42.62
N SER E 71 -46.33 0.31 -41.44
CA SER E 71 -47.06 0.57 -40.20
C SER E 71 -47.02 2.05 -39.83
N VAL E 72 -47.11 2.94 -40.82
CA VAL E 72 -47.01 4.37 -40.55
C VAL E 72 -48.15 4.85 -39.67
N LEU E 73 -49.38 4.38 -39.95
CA LEU E 73 -50.53 4.83 -39.17
C LEU E 73 -50.41 4.54 -37.68
N PRO E 74 -49.95 3.36 -37.23
CA PRO E 74 -49.71 3.19 -35.79
C PRO E 74 -48.73 4.20 -35.21
N PHE E 75 -47.77 4.68 -36.00
CA PHE E 75 -46.90 5.74 -35.54
C PHE E 75 -47.67 7.07 -35.50
N ARG E 76 -47.52 7.80 -34.39
CA ARG E 76 -48.21 9.07 -34.18
C ARG E 76 -49.73 8.90 -34.25
N ASP E 77 -50.22 7.73 -33.84
CA ASP E 77 -51.66 7.49 -33.83
C ASP E 77 -52.34 8.07 -32.59
N SER E 78 -51.59 8.30 -31.51
CA SER E 78 -52.11 8.82 -30.24
C SER E 78 -53.18 7.90 -29.64
N SER E 79 -53.27 6.66 -30.12
CA SER E 79 -54.23 5.70 -29.62
C SER E 79 -53.68 5.00 -28.39
N THR E 80 -54.30 3.88 -28.01
CA THR E 80 -53.82 3.11 -26.87
C THR E 80 -52.38 2.64 -27.11
N PRO E 81 -51.60 2.45 -26.03
CA PRO E 81 -50.17 2.10 -26.18
C PRO E 81 -49.85 1.13 -27.30
N THR E 82 -48.83 1.47 -28.08
CA THR E 82 -48.39 0.66 -29.22
C THR E 82 -46.92 0.29 -29.03
N TRP E 83 -46.64 -1.01 -29.09
CA TRP E 83 -45.30 -1.54 -28.87
C TRP E 83 -44.74 -2.02 -30.20
N ILE E 84 -43.64 -1.40 -30.63
CA ILE E 84 -43.02 -1.73 -31.91
C ILE E 84 -41.60 -2.22 -31.66
N ASN E 85 -41.25 -3.36 -32.24
CA ASN E 85 -39.93 -3.95 -32.11
C ASN E 85 -39.31 -4.04 -33.50
N ILE E 86 -38.10 -3.50 -33.65
CA ILE E 86 -37.32 -3.60 -34.86
C ILE E 86 -36.12 -4.48 -34.55
N THR E 87 -36.14 -5.71 -35.06
CA THR E 87 -35.07 -6.67 -34.86
C THR E 87 -34.16 -6.65 -36.08
N GLY E 88 -32.89 -6.37 -35.86
CA GLY E 88 -31.95 -6.18 -36.95
C GLY E 88 -31.97 -4.74 -37.42
N ILE E 89 -30.81 -4.08 -37.36
CA ILE E 89 -30.73 -2.67 -37.72
C ILE E 89 -29.84 -2.52 -38.95
N HIS E 90 -29.75 -3.58 -39.76
CA HIS E 90 -28.97 -3.53 -40.99
C HIS E 90 -29.48 -2.41 -41.89
N ARG E 91 -30.78 -2.37 -42.11
CA ARG E 91 -31.41 -1.30 -42.88
C ARG E 91 -31.54 -0.09 -41.98
N THR E 92 -30.48 0.71 -41.91
CA THR E 92 -30.52 1.96 -41.14
C THR E 92 -31.47 2.98 -41.76
N ASP E 93 -31.93 2.73 -43.00
CA ASP E 93 -32.88 3.64 -43.63
C ASP E 93 -34.19 3.71 -42.86
N VAL E 94 -34.68 2.58 -42.34
CA VAL E 94 -35.89 2.62 -41.52
C VAL E 94 -35.62 3.35 -40.21
N VAL E 95 -34.41 3.22 -39.66
CA VAL E 95 -34.06 3.96 -38.45
C VAL E 95 -34.12 5.46 -38.72
N GLN E 96 -33.57 5.90 -39.84
CA GLN E 96 -33.68 7.30 -40.21
C GLN E 96 -35.13 7.72 -40.44
N ARG E 97 -35.91 6.84 -41.08
CA ARG E 97 -37.30 7.18 -41.36
C ARG E 97 -38.08 7.42 -40.08
N VAL E 98 -37.92 6.53 -39.09
CA VAL E 98 -38.56 6.76 -37.79
C VAL E 98 -37.86 7.85 -36.99
N GLY E 99 -36.64 8.23 -37.37
CA GLY E 99 -35.97 9.32 -36.68
C GLY E 99 -36.39 10.70 -37.13
N GLU E 100 -36.82 10.84 -38.37
CA GLU E 100 -37.49 12.08 -38.77
C GLU E 100 -39.00 12.03 -38.61
N PHE E 101 -39.61 10.84 -38.61
CA PHE E 101 -41.04 10.77 -38.30
C PHE E 101 -41.29 10.95 -36.81
N PHE E 102 -40.47 10.31 -35.97
CA PHE E 102 -40.49 10.51 -34.53
C PHE E 102 -39.29 11.35 -34.15
N GLY E 103 -39.51 12.37 -33.32
CA GLY E 103 -38.41 13.22 -32.88
C GLY E 103 -37.33 12.42 -32.17
N ILE E 104 -36.07 12.63 -32.56
CA ILE E 104 -34.96 11.89 -31.95
C ILE E 104 -33.79 12.77 -31.56
N HIS E 105 -33.71 14.03 -32.02
CA HIS E 105 -32.46 14.79 -31.96
C HIS E 105 -31.36 13.97 -32.61
N PRO E 106 -31.33 13.91 -33.96
CA PRO E 106 -30.54 12.89 -34.69
C PRO E 106 -29.12 12.63 -34.20
N LEU E 107 -28.55 13.55 -33.40
CA LEU E 107 -27.19 13.35 -32.89
C LEU E 107 -27.06 12.13 -32.01
N VAL E 108 -28.16 11.43 -31.70
CA VAL E 108 -28.11 10.22 -30.88
C VAL E 108 -28.15 8.93 -31.70
N LEU E 109 -28.35 9.03 -33.02
CA LEU E 109 -28.34 7.83 -33.86
C LEU E 109 -26.99 7.13 -33.80
N GLU E 110 -25.91 7.91 -33.75
CA GLU E 110 -24.59 7.32 -33.59
C GLU E 110 -24.49 6.54 -32.28
N ASP E 111 -25.10 7.06 -31.22
CA ASP E 111 -25.13 6.33 -29.96
C ASP E 111 -25.96 5.05 -30.07
N ILE E 112 -27.08 5.09 -30.81
CA ILE E 112 -27.92 3.91 -30.91
C ILE E 112 -27.24 2.82 -31.73
N LEU E 113 -26.65 3.17 -32.87
CA LEU E 113 -26.19 2.17 -33.82
C LEU E 113 -25.06 1.31 -33.24
N ASN E 114 -24.05 1.94 -32.64
CA ASN E 114 -22.93 1.19 -32.08
C ASN E 114 -23.41 0.37 -30.88
N VAL E 115 -23.01 -0.90 -30.84
CA VAL E 115 -23.52 -1.81 -29.82
C VAL E 115 -22.62 -1.82 -28.60
N HIS E 116 -21.32 -1.54 -28.77
CA HIS E 116 -20.37 -1.55 -27.67
C HIS E 116 -20.37 -0.17 -27.01
N GLN E 117 -21.40 0.07 -26.20
CA GLN E 117 -21.56 1.32 -25.49
C GLN E 117 -22.20 1.06 -24.13
N ARG E 118 -21.78 1.85 -23.13
CA ARG E 118 -22.30 1.65 -21.79
C ARG E 118 -23.76 2.10 -21.71
N PRO E 119 -24.57 1.43 -20.88
CA PRO E 119 -25.96 1.84 -20.71
C PRO E 119 -26.06 3.27 -20.20
N LYS E 120 -27.02 4.02 -20.73
CA LYS E 120 -27.15 5.43 -20.41
C LYS E 120 -28.54 5.90 -20.77
N VAL E 121 -28.93 7.02 -20.16
CA VAL E 121 -30.31 7.52 -20.20
C VAL E 121 -30.30 8.97 -20.70
N GLU E 122 -31.27 9.29 -21.55
CA GLU E 122 -31.44 10.65 -22.07
C GLU E 122 -32.74 11.25 -21.54
N PHE E 123 -32.78 12.57 -21.46
CA PHE E 123 -33.93 13.28 -20.90
C PHE E 123 -34.54 14.21 -21.94
N PHE E 124 -34.76 13.72 -23.16
CA PHE E 124 -35.35 14.54 -24.20
C PHE E 124 -36.85 14.70 -23.96
N GLU E 125 -37.40 15.78 -24.53
CA GLU E 125 -38.82 16.06 -24.42
C GLU E 125 -39.61 15.23 -25.43
N ASN E 126 -40.80 14.80 -25.03
CA ASN E 126 -41.76 14.07 -25.86
C ASN E 126 -41.31 12.64 -26.12
N TYR E 127 -40.10 12.28 -25.71
CA TYR E 127 -39.61 10.92 -25.85
C TYR E 127 -38.41 10.74 -24.94
N VAL E 128 -38.37 9.61 -24.23
CA VAL E 128 -37.24 9.26 -23.38
C VAL E 128 -36.49 8.09 -24.01
N PHE E 129 -35.18 8.22 -24.12
CA PHE E 129 -34.32 7.24 -24.78
C PHE E 129 -33.34 6.64 -23.79
N ILE E 130 -33.30 5.32 -23.71
CA ILE E 130 -32.33 4.63 -22.87
C ILE E 130 -31.73 3.45 -23.64
N VAL E 131 -30.56 3.03 -23.19
CA VAL E 131 -29.85 1.90 -23.76
C VAL E 131 -29.61 0.88 -22.65
N LEU E 132 -30.01 -0.37 -22.89
CA LEU E 132 -29.81 -1.44 -21.93
C LEU E 132 -29.23 -2.64 -22.65
N LYS E 133 -28.24 -3.28 -22.04
CA LYS E 133 -27.50 -4.37 -22.67
C LYS E 133 -28.09 -5.71 -22.27
N MET E 134 -28.24 -6.60 -23.25
CA MET E 134 -28.72 -7.96 -23.01
C MET E 134 -27.52 -8.91 -22.99
N PHE E 135 -27.46 -9.75 -21.97
CA PHE E 135 -26.35 -10.67 -21.78
C PHE E 135 -26.81 -12.10 -22.00
N THR E 136 -26.04 -12.86 -22.78
CA THR E 136 -26.31 -14.26 -23.04
C THR E 136 -25.10 -15.08 -22.60
N TYR E 137 -25.35 -16.16 -21.86
CA TYR E 137 -24.30 -17.00 -21.31
C TYR E 137 -24.42 -18.41 -21.90
N ASP E 138 -23.28 -18.95 -22.33
CA ASP E 138 -23.20 -20.31 -22.85
C ASP E 138 -22.33 -21.14 -21.93
N LYS E 139 -22.84 -22.30 -21.49
CA LYS E 139 -22.08 -23.16 -20.60
C LYS E 139 -20.87 -23.77 -21.31
N ASN E 140 -21.04 -24.11 -22.59
CA ASN E 140 -19.96 -24.77 -23.32
C ASN E 140 -18.73 -23.87 -23.43
N LEU E 141 -18.94 -22.59 -23.75
CA LEU E 141 -17.86 -21.62 -23.85
C LEU E 141 -18.27 -20.41 -23.04
N HIS E 142 -17.51 -20.10 -21.99
CA HIS E 142 -17.85 -19.04 -21.04
C HIS E 142 -17.57 -17.69 -21.69
N GLU E 143 -18.54 -17.21 -22.46
CA GLU E 143 -18.48 -15.90 -23.09
C GLU E 143 -19.80 -15.18 -22.88
N LEU E 144 -19.73 -13.96 -22.37
CA LEU E 144 -20.93 -13.13 -22.16
C LEU E 144 -21.22 -12.39 -23.45
N GLU E 145 -22.07 -12.99 -24.29
CA GLU E 145 -22.44 -12.36 -25.54
C GLU E 145 -23.35 -11.16 -25.26
N SER E 146 -23.02 -10.02 -25.87
CA SER E 146 -23.76 -8.79 -25.68
C SER E 146 -24.68 -8.53 -26.86
N GLU E 147 -25.85 -7.96 -26.56
CA GLU E 147 -26.83 -7.62 -27.60
C GLU E 147 -27.53 -6.34 -27.14
N GLN E 148 -27.05 -5.21 -27.65
CA GLN E 148 -27.55 -3.91 -27.19
C GLN E 148 -29.02 -3.75 -27.53
N VAL E 149 -29.76 -3.14 -26.61
CA VAL E 149 -31.19 -2.94 -26.73
C VAL E 149 -31.49 -1.46 -26.53
N SER E 150 -32.26 -0.87 -27.44
CA SER E 150 -32.56 0.55 -27.42
C SER E 150 -34.04 0.75 -27.15
N LEU E 151 -34.35 1.42 -26.02
CA LEU E 151 -35.70 1.78 -25.64
C LEU E 151 -35.95 3.24 -26.00
N ILE E 152 -37.03 3.49 -26.74
CA ILE E 152 -37.49 4.87 -26.98
C ILE E 152 -38.99 4.93 -26.67
N LEU E 153 -39.36 5.78 -25.72
CA LEU E 153 -40.74 5.92 -25.30
C LEU E 153 -41.25 7.29 -25.75
N THR E 154 -42.23 7.28 -26.65
CA THR E 154 -42.92 8.47 -27.10
C THR E 154 -44.36 8.40 -26.62
N LYS E 155 -45.13 9.47 -26.92
CA LYS E 155 -46.50 9.57 -26.44
C LYS E 155 -47.31 8.35 -26.83
N ASN E 156 -47.70 7.56 -25.83
CA ASN E 156 -48.48 6.33 -26.03
C ASN E 156 -47.83 5.40 -27.03
N CYS E 157 -46.51 5.26 -26.96
CA CYS E 157 -45.81 4.36 -27.87
C CYS E 157 -44.46 3.99 -27.27
N VAL E 158 -44.06 2.73 -27.44
CA VAL E 158 -42.75 2.24 -27.03
C VAL E 158 -42.09 1.55 -28.21
N LEU E 159 -40.78 1.75 -28.34
CA LEU E 159 -40.01 1.33 -29.50
C LEU E 159 -38.74 0.64 -29.05
N MET E 160 -38.42 -0.47 -29.74
CA MET E 160 -37.38 -1.42 -29.33
C MET E 160 -36.43 -1.70 -30.48
N PHE E 161 -35.28 -1.06 -30.52
CA PHE E 161 -34.23 -1.51 -31.44
C PHE E 161 -33.43 -2.65 -30.84
N GLN E 162 -33.34 -3.75 -31.60
CA GLN E 162 -32.50 -4.89 -31.27
C GLN E 162 -31.63 -5.22 -32.47
N GLU E 163 -30.64 -6.09 -32.27
CA GLU E 163 -29.70 -6.42 -33.33
C GLU E 163 -29.61 -7.92 -33.64
N LYS E 164 -30.22 -8.79 -32.85
CA LYS E 164 -30.26 -10.21 -33.15
C LYS E 164 -31.66 -10.74 -32.88
N ILE E 165 -32.02 -11.80 -33.61
CA ILE E 165 -33.32 -12.43 -33.44
C ILE E 165 -33.39 -13.12 -32.09
N GLY E 166 -34.53 -13.01 -31.41
CA GLY E 166 -34.69 -13.61 -30.11
C GLY E 166 -34.47 -12.61 -28.98
N ASP E 167 -35.30 -12.67 -27.95
CA ASP E 167 -35.19 -11.75 -26.82
C ASP E 167 -35.78 -12.41 -25.59
N VAL E 168 -35.43 -11.85 -24.43
CA VAL E 168 -35.98 -12.29 -23.15
C VAL E 168 -37.27 -11.54 -22.82
N PHE E 169 -37.74 -10.69 -23.72
CA PHE E 169 -38.89 -9.82 -23.47
C PHE E 169 -40.21 -10.53 -23.71
N ASP E 170 -40.19 -11.69 -24.37
CA ASP E 170 -41.38 -12.36 -24.86
C ASP E 170 -42.37 -12.78 -23.77
N PRO E 171 -41.97 -13.06 -22.52
CA PRO E 171 -43.01 -13.28 -21.50
C PRO E 171 -43.96 -12.11 -21.36
N VAL E 172 -43.45 -10.88 -21.49
CA VAL E 172 -44.31 -9.71 -21.45
C VAL E 172 -45.38 -9.81 -22.53
N ARG E 173 -45.02 -10.37 -23.69
CA ARG E 173 -45.97 -10.54 -24.78
C ARG E 173 -47.21 -11.31 -24.31
N GLU E 174 -47.03 -12.33 -23.47
CA GLU E 174 -48.18 -13.05 -22.95
C GLU E 174 -49.13 -12.13 -22.22
N ARG E 175 -48.59 -11.27 -21.35
CA ARG E 175 -49.43 -10.29 -20.66
C ARG E 175 -50.18 -9.42 -21.64
N ILE E 176 -49.56 -9.11 -22.77
CA ILE E 176 -50.23 -8.31 -23.80
C ILE E 176 -51.33 -9.13 -24.46
N ARG E 177 -51.08 -10.42 -24.70
CA ARG E 177 -51.98 -11.21 -25.51
C ARG E 177 -53.07 -11.91 -24.68
N TYR E 178 -52.67 -12.62 -23.63
CA TYR E 178 -53.60 -13.43 -22.85
C TYR E 178 -54.33 -12.64 -21.78
N ASN E 179 -54.06 -11.33 -21.67
CA ASN E 179 -54.75 -10.44 -20.74
C ASN E 179 -54.59 -10.93 -19.29
N ARG E 180 -53.34 -10.94 -18.85
CA ARG E 180 -53.01 -11.24 -17.46
C ARG E 180 -52.27 -10.03 -16.87
N GLY E 181 -52.63 -9.68 -15.64
CA GLY E 181 -52.08 -8.51 -15.01
C GLY E 181 -52.83 -7.25 -15.38
N ILE E 182 -52.23 -6.12 -15.02
CA ILE E 182 -52.82 -4.81 -15.25
C ILE E 182 -52.14 -4.08 -16.41
N ILE E 183 -51.40 -4.83 -17.25
CA ILE E 183 -50.62 -4.21 -18.31
C ILE E 183 -51.52 -3.52 -19.34
N ARG E 184 -52.77 -4.00 -19.49
CA ARG E 184 -53.70 -3.45 -20.47
C ARG E 184 -54.56 -2.34 -19.91
N LYS E 185 -54.09 -1.63 -18.89
CA LYS E 185 -54.84 -0.53 -18.30
C LYS E 185 -54.03 0.75 -18.11
N LYS E 186 -52.78 0.78 -18.56
CA LYS E 186 -51.92 1.94 -18.38
C LYS E 186 -51.32 2.35 -19.72
N ARG E 187 -50.89 3.61 -19.78
CA ARG E 187 -50.55 4.26 -21.05
C ARG E 187 -49.04 4.18 -21.29
N ALA E 188 -48.60 3.00 -21.73
CA ALA E 188 -47.29 2.81 -22.35
C ALA E 188 -46.12 3.00 -21.40
N ASP E 189 -46.39 3.39 -20.15
CA ASP E 189 -45.32 3.49 -19.16
C ASP E 189 -45.20 2.22 -18.35
N TYR E 190 -46.33 1.62 -17.99
CA TYR E 190 -46.30 0.28 -17.39
C TYR E 190 -45.66 -0.72 -18.32
N LEU E 191 -45.81 -0.54 -19.63
CA LEU E 191 -45.13 -1.43 -20.58
C LEU E 191 -43.63 -1.27 -20.50
N LEU E 192 -43.14 -0.02 -20.39
CA LEU E 192 -41.71 0.21 -20.23
C LEU E 192 -41.20 -0.41 -18.92
N TYR E 193 -41.97 -0.25 -17.84
CA TYR E 193 -41.59 -0.88 -16.58
C TYR E 193 -41.53 -2.40 -16.71
N SER E 194 -42.49 -2.98 -17.42
CA SER E 194 -42.50 -4.43 -17.62
C SER E 194 -41.28 -4.88 -18.42
N LEU E 195 -40.92 -4.12 -19.46
CA LEU E 195 -39.75 -4.49 -20.26
C LEU E 195 -38.48 -4.44 -19.41
N ILE E 196 -38.30 -3.38 -18.62
CA ILE E 196 -37.11 -3.28 -17.78
C ILE E 196 -37.10 -4.39 -16.72
N ASP E 197 -38.29 -4.72 -16.18
CA ASP E 197 -38.37 -5.80 -15.21
C ASP E 197 -37.99 -7.14 -15.84
N ALA E 198 -38.42 -7.38 -17.08
CA ALA E 198 -38.05 -8.61 -17.78
C ALA E 198 -36.54 -8.68 -17.99
N LEU E 199 -35.92 -7.57 -18.37
CA LEU E 199 -34.47 -7.57 -18.53
C LEU E 199 -33.76 -7.82 -17.20
N VAL E 200 -34.29 -7.26 -16.10
CA VAL E 200 -33.71 -7.49 -14.79
C VAL E 200 -33.83 -8.96 -14.41
N ASP E 201 -34.97 -9.59 -14.73
CA ASP E 201 -35.12 -11.02 -14.46
C ASP E 201 -34.14 -11.84 -15.31
N ASP E 202 -33.86 -11.38 -16.53
CA ASP E 202 -32.82 -12.04 -17.33
C ASP E 202 -31.47 -11.94 -16.63
N TYR E 203 -31.15 -10.78 -16.07
CA TYR E 203 -29.91 -10.66 -15.29
C TYR E 203 -29.94 -11.61 -14.09
N PHE E 204 -31.10 -11.78 -13.46
CA PHE E 204 -31.18 -12.69 -12.33
C PHE E 204 -30.88 -14.13 -12.74
N VAL E 205 -31.44 -14.59 -13.85
CA VAL E 205 -31.18 -15.97 -14.27
C VAL E 205 -29.73 -16.13 -14.71
N LEU E 206 -29.15 -15.09 -15.32
CA LEU E 206 -27.73 -15.13 -15.67
C LEU E 206 -26.86 -15.25 -14.42
N LEU E 207 -27.21 -14.48 -13.38
CA LEU E 207 -26.48 -14.57 -12.12
C LEU E 207 -26.64 -15.94 -11.47
N GLU E 208 -27.82 -16.55 -11.61
CA GLU E 208 -28.00 -17.90 -11.10
C GLU E 208 -27.09 -18.89 -11.80
N LYS E 209 -27.00 -18.80 -13.13
CA LYS E 209 -26.11 -19.68 -13.86
C LYS E 209 -24.66 -19.47 -13.45
N ILE E 210 -24.25 -18.20 -13.30
CA ILE E 210 -22.88 -17.92 -12.90
C ILE E 210 -22.62 -18.40 -11.47
N ASP E 211 -23.62 -18.32 -10.59
CA ASP E 211 -23.47 -18.86 -9.24
C ASP E 211 -23.28 -20.37 -9.27
N ASP E 212 -24.02 -21.07 -10.12
CA ASP E 212 -23.82 -22.50 -10.27
C ASP E 212 -22.41 -22.82 -10.74
N GLU E 213 -21.92 -22.05 -11.72
CA GLU E 213 -20.55 -22.23 -12.19
C GLU E 213 -19.54 -21.95 -11.08
N ILE E 214 -19.80 -20.93 -10.26
CA ILE E 214 -18.91 -20.61 -9.16
C ILE E 214 -18.86 -21.76 -8.17
N ASP E 215 -20.02 -22.34 -7.85
CA ASP E 215 -20.06 -23.48 -6.93
C ASP E 215 -19.31 -24.68 -7.49
N VAL E 216 -19.46 -24.97 -8.78
CA VAL E 216 -18.79 -26.13 -9.34
C VAL E 216 -17.27 -25.89 -9.40
N LEU E 217 -16.85 -24.66 -9.70
CA LEU E 217 -15.42 -24.35 -9.67
C LEU E 217 -14.88 -24.45 -8.26
N GLU E 218 -15.65 -23.99 -7.27
CA GLU E 218 -15.21 -24.06 -5.88
C GLU E 218 -15.03 -25.51 -5.43
N GLU E 219 -15.99 -26.38 -5.76
CA GLU E 219 -15.86 -27.77 -5.35
C GLU E 219 -14.71 -28.45 -6.10
N GLU E 220 -14.49 -28.10 -7.37
CA GLU E 220 -13.35 -28.65 -8.09
C GLU E 220 -12.04 -28.23 -7.46
N VAL E 221 -11.92 -26.97 -7.06
CA VAL E 221 -10.68 -26.49 -6.45
C VAL E 221 -10.47 -27.13 -5.09
N LEU E 222 -11.51 -27.21 -4.27
CA LEU E 222 -11.37 -27.78 -2.93
C LEU E 222 -11.04 -29.27 -3.00
N GLU E 223 -11.72 -30.02 -3.85
CA GLU E 223 -11.55 -31.47 -3.87
C GLU E 223 -10.22 -31.86 -4.52
N ARG E 224 -10.04 -31.52 -5.79
CA ARG E 224 -8.87 -31.96 -6.56
C ARG E 224 -8.37 -30.83 -7.46
N PRO E 225 -7.26 -30.19 -7.09
CA PRO E 225 -6.74 -29.09 -7.92
C PRO E 225 -6.40 -29.55 -9.33
N GLU E 226 -6.53 -28.63 -10.28
CA GLU E 226 -6.29 -28.91 -11.68
C GLU E 226 -5.31 -27.89 -12.25
N LYS E 227 -4.60 -28.31 -13.31
CA LYS E 227 -3.56 -27.47 -13.87
C LYS E 227 -4.13 -26.19 -14.49
N GLU E 228 -5.14 -26.34 -15.34
CA GLU E 228 -5.69 -25.21 -16.08
C GLU E 228 -6.96 -24.65 -15.44
N THR E 229 -7.30 -25.08 -14.21
CA THR E 229 -8.41 -24.47 -13.50
C THR E 229 -8.16 -22.99 -13.22
N VAL E 230 -6.90 -22.56 -13.25
CA VAL E 230 -6.61 -21.13 -13.16
C VAL E 230 -7.16 -20.41 -14.37
N GLN E 231 -7.17 -21.05 -15.54
CA GLN E 231 -7.84 -20.47 -16.70
C GLN E 231 -9.32 -20.28 -16.44
N ARG E 232 -9.96 -21.29 -15.82
CA ARG E 232 -11.39 -21.19 -15.54
C ARG E 232 -11.68 -20.07 -14.55
N THR E 233 -10.88 -19.95 -13.49
CA THR E 233 -11.15 -18.89 -12.52
C THR E 233 -10.81 -17.51 -13.08
N HIS E 234 -9.82 -17.42 -13.97
CA HIS E 234 -9.56 -16.16 -14.65
C HIS E 234 -10.71 -15.76 -15.55
N GLN E 235 -11.27 -16.73 -16.29
CA GLN E 235 -12.44 -16.45 -17.12
C GLN E 235 -13.61 -16.01 -16.26
N LEU E 236 -13.81 -16.65 -15.12
CA LEU E 236 -14.87 -16.24 -14.20
C LEU E 236 -14.65 -14.82 -13.71
N LYS E 237 -13.41 -14.48 -13.36
CA LYS E 237 -13.12 -13.15 -12.85
C LYS E 237 -13.36 -12.08 -13.92
N ARG E 238 -12.93 -12.34 -15.16
CA ARG E 238 -13.15 -11.33 -16.20
C ARG E 238 -14.63 -11.21 -16.55
N ASN E 239 -15.36 -12.32 -16.57
CA ASN E 239 -16.80 -12.24 -16.79
C ASN E 239 -17.47 -11.42 -15.69
N LEU E 240 -17.03 -11.63 -14.44
CA LEU E 240 -17.59 -10.86 -13.33
C LEU E 240 -17.27 -9.38 -13.46
N VAL E 241 -16.07 -9.04 -13.92
CA VAL E 241 -15.71 -7.62 -14.01
C VAL E 241 -16.49 -6.94 -15.14
N GLU E 242 -16.70 -7.64 -16.26
CA GLU E 242 -17.57 -7.08 -17.30
C GLU E 242 -19.00 -6.92 -16.79
N LEU E 243 -19.51 -7.89 -16.05
CA LEU E 243 -20.84 -7.76 -15.48
C LEU E 243 -20.92 -6.56 -14.54
N ARG E 244 -19.90 -6.37 -13.72
CA ARG E 244 -19.87 -5.23 -12.80
C ARG E 244 -19.86 -3.90 -13.56
N LYS E 245 -19.01 -3.80 -14.58
CA LYS E 245 -18.92 -2.59 -15.38
C LYS E 245 -20.19 -2.32 -16.17
N THR E 246 -20.99 -3.36 -16.44
CA THR E 246 -22.27 -3.13 -17.08
C THR E 246 -23.36 -2.77 -16.07
N ILE E 247 -23.33 -3.41 -14.89
CA ILE E 247 -24.40 -3.23 -13.92
C ILE E 247 -24.37 -1.84 -13.30
N TRP E 248 -23.18 -1.32 -12.98
CA TRP E 248 -23.14 -0.04 -12.26
C TRP E 248 -23.80 1.09 -13.06
N PRO E 249 -23.47 1.33 -14.33
CA PRO E 249 -24.19 2.37 -15.08
C PRO E 249 -25.68 2.09 -15.21
N LEU E 250 -26.08 0.82 -15.29
CA LEU E 250 -27.50 0.51 -15.36
C LEU E 250 -28.18 0.82 -14.02
N ARG E 251 -27.45 0.63 -12.91
CA ARG E 251 -27.95 1.12 -11.64
C ARG E 251 -28.21 2.61 -11.72
N GLU E 252 -27.25 3.36 -12.26
CA GLU E 252 -27.40 4.81 -12.33
C GLU E 252 -28.56 5.20 -13.23
N VAL E 253 -28.76 4.47 -14.32
CA VAL E 253 -29.88 4.75 -15.22
C VAL E 253 -31.21 4.57 -14.49
N LEU E 254 -31.37 3.45 -13.78
CA LEU E 254 -32.62 3.25 -13.06
C LEU E 254 -32.78 4.25 -11.92
N SER E 255 -31.70 4.65 -11.27
CA SER E 255 -31.79 5.66 -10.22
C SER E 255 -32.26 6.99 -10.79
N SER E 256 -31.73 7.39 -11.95
CA SER E 256 -32.18 8.62 -12.60
C SER E 256 -33.64 8.51 -13.02
N LEU E 257 -34.05 7.35 -13.54
CA LEU E 257 -35.44 7.16 -13.95
C LEU E 257 -36.38 7.25 -12.75
N TYR E 258 -35.97 6.73 -11.60
CA TYR E 258 -36.82 6.74 -10.42
C TYR E 258 -36.87 8.12 -9.77
N ARG E 259 -35.72 8.64 -9.34
CA ARG E 259 -35.70 9.80 -8.47
C ARG E 259 -36.33 11.02 -9.12
N ASP E 260 -35.74 11.50 -10.22
CA ASP E 260 -36.25 12.66 -10.93
C ASP E 260 -37.23 12.16 -12.00
N VAL E 261 -38.52 12.21 -11.70
CA VAL E 261 -39.54 11.67 -12.58
C VAL E 261 -39.78 12.61 -13.76
N PRO E 262 -39.63 12.13 -14.99
CA PRO E 262 -40.00 12.93 -16.17
C PRO E 262 -41.50 13.09 -16.27
N PRO E 263 -41.98 14.09 -17.01
CA PRO E 263 -43.43 14.26 -17.16
C PRO E 263 -44.12 13.11 -17.88
N LEU E 264 -43.39 12.31 -18.66
CA LEU E 264 -44.02 11.21 -19.38
C LEU E 264 -44.62 10.18 -18.42
N ILE E 265 -43.90 9.84 -17.36
CA ILE E 265 -44.41 8.90 -16.38
C ILE E 265 -45.61 9.51 -15.65
N GLU E 266 -46.67 8.72 -15.50
CA GLU E 266 -47.94 9.17 -14.95
C GLU E 266 -47.89 9.34 -13.43
N LYS E 267 -46.75 9.12 -12.80
CA LYS E 267 -46.54 9.24 -11.35
C LYS E 267 -47.21 8.07 -10.64
N GLU E 268 -47.96 7.26 -11.38
CA GLU E 268 -48.56 6.05 -10.84
C GLU E 268 -47.65 4.84 -10.94
N THR E 269 -46.71 4.85 -11.88
CA THR E 269 -45.80 3.73 -12.10
C THR E 269 -44.43 3.94 -11.44
N VAL E 270 -44.24 5.05 -10.72
CA VAL E 270 -42.98 5.25 -10.00
C VAL E 270 -42.73 4.17 -8.96
N PRO E 271 -43.71 3.77 -8.14
CA PRO E 271 -43.45 2.63 -7.23
C PRO E 271 -43.06 1.36 -7.95
N TYR E 272 -43.52 1.17 -9.19
CA TYR E 272 -43.06 0.03 -9.97
C TYR E 272 -41.59 0.15 -10.33
N PHE E 273 -41.13 1.36 -10.65
CA PHE E 273 -39.70 1.59 -10.87
C PHE E 273 -38.90 1.40 -9.58
N ARG E 274 -39.54 1.59 -8.42
CA ARG E 274 -38.84 1.40 -7.16
C ARG E 274 -38.31 -0.03 -7.02
N ASP E 275 -39.15 -1.02 -7.35
CA ASP E 275 -38.69 -2.41 -7.22
C ASP E 275 -37.64 -2.76 -8.25
N VAL E 276 -37.69 -2.17 -9.45
CA VAL E 276 -36.62 -2.41 -10.42
C VAL E 276 -35.31 -1.85 -9.90
N TYR E 277 -35.35 -0.66 -9.29
CA TYR E 277 -34.15 -0.10 -8.68
C TYR E 277 -33.62 -1.00 -7.57
N ASP E 278 -34.52 -1.50 -6.72
CA ASP E 278 -34.09 -2.40 -5.66
C ASP E 278 -33.47 -3.68 -6.21
N HIS E 279 -34.05 -4.20 -7.29
CA HIS E 279 -33.48 -5.38 -7.94
C HIS E 279 -32.09 -5.10 -8.48
N THR E 280 -31.88 -3.91 -9.06
CA THR E 280 -30.55 -3.55 -9.54
C THR E 280 -29.56 -3.47 -8.38
N ILE E 281 -29.98 -2.91 -7.24
CA ILE E 281 -29.11 -2.87 -6.07
C ILE E 281 -28.73 -4.28 -5.65
N GLN E 282 -29.72 -5.18 -5.60
CA GLN E 282 -29.46 -6.56 -5.20
C GLN E 282 -28.50 -7.25 -6.17
N ILE E 283 -28.67 -7.00 -7.47
CA ILE E 283 -27.80 -7.60 -8.47
C ILE E 283 -26.36 -7.11 -8.29
N ALA E 284 -26.19 -5.81 -8.04
CA ALA E 284 -24.84 -5.29 -7.83
C ALA E 284 -24.19 -5.91 -6.60
N ASP E 285 -24.95 -6.04 -5.50
CA ASP E 285 -24.40 -6.67 -4.30
C ASP E 285 -24.01 -8.12 -4.56
N THR E 286 -24.85 -8.85 -5.30
CA THR E 286 -24.54 -10.24 -5.63
C THR E 286 -23.27 -10.34 -6.47
N VAL E 287 -23.11 -9.42 -7.43
CA VAL E 287 -21.90 -9.43 -8.25
C VAL E 287 -20.67 -9.18 -7.39
N GLU E 288 -20.76 -8.25 -6.44
CA GLU E 288 -19.63 -7.99 -5.55
C GLU E 288 -19.28 -9.23 -4.73
N THR E 289 -20.30 -9.91 -4.20
CA THR E 289 -20.05 -11.12 -3.43
C THR E 289 -19.40 -12.20 -4.28
N PHE E 290 -19.85 -12.33 -5.54
CA PHE E 290 -19.23 -13.31 -6.44
C PHE E 290 -17.76 -12.99 -6.67
N ARG E 291 -17.44 -11.71 -6.88
CA ARG E 291 -16.05 -11.33 -7.07
C ARG E 291 -15.21 -11.70 -5.85
N ASP E 292 -15.75 -11.42 -4.65
CA ASP E 292 -14.99 -11.73 -3.44
C ASP E 292 -14.76 -13.23 -3.28
N ILE E 293 -15.79 -14.04 -3.55
CA ILE E 293 -15.63 -15.49 -3.35
C ILE E 293 -14.65 -16.07 -4.37
N VAL E 294 -14.67 -15.56 -5.61
CA VAL E 294 -13.70 -16.02 -6.59
C VAL E 294 -12.29 -15.64 -6.16
N SER E 295 -12.11 -14.41 -5.65
CA SER E 295 -10.80 -14.00 -5.17
C SER E 295 -10.31 -14.91 -4.05
N GLY E 296 -11.21 -15.33 -3.17
CA GLY E 296 -10.82 -16.29 -2.12
C GLY E 296 -10.43 -17.65 -2.68
N LEU E 297 -11.20 -18.15 -3.66
CA LEU E 297 -10.88 -19.42 -4.29
C LEU E 297 -9.50 -19.42 -4.90
N LEU E 298 -9.08 -18.27 -5.43
CA LEU E 298 -7.73 -18.15 -6.00
C LEU E 298 -6.66 -18.55 -4.99
N ASP E 299 -6.68 -17.95 -3.81
CA ASP E 299 -5.68 -18.25 -2.80
C ASP E 299 -5.87 -19.65 -2.21
N VAL E 300 -7.10 -20.16 -2.20
CA VAL E 300 -7.31 -21.55 -1.80
C VAL E 300 -6.54 -22.49 -2.73
N TYR E 301 -6.64 -22.24 -4.05
CA TYR E 301 -5.92 -23.06 -5.01
C TYR E 301 -4.41 -22.93 -4.82
N LEU E 302 -3.93 -21.72 -4.57
CA LEU E 302 -2.50 -21.54 -4.31
C LEU E 302 -2.04 -22.36 -3.10
N SER E 303 -2.83 -22.34 -2.03
CA SER E 303 -2.49 -23.11 -0.84
C SER E 303 -2.48 -24.61 -1.14
N SER E 304 -3.42 -25.08 -1.94
CA SER E 304 -3.44 -26.49 -2.31
C SER E 304 -2.18 -26.87 -3.09
N VAL E 305 -1.74 -25.99 -4.00
CA VAL E 305 -0.52 -26.27 -4.76
C VAL E 305 0.68 -26.37 -3.81
N SER E 306 0.78 -25.44 -2.85
CA SER E 306 1.89 -25.49 -1.90
C SER E 306 1.86 -26.78 -1.07
N ASN E 307 0.66 -27.19 -0.63
CA ASN E 307 0.54 -28.43 0.13
C ASN E 307 0.99 -29.63 -0.68
N LYS E 308 0.64 -29.68 -1.97
CA LYS E 308 1.01 -30.84 -2.76
C LYS E 308 2.52 -30.85 -3.01
N THR E 309 3.13 -29.67 -3.17
CA THR E 309 4.59 -29.61 -3.28
C THR E 309 5.25 -30.12 -2.00
N ASN E 310 4.68 -29.77 -0.84
CA ASN E 310 5.18 -30.32 0.42
C ASN E 310 5.06 -31.84 0.44
N GLU E 311 3.96 -32.37 -0.09
CA GLU E 311 3.79 -33.83 -0.17
C GLU E 311 4.89 -34.46 -1.04
N VAL E 312 5.21 -33.82 -2.16
CA VAL E 312 6.28 -34.32 -3.02
C VAL E 312 7.60 -34.33 -2.27
N MET E 313 7.90 -33.26 -1.54
CA MET E 313 9.06 -33.25 -0.65
C MET E 313 9.05 -34.44 0.30
N LYS E 314 7.91 -34.71 0.92
CA LYS E 314 7.86 -35.77 1.92
C LYS E 314 8.18 -37.12 1.29
N VAL E 315 7.54 -37.43 0.16
CA VAL E 315 7.73 -38.74 -0.45
C VAL E 315 9.16 -38.90 -0.98
N LEU E 316 9.69 -37.87 -1.65
CA LEU E 316 11.04 -37.98 -2.19
C LEU E 316 12.08 -38.09 -1.08
N THR E 317 11.94 -37.28 -0.02
CA THR E 317 12.87 -37.37 1.10
C THR E 317 12.81 -38.73 1.74
N ILE E 318 11.60 -39.28 1.93
CA ILE E 318 11.48 -40.59 2.56
C ILE E 318 12.17 -41.65 1.72
N ILE E 319 11.92 -41.66 0.40
CA ILE E 319 12.53 -42.67 -0.46
C ILE E 319 14.05 -42.55 -0.44
N ALA E 320 14.56 -41.31 -0.56
CA ALA E 320 16.00 -41.11 -0.61
C ALA E 320 16.66 -41.57 0.68
N THR E 321 16.08 -41.22 1.84
CA THR E 321 16.70 -41.60 3.10
C THR E 321 16.50 -43.08 3.42
N ILE E 322 15.49 -43.73 2.86
CA ILE E 322 15.37 -45.17 3.01
C ILE E 322 16.46 -45.87 2.23
N PHE E 323 16.65 -45.49 0.97
CA PHE E 323 17.44 -46.31 0.05
C PHE E 323 18.84 -45.78 -0.24
N MET E 324 19.26 -44.67 0.34
CA MET E 324 20.66 -44.29 0.20
C MET E 324 21.55 -45.02 1.19
N PRO E 325 21.22 -45.05 2.50
CA PRO E 325 22.08 -45.81 3.43
C PRO E 325 22.16 -47.29 3.12
N LEU E 326 21.03 -47.89 2.72
CA LEU E 326 21.05 -49.31 2.38
C LEU E 326 21.93 -49.57 1.15
N THR E 327 21.83 -48.71 0.14
CA THR E 327 22.69 -48.85 -1.04
C THR E 327 24.15 -48.67 -0.67
N PHE E 328 24.46 -47.71 0.21
CA PHE E 328 25.85 -47.52 0.63
C PHE E 328 26.37 -48.73 1.39
N ILE E 329 25.57 -49.32 2.27
CA ILE E 329 26.01 -50.50 3.00
C ILE E 329 26.23 -51.67 2.04
N ALA E 330 25.33 -51.85 1.08
CA ALA E 330 25.52 -52.90 0.07
C ALA E 330 26.80 -52.67 -0.73
N GLY E 331 27.08 -51.42 -1.08
CA GLY E 331 28.29 -51.13 -1.82
C GLY E 331 29.56 -51.36 -1.02
N ILE E 332 29.56 -50.93 0.25
CA ILE E 332 30.75 -51.11 1.08
C ILE E 332 30.96 -52.58 1.41
N TYR E 333 29.90 -53.38 1.44
CA TYR E 333 30.07 -54.82 1.53
C TYR E 333 30.31 -55.47 0.17
N GLY E 334 30.22 -54.70 -0.91
CA GLY E 334 30.61 -55.12 -2.23
C GLY E 334 32.06 -54.86 -2.58
N MET E 335 32.83 -54.37 -1.62
CA MET E 335 34.25 -54.12 -1.85
C MET E 335 34.96 -55.43 -2.19
N ASN E 336 35.74 -55.43 -3.28
CA ASN E 336 36.45 -56.62 -3.68
C ASN E 336 37.49 -57.01 -2.63
N PHE E 337 38.56 -56.21 -2.52
CA PHE E 337 39.65 -56.38 -1.57
C PHE E 337 40.06 -57.84 -1.40
N GLU E 338 40.69 -58.18 -0.28
CA GLU E 338 40.84 -59.59 0.08
C GLU E 338 40.63 -59.89 1.55
N TYR E 339 40.62 -58.88 2.44
CA TYR E 339 40.53 -59.09 3.88
C TYR E 339 39.14 -58.70 4.36
N MET E 340 38.39 -59.68 4.84
CA MET E 340 37.01 -59.47 5.31
C MET E 340 36.54 -60.66 6.13
N PRO E 341 35.88 -60.43 7.28
CA PRO E 341 35.24 -61.52 8.02
C PRO E 341 33.86 -61.90 7.49
N GLU E 342 33.75 -62.03 6.16
CA GLU E 342 32.55 -62.61 5.57
C GLU E 342 32.40 -64.07 5.98
N LEU E 343 33.50 -64.81 5.98
CA LEU E 343 33.51 -66.14 6.57
C LEU E 343 33.24 -66.04 8.06
N ARG E 344 32.59 -67.07 8.60
CA ARG E 344 32.23 -67.11 10.02
C ARG E 344 31.32 -65.93 10.36
N TRP E 345 31.30 -65.53 11.64
CA TRP E 345 30.48 -64.41 12.10
C TRP E 345 29.00 -64.63 11.77
N LYS E 346 28.52 -65.87 11.97
CA LYS E 346 27.15 -66.26 11.63
C LYS E 346 26.86 -66.00 10.16
N TRP E 347 27.85 -66.25 9.30
CA TRP E 347 27.82 -65.90 7.89
C TRP E 347 27.61 -64.39 7.71
N GLY E 348 27.43 -63.93 6.48
CA GLY E 348 27.23 -62.51 6.27
C GLY E 348 25.94 -62.16 5.56
N TYR E 349 25.45 -63.06 4.73
CA TYR E 349 24.25 -62.77 3.93
C TYR E 349 23.02 -62.54 4.79
N PRO E 350 22.58 -63.49 5.64
CA PRO E 350 21.42 -63.20 6.48
C PRO E 350 21.68 -62.06 7.46
N VAL E 351 22.91 -61.90 7.93
CA VAL E 351 23.22 -60.84 8.88
C VAL E 351 22.97 -59.48 8.26
N VAL E 352 23.49 -59.25 7.06
CA VAL E 352 23.30 -57.96 6.41
C VAL E 352 21.84 -57.79 5.97
N LEU E 353 21.22 -58.87 5.48
CA LEU E 353 19.83 -58.78 5.03
C LEU E 353 18.87 -58.51 6.19
N ALA E 354 19.26 -58.87 7.41
CA ALA E 354 18.43 -58.57 8.57
C ALA E 354 18.76 -57.21 9.18
N VAL E 355 20.03 -56.82 9.19
CA VAL E 355 20.38 -55.52 9.74
C VAL E 355 19.82 -54.40 8.87
N MET E 356 19.81 -54.59 7.54
CA MET E 356 19.21 -53.60 6.66
C MET E 356 17.71 -53.50 6.91
N GLY E 357 17.04 -54.64 7.07
CA GLY E 357 15.61 -54.62 7.36
C GLY E 357 15.30 -53.92 8.68
N VAL E 358 16.07 -54.21 9.72
CA VAL E 358 15.76 -53.62 11.02
C VAL E 358 16.07 -52.13 11.02
N ILE E 359 17.15 -51.70 10.36
CA ILE E 359 17.42 -50.27 10.30
C ILE E 359 16.37 -49.55 9.47
N ALA E 360 15.89 -50.19 8.40
CA ALA E 360 14.83 -49.59 7.61
C ALA E 360 13.55 -49.44 8.43
N VAL E 361 13.19 -50.47 9.20
CA VAL E 361 11.99 -50.38 10.03
C VAL E 361 12.17 -49.32 11.11
N ILE E 362 13.37 -49.22 11.69
CA ILE E 362 13.62 -48.22 12.72
C ILE E 362 13.45 -46.82 12.14
N MET E 363 14.00 -46.57 10.95
CA MET E 363 13.87 -45.23 10.38
C MET E 363 12.45 -44.95 9.89
N VAL E 364 11.73 -45.97 9.44
CA VAL E 364 10.33 -45.78 9.06
C VAL E 364 9.49 -45.38 10.27
N VAL E 365 9.65 -46.10 11.39
CA VAL E 365 8.91 -45.73 12.59
C VAL E 365 9.44 -44.44 13.19
N TYR E 366 10.68 -44.06 12.86
CA TYR E 366 11.16 -42.71 13.18
C TYR E 366 10.36 -41.67 12.42
N PHE E 367 10.06 -41.95 11.15
CA PHE E 367 9.19 -41.04 10.40
C PHE E 367 7.76 -41.07 10.91
N LYS E 368 7.33 -42.17 11.52
CA LYS E 368 6.00 -42.23 12.11
C LYS E 368 5.87 -41.23 13.26
N LYS E 369 6.97 -40.98 13.98
CA LYS E 369 6.96 -39.95 15.01
C LYS E 369 6.71 -38.58 14.41
N LYS E 370 7.33 -38.30 13.26
CA LYS E 370 7.13 -37.03 12.57
C LYS E 370 5.85 -37.00 11.76
N LYS E 371 5.18 -38.15 11.60
CA LYS E 371 3.91 -38.24 10.88
C LYS E 371 4.04 -37.75 9.44
N TRP E 372 4.86 -38.46 8.67
CA TRP E 372 5.05 -38.17 7.25
C TRP E 372 4.41 -39.22 6.35
N LEU E 373 4.73 -40.49 6.56
CA LEU E 373 4.16 -41.57 5.77
C LEU E 373 4.34 -42.91 6.47
N GLU F 24 -29.29 -28.45 -9.26
CA GLU F 24 -28.70 -27.21 -8.74
C GLU F 24 -28.97 -27.06 -7.25
N GLU F 25 -29.79 -26.08 -6.90
CA GLU F 25 -30.10 -25.81 -5.50
C GLU F 25 -31.52 -25.26 -5.41
N LYS F 26 -32.09 -25.37 -4.20
CA LYS F 26 -33.46 -24.88 -3.98
C LYS F 26 -33.49 -23.36 -3.91
N ARG F 27 -32.49 -22.75 -3.27
CA ARG F 27 -32.48 -21.30 -3.06
C ARG F 27 -32.04 -20.62 -4.34
N LEU F 28 -33.00 -20.45 -5.25
CA LEU F 28 -32.79 -19.74 -6.50
C LEU F 28 -33.48 -18.39 -6.43
N SER F 29 -32.74 -17.33 -6.77
CA SER F 29 -33.28 -15.97 -6.72
C SER F 29 -34.06 -15.65 -8.00
N ALA F 30 -35.05 -16.48 -8.28
CA ALA F 30 -35.86 -16.36 -9.49
C ALA F 30 -37.34 -16.48 -9.12
N LYS F 31 -38.15 -15.58 -9.68
CA LYS F 31 -39.60 -15.68 -9.62
C LYS F 31 -40.23 -15.73 -11.00
N LYS F 32 -39.41 -15.92 -12.04
CA LYS F 32 -39.87 -16.01 -13.43
C LYS F 32 -40.59 -14.75 -13.87
N GLY F 33 -41.27 -14.82 -15.01
CA GLY F 33 -41.95 -13.66 -15.57
C GLY F 33 -43.37 -13.49 -15.08
N LEU F 34 -43.60 -13.77 -13.80
CA LEU F 34 -44.92 -13.58 -13.23
C LEU F 34 -45.28 -12.10 -13.19
N PRO F 35 -46.56 -11.77 -13.32
CA PRO F 35 -46.95 -10.37 -13.30
C PRO F 35 -46.64 -9.74 -11.96
N PRO F 36 -46.42 -8.42 -11.93
CA PRO F 36 -46.13 -7.75 -10.65
C PRO F 36 -47.24 -7.87 -9.62
N GLY F 37 -48.47 -8.16 -10.05
CA GLY F 37 -49.55 -8.38 -9.11
C GLY F 37 -49.70 -9.83 -8.70
N THR F 38 -48.58 -10.51 -8.48
CA THR F 38 -48.57 -11.91 -8.09
C THR F 38 -47.97 -12.04 -6.70
N LEU F 39 -48.49 -12.98 -5.92
CA LEU F 39 -48.07 -13.15 -4.54
C LEU F 39 -47.56 -14.57 -4.28
N VAL F 40 -46.67 -15.06 -5.13
CA VAL F 40 -46.07 -16.38 -4.94
C VAL F 40 -45.04 -16.29 -3.83
N TYR F 41 -45.16 -17.16 -2.84
CA TYR F 41 -44.26 -17.18 -1.69
C TYR F 41 -43.02 -18.00 -2.04
N THR F 42 -41.88 -17.33 -2.17
CA THR F 42 -40.63 -17.98 -2.55
C THR F 42 -39.83 -18.33 -1.31
N GLY F 43 -40.35 -19.29 -0.55
CA GLY F 43 -39.70 -19.74 0.66
C GLY F 43 -39.71 -21.26 0.75
N LYS F 44 -39.11 -21.77 1.83
CA LYS F 44 -39.03 -23.20 2.07
C LYS F 44 -39.60 -23.62 3.41
N TYR F 45 -40.14 -22.70 4.20
CA TYR F 45 -40.67 -23.01 5.52
C TYR F 45 -42.19 -23.05 5.45
N ARG F 46 -42.78 -24.20 5.76
CA ARG F 46 -44.22 -24.41 5.81
C ARG F 46 -44.59 -25.17 7.07
N GLU F 47 -44.05 -24.74 8.20
CA GLU F 47 -44.22 -25.48 9.45
C GLU F 47 -45.56 -25.17 10.11
N ASP F 48 -45.80 -23.91 10.47
CA ASP F 48 -47.00 -23.54 11.18
C ASP F 48 -47.35 -22.09 10.87
N PHE F 49 -48.61 -21.74 11.13
CA PHE F 49 -49.13 -20.40 10.89
C PHE F 49 -49.90 -19.93 12.12
N GLU F 50 -49.43 -18.86 12.74
CA GLU F 50 -50.08 -18.32 13.94
C GLU F 50 -50.18 -16.81 13.81
N ILE F 51 -51.15 -16.24 14.52
CA ILE F 51 -51.32 -14.79 14.62
C ILE F 51 -51.39 -14.43 16.10
N GLU F 52 -50.47 -13.57 16.54
CA GLU F 52 -50.37 -13.18 17.93
C GLU F 52 -50.61 -11.68 18.05
N VAL F 53 -51.51 -11.29 18.94
CA VAL F 53 -51.87 -9.89 19.15
C VAL F 53 -51.48 -9.49 20.57
N MET F 54 -50.88 -8.31 20.69
CA MET F 54 -50.30 -7.81 21.93
C MET F 54 -50.75 -6.37 22.18
N ASN F 55 -52.05 -6.13 22.06
CA ASN F 55 -52.58 -4.79 22.30
C ASN F 55 -52.31 -4.35 23.72
N TYR F 56 -51.92 -3.09 23.88
CA TYR F 56 -51.49 -2.59 25.19
C TYR F 56 -51.66 -1.08 25.23
N SER F 57 -51.69 -0.55 26.45
CA SER F 57 -51.74 0.88 26.69
C SER F 57 -51.03 1.17 28.01
N ILE F 58 -51.13 2.42 28.47
CA ILE F 58 -50.40 2.83 29.67
C ILE F 58 -50.87 2.04 30.88
N GLU F 59 -52.18 1.87 31.04
CA GLU F 59 -52.75 1.21 32.20
C GLU F 59 -53.43 -0.12 31.87
N GLU F 60 -53.27 -0.63 30.66
CA GLU F 60 -53.92 -1.86 30.25
C GLU F 60 -52.92 -2.72 29.46
N PHE F 61 -53.29 -3.98 29.27
CA PHE F 61 -52.46 -4.92 28.53
C PHE F 61 -53.33 -6.09 28.08
N ARG F 62 -53.12 -6.53 26.84
CA ARG F 62 -53.85 -7.67 26.29
C ARG F 62 -52.93 -8.46 25.39
N GLU F 63 -53.26 -9.73 25.21
CA GLU F 63 -52.42 -10.65 24.45
C GLU F 63 -53.21 -11.92 24.16
N PHE F 64 -53.11 -12.41 22.93
CA PHE F 64 -53.68 -13.71 22.60
C PHE F 64 -53.04 -14.25 21.33
N LYS F 65 -53.18 -15.56 21.14
CA LYS F 65 -52.71 -16.25 19.96
C LYS F 65 -53.86 -17.00 19.31
N THR F 66 -53.92 -16.97 17.98
CA THR F 66 -55.03 -17.57 17.26
C THR F 66 -54.58 -17.94 15.85
N THR F 67 -55.53 -18.42 15.06
CA THR F 67 -55.31 -18.71 13.65
C THR F 67 -56.40 -18.12 12.77
N ASP F 68 -57.21 -17.21 13.29
CA ASP F 68 -58.32 -16.60 12.57
C ASP F 68 -57.93 -15.20 12.15
N VAL F 69 -58.04 -14.91 10.85
CA VAL F 69 -57.67 -13.59 10.34
C VAL F 69 -58.65 -12.53 10.82
N GLU F 70 -59.95 -12.82 10.69
CA GLU F 70 -60.97 -11.81 10.99
C GLU F 70 -60.91 -11.34 12.43
N SER F 71 -60.30 -12.12 13.33
CA SER F 71 -60.17 -11.71 14.72
C SER F 71 -59.37 -10.43 14.88
N VAL F 72 -58.50 -10.09 13.92
CA VAL F 72 -57.74 -8.85 13.97
C VAL F 72 -58.37 -7.76 13.12
N LEU F 73 -59.62 -7.94 12.71
CA LEU F 73 -60.29 -6.91 11.89
C LEU F 73 -60.43 -5.58 12.61
N PRO F 74 -60.92 -5.48 13.84
CA PRO F 74 -61.10 -4.15 14.45
C PRO F 74 -59.82 -3.51 14.95
N PHE F 75 -58.67 -4.15 14.79
CA PHE F 75 -57.41 -3.59 15.26
C PHE F 75 -56.79 -2.61 14.28
N ARG F 76 -57.34 -2.49 13.07
CA ARG F 76 -56.80 -1.54 12.10
C ARG F 76 -56.94 -0.10 12.60
N ASP F 77 -58.09 0.23 13.18
CA ASP F 77 -58.38 1.58 13.64
C ASP F 77 -58.34 1.71 15.16
N SER F 78 -57.69 0.77 15.84
CA SER F 78 -57.59 0.84 17.30
C SER F 78 -56.76 2.04 17.72
N SER F 79 -57.23 2.75 18.75
CA SER F 79 -56.50 3.93 19.23
C SER F 79 -55.21 3.54 19.93
N THR F 80 -55.26 2.56 20.82
CA THR F 80 -54.07 2.12 21.52
C THR F 80 -53.16 1.34 20.57
N PRO F 81 -51.84 1.45 20.75
CA PRO F 81 -50.92 0.70 19.88
C PRO F 81 -51.11 -0.80 20.02
N THR F 82 -51.00 -1.50 18.91
CA THR F 82 -51.10 -2.95 18.87
C THR F 82 -49.91 -3.52 18.10
N TRP F 83 -49.61 -4.78 18.38
CA TRP F 83 -48.48 -5.49 17.77
C TRP F 83 -49.00 -6.81 17.20
N ILE F 84 -49.35 -6.81 15.93
CA ILE F 84 -49.76 -8.03 15.25
C ILE F 84 -48.52 -8.77 14.76
N ASN F 85 -48.47 -10.07 15.02
CA ASN F 85 -47.34 -10.91 14.62
C ASN F 85 -47.91 -12.10 13.88
N ILE F 86 -47.77 -12.11 12.55
CA ILE F 86 -48.24 -13.20 11.72
C ILE F 86 -47.01 -14.05 11.38
N THR F 87 -46.88 -15.18 12.06
CA THR F 87 -45.76 -16.08 11.84
C THR F 87 -46.19 -17.23 10.94
N GLY F 88 -45.28 -17.64 10.05
CA GLY F 88 -45.59 -18.66 9.07
C GLY F 88 -46.33 -18.12 7.87
N ILE F 89 -45.69 -17.21 7.12
CA ILE F 89 -46.33 -16.62 5.93
C ILE F 89 -46.00 -17.55 4.76
N HIS F 90 -46.81 -18.61 4.65
CA HIS F 90 -46.84 -19.47 3.48
C HIS F 90 -48.23 -19.61 2.90
N ARG F 91 -49.26 -19.44 3.71
CA ARG F 91 -50.63 -19.33 3.22
C ARG F 91 -50.84 -17.90 2.71
N THR F 92 -51.07 -17.77 1.40
CA THR F 92 -51.18 -16.45 0.80
C THR F 92 -52.49 -15.75 1.15
N ASP F 93 -53.50 -16.51 1.60
CA ASP F 93 -54.80 -15.91 1.88
C ASP F 93 -54.71 -14.89 3.01
N VAL F 94 -54.02 -15.24 4.11
CA VAL F 94 -53.92 -14.33 5.24
C VAL F 94 -53.16 -13.06 4.86
N VAL F 95 -52.05 -13.21 4.12
CA VAL F 95 -51.26 -12.05 3.74
C VAL F 95 -52.04 -11.16 2.80
N GLN F 96 -52.75 -11.76 1.84
CA GLN F 96 -53.55 -10.97 0.91
C GLN F 96 -54.66 -10.23 1.63
N ARG F 97 -55.36 -10.91 2.56
CA ARG F 97 -56.44 -10.27 3.30
C ARG F 97 -55.91 -9.13 4.16
N VAL F 98 -54.77 -9.34 4.82
CA VAL F 98 -54.18 -8.29 5.65
C VAL F 98 -53.78 -7.09 4.79
N GLY F 99 -53.13 -7.34 3.65
CA GLY F 99 -52.72 -6.24 2.80
C GLY F 99 -53.89 -5.48 2.21
N GLU F 100 -54.97 -6.18 1.86
CA GLU F 100 -56.12 -5.51 1.29
C GLU F 100 -56.88 -4.70 2.34
N PHE F 101 -56.99 -5.25 3.56
CA PHE F 101 -57.76 -4.57 4.60
C PHE F 101 -57.07 -3.31 5.09
N PHE F 102 -55.74 -3.30 5.15
CA PHE F 102 -54.98 -2.18 5.67
C PHE F 102 -54.59 -1.18 4.59
N GLY F 103 -55.09 -1.36 3.37
CA GLY F 103 -54.73 -0.46 2.28
C GLY F 103 -53.27 -0.55 1.88
N ILE F 104 -52.75 -1.76 1.75
CA ILE F 104 -51.33 -1.99 1.47
C ILE F 104 -51.18 -2.35 -0.01
N HIS F 105 -50.24 -1.71 -0.68
CA HIS F 105 -50.05 -1.90 -2.12
C HIS F 105 -49.65 -3.35 -2.41
N PRO F 106 -50.24 -3.99 -3.43
CA PRO F 106 -49.86 -5.39 -3.72
C PRO F 106 -48.40 -5.58 -4.06
N LEU F 107 -47.73 -4.54 -4.56
CA LEU F 107 -46.31 -4.63 -4.86
C LEU F 107 -45.50 -4.89 -3.58
N VAL F 108 -45.79 -4.14 -2.52
CA VAL F 108 -45.12 -4.41 -1.27
C VAL F 108 -45.64 -5.70 -0.64
N LEU F 109 -46.83 -6.16 -1.01
CA LEU F 109 -47.26 -7.49 -0.59
C LEU F 109 -46.34 -8.58 -1.14
N GLU F 110 -46.04 -8.53 -2.45
CA GLU F 110 -45.14 -9.54 -2.99
C GLU F 110 -43.72 -9.33 -2.49
N ASP F 111 -43.35 -8.09 -2.18
CA ASP F 111 -42.06 -7.86 -1.53
C ASP F 111 -42.00 -8.54 -0.17
N ILE F 112 -43.10 -8.47 0.58
CA ILE F 112 -43.18 -9.15 1.88
C ILE F 112 -43.06 -10.66 1.70
N LEU F 113 -43.81 -11.21 0.76
CA LEU F 113 -43.80 -12.66 0.57
C LEU F 113 -42.47 -13.16 0.04
N ASN F 114 -41.84 -12.40 -0.85
CA ASN F 114 -40.51 -12.77 -1.35
C ASN F 114 -39.51 -12.75 -0.20
N VAL F 115 -38.68 -13.78 -0.14
CA VAL F 115 -37.74 -13.96 0.96
C VAL F 115 -36.36 -13.45 0.57
N HIS F 116 -35.98 -13.66 -0.69
CA HIS F 116 -34.69 -13.21 -1.20
C HIS F 116 -34.76 -11.72 -1.58
N GLN F 117 -35.13 -10.91 -0.60
CA GLN F 117 -35.28 -9.47 -0.78
C GLN F 117 -34.37 -8.75 0.22
N ARG F 118 -33.56 -7.84 -0.29
CA ARG F 118 -32.63 -7.12 0.58
C ARG F 118 -33.38 -6.15 1.49
N PRO F 119 -32.83 -5.86 2.67
CA PRO F 119 -33.50 -4.93 3.59
C PRO F 119 -33.67 -3.54 2.98
N LYS F 120 -34.80 -2.91 3.30
CA LYS F 120 -35.12 -1.59 2.79
C LYS F 120 -36.31 -1.02 3.54
N VAL F 121 -36.41 0.31 3.56
CA VAL F 121 -37.61 1.02 4.00
C VAL F 121 -38.28 1.65 2.78
N GLU F 122 -39.60 1.49 2.72
CA GLU F 122 -40.45 2.19 1.78
C GLU F 122 -41.42 3.04 2.57
N PHE F 123 -41.45 4.34 2.28
CA PHE F 123 -42.32 5.29 2.94
C PHE F 123 -43.56 5.51 2.09
N PHE F 124 -44.73 5.37 2.70
CA PHE F 124 -46.01 5.56 2.02
C PHE F 124 -46.81 6.61 2.78
N GLU F 125 -47.99 6.94 2.24
CA GLU F 125 -48.80 7.99 2.84
C GLU F 125 -49.28 7.61 4.23
N ASN F 126 -49.70 6.36 4.42
CA ASN F 126 -50.30 5.93 5.67
C ASN F 126 -49.48 4.91 6.44
N TYR F 127 -48.41 4.37 5.85
CA TYR F 127 -47.64 3.34 6.55
C TYR F 127 -46.19 3.36 6.06
N VAL F 128 -45.32 2.80 6.89
CA VAL F 128 -43.90 2.65 6.57
C VAL F 128 -43.56 1.17 6.65
N PHE F 129 -42.81 0.69 5.65
CA PHE F 129 -42.59 -0.75 5.44
C PHE F 129 -41.10 -1.03 5.48
N ILE F 130 -40.68 -1.98 6.31
CA ILE F 130 -39.28 -2.33 6.49
C ILE F 130 -39.10 -3.83 6.34
N VAL F 131 -37.96 -4.24 5.79
CA VAL F 131 -37.56 -5.63 5.71
C VAL F 131 -36.25 -5.80 6.46
N LEU F 132 -36.18 -6.82 7.32
CA LEU F 132 -34.95 -7.15 8.01
C LEU F 132 -34.75 -8.66 7.97
N LYS F 133 -33.55 -9.10 8.35
CA LYS F 133 -33.18 -10.50 8.32
C LYS F 133 -32.60 -10.91 9.66
N MET F 134 -33.09 -12.02 10.20
CA MET F 134 -32.46 -12.66 11.35
C MET F 134 -31.56 -13.77 10.88
N PHE F 135 -30.46 -13.98 11.60
CA PHE F 135 -29.47 -14.99 11.26
C PHE F 135 -29.34 -15.99 12.39
N THR F 136 -29.23 -17.27 12.05
CA THR F 136 -28.88 -18.29 13.01
C THR F 136 -27.65 -19.04 12.52
N TYR F 137 -26.75 -19.32 13.45
CA TYR F 137 -25.46 -19.96 13.18
C TYR F 137 -25.45 -21.36 13.77
N ASP F 138 -25.08 -22.34 12.96
CA ASP F 138 -24.86 -23.70 13.40
C ASP F 138 -23.36 -23.91 13.54
N LYS F 139 -22.91 -24.14 14.78
CA LYS F 139 -21.48 -24.17 15.07
C LYS F 139 -20.82 -25.40 14.46
N ASN F 140 -21.41 -26.59 14.67
CA ASN F 140 -20.79 -27.81 14.17
C ASN F 140 -20.72 -27.80 12.64
N LEU F 141 -21.78 -27.36 11.97
CA LEU F 141 -21.77 -27.22 10.53
C LEU F 141 -21.20 -25.89 10.06
N HIS F 142 -20.99 -24.95 10.98
CA HIS F 142 -20.50 -23.60 10.64
C HIS F 142 -21.37 -22.98 9.55
N GLU F 143 -22.69 -23.09 9.72
CA GLU F 143 -23.64 -22.73 8.68
C GLU F 143 -24.47 -21.54 9.11
N LEU F 144 -24.52 -20.52 8.26
CA LEU F 144 -25.38 -19.35 8.46
C LEU F 144 -26.67 -19.54 7.69
N GLU F 145 -27.81 -19.36 8.36
CA GLU F 145 -29.07 -19.36 7.65
C GLU F 145 -29.90 -18.16 8.06
N SER F 146 -30.70 -17.67 7.12
CA SER F 146 -31.43 -16.42 7.26
C SER F 146 -32.92 -16.67 7.41
N GLU F 147 -33.61 -15.64 7.92
CA GLU F 147 -35.07 -15.67 8.03
C GLU F 147 -35.56 -14.23 7.92
N GLN F 148 -36.41 -13.97 6.92
CA GLN F 148 -36.86 -12.62 6.65
C GLN F 148 -38.04 -12.26 7.55
N VAL F 149 -38.01 -11.04 8.07
CA VAL F 149 -39.11 -10.49 8.85
C VAL F 149 -39.48 -9.12 8.29
N SER F 150 -40.76 -8.92 8.00
CA SER F 150 -41.24 -7.68 7.42
C SER F 150 -42.07 -6.94 8.45
N LEU F 151 -41.67 -5.71 8.77
CA LEU F 151 -42.40 -4.85 9.68
C LEU F 151 -43.18 -3.81 8.89
N ILE F 152 -44.39 -3.52 9.34
CA ILE F 152 -45.19 -2.44 8.76
C ILE F 152 -45.79 -1.64 9.91
N LEU F 153 -45.53 -0.33 9.91
CA LEU F 153 -46.06 0.57 10.92
C LEU F 153 -47.13 1.43 10.27
N THR F 154 -48.35 1.37 10.81
CA THR F 154 -49.51 2.05 10.24
C THR F 154 -50.25 2.75 11.37
N LYS F 155 -50.19 4.09 11.39
CA LYS F 155 -50.89 4.90 12.37
C LYS F 155 -50.57 4.47 13.80
N ASN F 156 -51.46 3.68 14.40
CA ASN F 156 -51.31 3.21 15.78
C ASN F 156 -51.30 1.69 15.83
N CYS F 157 -50.57 1.06 14.93
CA CYS F 157 -50.51 -0.40 14.90
C CYS F 157 -49.28 -0.85 14.11
N VAL F 158 -48.47 -1.70 14.72
CA VAL F 158 -47.33 -2.31 14.04
C VAL F 158 -47.65 -3.78 13.82
N LEU F 159 -47.49 -4.24 12.58
CA LEU F 159 -47.78 -5.62 12.22
C LEU F 159 -46.60 -6.18 11.44
N MET F 160 -46.18 -7.38 11.79
CA MET F 160 -44.98 -7.97 11.21
C MET F 160 -45.25 -9.40 10.77
N PHE F 161 -44.70 -9.74 9.61
CA PHE F 161 -44.80 -11.06 9.02
C PHE F 161 -43.46 -11.77 9.18
N GLN F 162 -43.51 -13.00 9.69
CA GLN F 162 -42.33 -13.81 9.94
C GLN F 162 -42.36 -15.05 9.04
N GLU F 163 -41.20 -15.71 8.95
CA GLU F 163 -41.10 -16.93 8.14
C GLU F 163 -41.58 -18.15 8.91
N LYS F 164 -40.99 -18.40 10.08
CA LYS F 164 -41.34 -19.55 10.90
C LYS F 164 -41.53 -19.14 12.35
N ILE F 165 -41.72 -20.12 13.23
CA ILE F 165 -41.82 -19.82 14.66
C ILE F 165 -40.44 -19.54 15.23
N GLY F 166 -40.41 -18.80 16.34
CA GLY F 166 -39.16 -18.44 16.97
C GLY F 166 -38.57 -17.15 16.44
N ASP F 167 -38.25 -16.21 17.33
CA ASP F 167 -37.70 -14.92 16.95
C ASP F 167 -36.81 -14.42 18.07
N VAL F 168 -36.43 -13.15 18.00
CA VAL F 168 -35.56 -12.54 19.00
C VAL F 168 -36.30 -11.57 19.90
N PHE F 169 -37.55 -11.23 19.59
CA PHE F 169 -38.30 -10.22 20.32
C PHE F 169 -38.91 -10.73 21.61
N ASP F 170 -38.44 -11.86 22.14
CA ASP F 170 -38.89 -12.30 23.45
C ASP F 170 -38.62 -11.29 24.56
N PRO F 171 -37.44 -10.66 24.65
CA PRO F 171 -37.27 -9.58 25.65
C PRO F 171 -38.26 -8.45 25.48
N VAL F 172 -38.65 -8.12 24.25
CA VAL F 172 -39.68 -7.11 24.04
C VAL F 172 -41.00 -7.56 24.65
N ARG F 173 -41.35 -8.84 24.46
CA ARG F 173 -42.57 -9.37 25.05
C ARG F 173 -42.52 -9.34 26.57
N GLU F 174 -41.36 -9.68 27.15
CA GLU F 174 -41.24 -9.63 28.60
C GLU F 174 -41.34 -8.20 29.11
N ARG F 175 -40.72 -7.25 28.41
CA ARG F 175 -40.80 -5.85 28.82
C ARG F 175 -42.22 -5.32 28.75
N ILE F 176 -42.96 -5.68 27.69
CA ILE F 176 -44.32 -5.19 27.53
C ILE F 176 -45.29 -5.92 28.45
N ARG F 177 -44.93 -7.13 28.92
CA ARG F 177 -45.81 -7.86 29.83
C ARG F 177 -45.65 -7.36 31.26
N TYR F 178 -44.42 -7.31 31.76
CA TYR F 178 -44.15 -6.93 33.15
C TYR F 178 -43.96 -5.43 33.33
N ASN F 179 -44.13 -4.64 32.27
CA ASN F 179 -43.99 -3.18 32.33
C ASN F 179 -42.60 -2.78 32.83
N ARG F 180 -41.59 -3.21 32.09
CA ARG F 180 -40.21 -2.84 32.35
C ARG F 180 -39.75 -1.89 31.25
N GLY F 181 -39.33 -0.69 31.65
CA GLY F 181 -38.98 0.33 30.67
C GLY F 181 -40.17 1.19 30.30
N ILE F 182 -39.91 2.10 29.35
CA ILE F 182 -40.91 3.06 28.92
C ILE F 182 -41.64 2.58 27.67
N ILE F 183 -41.56 1.28 27.34
CA ILE F 183 -42.23 0.77 26.15
C ILE F 183 -43.74 0.82 26.32
N ARG F 184 -44.24 0.69 27.56
CA ARG F 184 -45.68 0.70 27.79
C ARG F 184 -46.28 2.09 27.67
N LYS F 185 -45.51 3.14 28.00
CA LYS F 185 -46.00 4.51 28.01
C LYS F 185 -45.68 5.26 26.73
N LYS F 186 -45.60 4.56 25.60
CA LYS F 186 -45.25 5.17 24.32
C LYS F 186 -46.18 4.65 23.24
N ARG F 187 -45.97 5.15 22.02
CA ARG F 187 -46.78 4.80 20.87
C ARG F 187 -46.09 3.66 20.10
N ALA F 188 -46.62 3.34 18.92
CA ALA F 188 -46.10 2.23 18.14
C ALA F 188 -44.71 2.51 17.57
N ASP F 189 -44.31 3.78 17.49
CA ASP F 189 -42.96 4.10 17.01
C ASP F 189 -41.91 3.49 17.93
N TYR F 190 -42.10 3.60 19.24
CA TYR F 190 -41.16 3.00 20.18
C TYR F 190 -41.18 1.49 20.10
N LEU F 191 -42.34 0.90 19.79
CA LEU F 191 -42.40 -0.55 19.60
C LEU F 191 -41.58 -0.98 18.39
N LEU F 192 -41.69 -0.25 17.28
CA LEU F 192 -40.87 -0.54 16.11
C LEU F 192 -39.39 -0.39 16.44
N TYR F 193 -39.03 0.67 17.18
CA TYR F 193 -37.64 0.84 17.58
C TYR F 193 -37.18 -0.33 18.44
N SER F 194 -38.03 -0.81 19.36
CA SER F 194 -37.65 -1.92 20.21
C SER F 194 -37.42 -3.19 19.40
N LEU F 195 -38.27 -3.45 18.41
CA LEU F 195 -38.07 -4.61 17.55
C LEU F 195 -36.75 -4.53 16.80
N ILE F 196 -36.46 -3.35 16.23
CA ILE F 196 -35.21 -3.18 15.50
C ILE F 196 -34.02 -3.34 16.44
N ASP F 197 -34.12 -2.80 17.65
CA ASP F 197 -33.03 -2.92 18.61
C ASP F 197 -32.78 -4.38 19.00
N ALA F 198 -33.84 -5.15 19.22
CA ALA F 198 -33.67 -6.56 19.55
C ALA F 198 -33.01 -7.32 18.40
N LEU F 199 -33.43 -7.01 17.16
CA LEU F 199 -32.81 -7.65 16.01
C LEU F 199 -31.32 -7.30 15.90
N VAL F 200 -30.96 -6.04 16.17
CA VAL F 200 -29.57 -5.63 16.11
C VAL F 200 -28.76 -6.32 17.21
N ASP F 201 -29.37 -6.50 18.39
CA ASP F 201 -28.69 -7.25 19.45
C ASP F 201 -28.47 -8.71 19.06
N ASP F 202 -29.43 -9.31 18.36
CA ASP F 202 -29.22 -10.64 17.80
C ASP F 202 -28.02 -10.64 16.86
N TYR F 203 -27.88 -9.58 16.05
CA TYR F 203 -26.68 -9.46 15.23
C TYR F 203 -25.41 -9.41 16.08
N PHE F 204 -25.44 -8.66 17.19
CA PHE F 204 -24.25 -8.62 18.04
C PHE F 204 -23.87 -10.01 18.56
N VAL F 205 -24.85 -10.79 19.02
CA VAL F 205 -24.51 -12.11 19.54
C VAL F 205 -24.02 -13.02 18.43
N LEU F 206 -24.56 -12.87 17.22
CA LEU F 206 -24.06 -13.65 16.09
C LEU F 206 -22.61 -13.31 15.77
N LEU F 207 -22.27 -12.01 15.76
CA LEU F 207 -20.88 -11.62 15.58
C LEU F 207 -19.99 -12.12 16.71
N GLU F 208 -20.51 -12.23 17.93
CA GLU F 208 -19.73 -12.85 19.00
C GLU F 208 -19.40 -14.30 18.67
N LYS F 209 -20.39 -15.06 18.21
CA LYS F 209 -20.14 -16.45 17.85
C LYS F 209 -19.10 -16.55 16.73
N ILE F 210 -19.23 -15.68 15.72
CA ILE F 210 -18.29 -15.71 14.60
C ILE F 210 -16.89 -15.31 15.08
N ASP F 211 -16.80 -14.37 16.02
CA ASP F 211 -15.50 -13.98 16.56
C ASP F 211 -14.84 -15.13 17.30
N ASP F 212 -15.62 -15.88 18.09
CA ASP F 212 -15.06 -17.04 18.77
C ASP F 212 -14.56 -18.07 17.77
N GLU F 213 -15.33 -18.31 16.70
CA GLU F 213 -14.89 -19.24 15.67
C GLU F 213 -13.60 -18.77 14.99
N ILE F 214 -13.51 -17.47 14.71
CA ILE F 214 -12.29 -16.94 14.09
C ILE F 214 -11.10 -17.10 15.03
N ASP F 215 -11.30 -16.86 16.33
CA ASP F 215 -10.22 -17.01 17.28
C ASP F 215 -9.72 -18.45 17.35
N VAL F 216 -10.65 -19.42 17.40
CA VAL F 216 -10.21 -20.80 17.50
C VAL F 216 -9.53 -21.25 16.20
N LEU F 217 -10.03 -20.79 15.05
CA LEU F 217 -9.38 -21.12 13.79
C LEU F 217 -7.99 -20.50 13.70
N GLU F 218 -7.84 -19.27 14.19
CA GLU F 218 -6.53 -18.62 14.19
C GLU F 218 -5.55 -19.38 15.08
N GLU F 219 -5.99 -19.81 16.27
CA GLU F 219 -5.12 -20.58 17.13
C GLU F 219 -4.72 -21.90 16.47
N GLU F 220 -5.68 -22.57 15.83
CA GLU F 220 -5.39 -23.84 15.16
C GLU F 220 -4.36 -23.65 14.05
N VAL F 221 -4.57 -22.63 13.20
CA VAL F 221 -3.66 -22.44 12.07
C VAL F 221 -2.29 -21.97 12.54
N LEU F 222 -2.23 -21.23 13.66
CA LEU F 222 -0.96 -20.77 14.17
C LEU F 222 -0.17 -21.90 14.83
N GLU F 223 -0.86 -22.85 15.48
CA GLU F 223 -0.17 -23.90 16.22
C GLU F 223 -0.16 -25.24 15.48
N ARG F 224 -1.30 -25.67 14.94
CA ARG F 224 -1.42 -26.98 14.28
C ARG F 224 -2.00 -26.82 12.89
N PRO F 225 -1.19 -26.39 11.92
CA PRO F 225 -1.68 -26.32 10.54
C PRO F 225 -2.05 -27.70 10.02
N GLU F 226 -3.03 -27.73 9.12
CA GLU F 226 -3.51 -28.98 8.56
C GLU F 226 -4.12 -28.70 7.20
N LYS F 227 -4.34 -29.78 6.44
CA LYS F 227 -4.90 -29.65 5.10
C LYS F 227 -6.34 -29.14 5.15
N GLU F 228 -7.09 -29.45 6.21
CA GLU F 228 -8.46 -28.98 6.34
C GLU F 228 -8.55 -27.52 6.74
N THR F 229 -7.45 -26.91 7.17
CA THR F 229 -7.48 -25.53 7.63
C THR F 229 -7.82 -24.57 6.50
N VAL F 230 -7.28 -24.81 5.29
CA VAL F 230 -7.58 -23.94 4.17
C VAL F 230 -9.06 -24.03 3.80
N GLN F 231 -9.64 -25.24 3.83
CA GLN F 231 -11.06 -25.40 3.55
C GLN F 231 -11.91 -24.70 4.60
N ARG F 232 -11.53 -24.83 5.87
CA ARG F 232 -12.27 -24.15 6.93
C ARG F 232 -12.19 -22.63 6.77
N THR F 233 -11.01 -22.12 6.41
CA THR F 233 -10.87 -20.68 6.19
C THR F 233 -11.70 -20.21 5.01
N HIS F 234 -11.75 -21.00 3.93
CA HIS F 234 -12.58 -20.64 2.79
C HIS F 234 -14.05 -20.61 3.17
N GLN F 235 -14.51 -21.60 3.95
CA GLN F 235 -15.90 -21.60 4.41
C GLN F 235 -16.18 -20.38 5.28
N LEU F 236 -15.24 -20.03 6.15
CA LEU F 236 -15.43 -18.84 7.00
C LEU F 236 -15.48 -17.57 6.17
N LYS F 237 -14.65 -17.47 5.13
CA LYS F 237 -14.71 -16.31 4.24
C LYS F 237 -16.05 -16.23 3.52
N ARG F 238 -16.57 -17.38 3.08
CA ARG F 238 -17.90 -17.40 2.47
C ARG F 238 -18.95 -16.91 3.45
N ASN F 239 -18.88 -17.37 4.71
CA ASN F 239 -19.83 -16.93 5.72
C ASN F 239 -19.72 -15.42 5.95
N LEU F 240 -18.49 -14.90 5.99
CA LEU F 240 -18.32 -13.47 6.25
C LEU F 240 -18.84 -12.61 5.10
N VAL F 241 -18.60 -13.02 3.85
CA VAL F 241 -19.11 -12.23 2.74
C VAL F 241 -20.63 -12.31 2.68
N GLU F 242 -21.20 -13.49 2.97
CA GLU F 242 -22.65 -13.59 3.05
C GLU F 242 -23.21 -12.73 4.19
N LEU F 243 -22.42 -12.55 5.25
CA LEU F 243 -22.84 -11.68 6.35
C LEU F 243 -22.84 -10.22 5.92
N ARG F 244 -21.79 -9.77 5.24
CA ARG F 244 -21.75 -8.39 4.76
C ARG F 244 -22.90 -8.12 3.80
N LYS F 245 -23.22 -9.09 2.93
CA LYS F 245 -24.24 -8.90 1.91
C LYS F 245 -25.56 -8.46 2.52
N THR F 246 -25.82 -8.82 3.78
CA THR F 246 -27.02 -8.39 4.47
C THR F 246 -26.79 -7.26 5.46
N ILE F 247 -25.62 -7.20 6.10
CA ILE F 247 -25.39 -6.16 7.11
C ILE F 247 -25.26 -4.79 6.47
N TRP F 248 -24.57 -4.68 5.34
CA TRP F 248 -24.47 -3.37 4.70
C TRP F 248 -25.84 -2.81 4.30
N PRO F 249 -26.75 -3.58 3.72
CA PRO F 249 -28.12 -3.07 3.58
C PRO F 249 -28.78 -2.72 4.90
N LEU F 250 -28.43 -3.40 5.99
CA LEU F 250 -28.98 -3.03 7.30
C LEU F 250 -28.51 -1.64 7.71
N ARG F 251 -27.21 -1.36 7.54
CA ARG F 251 -26.72 -0.02 7.84
C ARG F 251 -27.40 1.02 6.95
N GLU F 252 -27.55 0.71 5.67
CA GLU F 252 -28.20 1.66 4.76
C GLU F 252 -29.65 1.92 5.14
N VAL F 253 -30.38 0.87 5.53
CA VAL F 253 -31.80 1.02 5.83
C VAL F 253 -31.99 1.79 7.13
N LEU F 254 -31.15 1.52 8.14
CA LEU F 254 -31.24 2.32 9.37
C LEU F 254 -30.84 3.77 9.12
N SER F 255 -29.85 4.00 8.24
CA SER F 255 -29.50 5.37 7.88
C SER F 255 -30.67 6.08 7.21
N SER F 256 -31.35 5.40 6.29
CA SER F 256 -32.51 6.01 5.63
C SER F 256 -33.63 6.29 6.61
N LEU F 257 -33.86 5.37 7.56
CA LEU F 257 -34.90 5.59 8.56
C LEU F 257 -34.56 6.78 9.46
N TYR F 258 -33.30 6.91 9.85
CA TYR F 258 -32.89 7.99 10.75
C TYR F 258 -33.03 9.36 10.09
N ARG F 259 -32.45 9.52 8.90
CA ARG F 259 -32.32 10.86 8.32
C ARG F 259 -33.65 11.37 7.77
N ASP F 260 -34.40 10.51 7.08
CA ASP F 260 -35.63 10.97 6.42
C ASP F 260 -36.67 11.41 7.44
N VAL F 261 -36.82 10.67 8.53
CA VAL F 261 -37.71 10.97 9.66
C VAL F 261 -39.07 11.48 9.18
N PRO F 262 -39.90 10.61 8.59
CA PRO F 262 -41.22 11.04 8.13
C PRO F 262 -42.11 11.41 9.30
N PRO F 263 -43.22 12.12 9.06
CA PRO F 263 -44.11 12.50 10.17
C PRO F 263 -44.71 11.31 10.91
N LEU F 264 -44.74 10.13 10.29
CA LEU F 264 -45.23 8.95 10.99
C LEU F 264 -44.37 8.63 12.20
N ILE F 265 -43.05 8.72 12.05
CA ILE F 265 -42.14 8.58 13.18
C ILE F 265 -42.08 9.90 13.92
N GLU F 266 -42.45 9.89 15.20
CA GLU F 266 -42.62 11.11 15.97
C GLU F 266 -41.27 11.65 16.44
N LYS F 267 -41.32 12.85 17.03
CA LYS F 267 -40.16 13.41 17.71
C LYS F 267 -39.89 12.63 18.99
N GLU F 268 -38.83 13.02 19.71
CA GLU F 268 -38.36 12.39 20.94
C GLU F 268 -38.30 10.87 20.83
N THR F 269 -38.16 10.36 19.60
CA THR F 269 -37.95 8.95 19.34
C THR F 269 -36.82 8.70 18.33
N VAL F 270 -36.50 9.67 17.48
CA VAL F 270 -35.44 9.55 16.49
C VAL F 270 -34.05 9.44 17.13
N PRO F 271 -33.78 9.95 18.34
CA PRO F 271 -32.47 9.62 18.95
C PRO F 271 -32.28 8.13 19.16
N TYR F 272 -33.36 7.39 19.46
CA TYR F 272 -33.25 5.94 19.57
C TYR F 272 -32.85 5.32 18.24
N PHE F 273 -33.42 5.80 17.14
CA PHE F 273 -33.02 5.32 15.82
C PHE F 273 -31.58 5.71 15.51
N ARG F 274 -31.13 6.87 15.99
CA ARG F 274 -29.73 7.23 15.84
C ARG F 274 -28.83 6.25 16.58
N ASP F 275 -29.24 5.85 17.79
CA ASP F 275 -28.46 4.87 18.54
C ASP F 275 -28.41 3.53 17.80
N VAL F 276 -29.52 3.10 17.23
CA VAL F 276 -29.53 1.85 16.47
C VAL F 276 -28.66 1.96 15.24
N TYR F 277 -28.65 3.14 14.59
CA TYR F 277 -27.78 3.35 13.44
C TYR F 277 -26.31 3.28 13.84
N ASP F 278 -25.98 3.83 15.01
CA ASP F 278 -24.61 3.70 15.53
C ASP F 278 -24.25 2.24 15.77
N HIS F 279 -25.20 1.47 16.31
CA HIS F 279 -24.96 0.04 16.49
C HIS F 279 -24.71 -0.65 15.16
N THR F 280 -25.47 -0.29 14.13
CA THR F 280 -25.29 -0.92 12.82
C THR F 280 -23.93 -0.58 12.21
N ILE F 281 -23.50 0.68 12.32
CA ILE F 281 -22.20 1.03 11.77
C ILE F 281 -21.08 0.35 12.55
N GLN F 282 -21.24 0.20 13.86
CA GLN F 282 -20.27 -0.54 14.66
C GLN F 282 -20.20 -1.99 14.21
N ILE F 283 -21.36 -2.60 13.92
CA ILE F 283 -21.40 -3.98 13.44
C ILE F 283 -20.66 -4.09 12.11
N ALA F 284 -20.89 -3.15 11.21
CA ALA F 284 -20.22 -3.17 9.91
C ALA F 284 -18.71 -3.08 10.08
N ASP F 285 -18.24 -2.18 10.94
CA ASP F 285 -16.81 -2.07 11.19
C ASP F 285 -16.24 -3.37 11.75
N THR F 286 -16.97 -4.00 12.68
CA THR F 286 -16.51 -5.25 13.27
C THR F 286 -16.40 -6.35 12.21
N VAL F 287 -17.37 -6.42 11.29
CA VAL F 287 -17.33 -7.43 10.25
C VAL F 287 -16.17 -7.19 9.30
N GLU F 288 -15.88 -5.92 8.99
CA GLU F 288 -14.71 -5.62 8.16
C GLU F 288 -13.42 -6.06 8.85
N THR F 289 -13.32 -5.82 10.15
CA THR F 289 -12.16 -6.30 10.90
C THR F 289 -12.04 -7.82 10.82
N PHE F 290 -13.17 -8.52 10.97
CA PHE F 290 -13.15 -9.97 10.88
C PHE F 290 -12.66 -10.44 9.53
N ARG F 291 -13.12 -9.79 8.46
CA ARG F 291 -12.66 -10.17 7.12
C ARG F 291 -11.16 -9.94 6.97
N ASP F 292 -10.64 -8.85 7.51
CA ASP F 292 -9.20 -8.61 7.43
C ASP F 292 -8.42 -9.71 8.13
N ILE F 293 -8.85 -10.09 9.34
CA ILE F 293 -8.14 -11.12 10.09
C ILE F 293 -8.19 -12.45 9.35
N VAL F 294 -9.36 -12.81 8.82
CA VAL F 294 -9.49 -14.08 8.10
C VAL F 294 -8.65 -14.07 6.83
N SER F 295 -8.54 -12.91 6.17
CA SER F 295 -7.68 -12.82 5.00
C SER F 295 -6.22 -13.06 5.37
N GLY F 296 -5.77 -12.51 6.50
CA GLY F 296 -4.39 -12.74 6.92
C GLY F 296 -4.12 -14.18 7.34
N LEU F 297 -5.15 -14.88 7.82
CA LEU F 297 -4.95 -16.24 8.33
C LEU F 297 -4.40 -17.18 7.26
N LEU F 298 -4.88 -17.06 6.03
CA LEU F 298 -4.46 -17.99 4.98
C LEU F 298 -3.01 -17.76 4.58
N ASP F 299 -2.55 -16.50 4.56
CA ASP F 299 -1.13 -16.23 4.35
C ASP F 299 -0.30 -16.79 5.48
N VAL F 300 -0.80 -16.73 6.71
CA VAL F 300 -0.10 -17.37 7.83
C VAL F 300 0.05 -18.87 7.57
N TYR F 301 -1.02 -19.50 7.09
CA TYR F 301 -0.95 -20.93 6.78
C TYR F 301 0.07 -21.22 5.69
N LEU F 302 0.12 -20.37 4.66
CA LEU F 302 1.10 -20.55 3.59
C LEU F 302 2.52 -20.45 4.14
N SER F 303 2.77 -19.50 5.04
CA SER F 303 4.09 -19.38 5.66
C SER F 303 4.45 -20.65 6.44
N SER F 304 3.49 -21.19 7.19
CA SER F 304 3.74 -22.42 7.93
C SER F 304 4.08 -23.57 6.98
N VAL F 305 3.37 -23.67 5.86
CA VAL F 305 3.64 -24.73 4.90
C VAL F 305 5.04 -24.57 4.32
N SER F 306 5.44 -23.34 4.02
CA SER F 306 6.79 -23.11 3.50
C SER F 306 7.84 -23.52 4.52
N ASN F 307 7.62 -23.22 5.80
CA ASN F 307 8.56 -23.64 6.83
C ASN F 307 8.67 -25.16 6.89
N LYS F 308 7.53 -25.85 6.80
CA LYS F 308 7.56 -27.32 6.81
C LYS F 308 8.34 -27.87 5.63
N THR F 309 8.14 -27.28 4.44
CA THR F 309 8.91 -27.69 3.27
C THR F 309 10.40 -27.47 3.48
N ASN F 310 10.77 -26.34 4.08
CA ASN F 310 12.17 -26.05 4.36
C ASN F 310 12.78 -27.14 5.25
N GLU F 311 12.07 -27.50 6.33
CA GLU F 311 12.60 -28.54 7.22
C GLU F 311 12.74 -29.88 6.50
N VAL F 312 11.71 -30.25 5.72
CA VAL F 312 11.75 -31.55 5.03
C VAL F 312 12.93 -31.60 4.08
N MET F 313 13.14 -30.55 3.30
CA MET F 313 14.22 -30.62 2.34
C MET F 313 15.57 -30.45 3.01
N LYS F 314 15.62 -29.80 4.18
CA LYS F 314 16.87 -29.82 4.95
C LYS F 314 17.25 -31.25 5.32
N VAL F 315 16.26 -32.03 5.76
CA VAL F 315 16.51 -33.45 6.07
C VAL F 315 17.01 -34.18 4.83
N LEU F 316 16.33 -33.97 3.70
CA LEU F 316 16.74 -34.65 2.47
C LEU F 316 18.16 -34.28 2.08
N THR F 317 18.49 -32.98 2.13
CA THR F 317 19.81 -32.53 1.71
C THR F 317 20.90 -33.05 2.64
N ILE F 318 20.66 -33.06 3.95
CA ILE F 318 21.69 -33.58 4.84
C ILE F 318 21.92 -35.06 4.61
N ILE F 319 20.84 -35.83 4.41
CA ILE F 319 21.02 -37.27 4.15
C ILE F 319 21.82 -37.49 2.87
N ALA F 320 21.43 -36.79 1.79
CA ALA F 320 22.12 -36.98 0.53
C ALA F 320 23.57 -36.55 0.60
N THR F 321 23.84 -35.42 1.26
CA THR F 321 25.21 -34.92 1.35
C THR F 321 26.07 -35.85 2.18
N ILE F 322 25.51 -36.45 3.23
CA ILE F 322 26.31 -37.36 4.04
C ILE F 322 26.60 -38.65 3.27
N PHE F 323 25.61 -39.23 2.59
CA PHE F 323 25.78 -40.57 2.05
C PHE F 323 25.97 -40.64 0.54
N MET F 324 26.19 -39.52 -0.14
CA MET F 324 26.65 -39.63 -1.53
C MET F 324 28.15 -39.88 -1.63
N PRO F 325 29.00 -39.11 -0.92
CA PRO F 325 30.45 -39.39 -1.02
C PRO F 325 30.81 -40.78 -0.57
N LEU F 326 30.11 -41.32 0.42
CA LEU F 326 30.46 -42.65 0.94
C LEU F 326 30.25 -43.72 -0.12
N THR F 327 29.07 -43.74 -0.75
CA THR F 327 28.83 -44.73 -1.79
C THR F 327 29.70 -44.47 -3.01
N PHE F 328 30.00 -43.21 -3.32
CA PHE F 328 30.90 -42.94 -4.44
C PHE F 328 32.29 -43.52 -4.17
N ILE F 329 32.80 -43.33 -2.95
CA ILE F 329 34.13 -43.85 -2.62
C ILE F 329 34.12 -45.37 -2.63
N ALA F 330 33.05 -45.98 -2.11
CA ALA F 330 32.94 -47.44 -2.17
C ALA F 330 32.97 -47.93 -3.61
N GLY F 331 32.24 -47.26 -4.50
CA GLY F 331 32.24 -47.66 -5.90
C GLY F 331 33.61 -47.49 -6.55
N ILE F 332 34.26 -46.35 -6.31
CA ILE F 332 35.54 -46.06 -6.95
C ILE F 332 36.70 -46.83 -6.32
N TYR F 333 36.47 -47.49 -5.19
CA TYR F 333 37.47 -48.41 -4.67
C TYR F 333 37.04 -49.86 -4.80
N GLY F 334 35.89 -50.14 -5.40
CA GLY F 334 35.45 -51.51 -5.53
C GLY F 334 35.09 -52.01 -6.92
N MET F 335 35.87 -51.65 -7.94
CA MET F 335 35.65 -52.23 -9.26
C MET F 335 36.48 -53.50 -9.43
N ASN F 336 36.39 -54.11 -10.62
CA ASN F 336 37.11 -55.33 -10.93
C ASN F 336 38.34 -54.98 -11.76
N PHE F 337 39.36 -54.46 -11.08
CA PHE F 337 40.62 -54.08 -11.69
C PHE F 337 41.75 -54.86 -11.04
N GLU F 338 42.70 -55.34 -11.87
CA GLU F 338 43.84 -56.08 -11.36
C GLU F 338 44.95 -55.17 -10.83
N TYR F 339 44.89 -53.87 -11.12
CA TYR F 339 45.94 -52.93 -10.74
C TYR F 339 45.56 -52.09 -9.53
N MET F 340 44.90 -52.68 -8.55
CA MET F 340 44.52 -51.98 -7.33
C MET F 340 45.71 -51.88 -6.38
N PRO F 341 46.14 -50.68 -6.00
CA PRO F 341 47.15 -50.58 -4.94
C PRO F 341 46.52 -50.71 -3.56
N GLU F 342 45.62 -51.68 -3.39
CA GLU F 342 44.84 -51.79 -2.16
C GLU F 342 44.77 -53.24 -1.68
N LEU F 343 45.78 -54.05 -2.01
CA LEU F 343 45.89 -55.40 -1.46
C LEU F 343 46.58 -55.35 -0.11
N ARG F 344 45.92 -54.70 0.84
CA ARG F 344 46.43 -54.47 2.19
C ARG F 344 47.81 -53.82 2.14
N TRP F 345 47.83 -52.62 1.55
CA TRP F 345 49.05 -51.83 1.48
C TRP F 345 49.51 -51.50 2.90
N LYS F 346 48.72 -50.72 3.63
CA LYS F 346 48.89 -50.53 5.08
C LYS F 346 47.50 -50.71 5.70
N TRP F 347 47.13 -51.96 5.96
CA TRP F 347 45.81 -52.35 6.45
C TRP F 347 44.72 -51.54 5.75
N GLY F 348 44.59 -51.81 4.45
CA GLY F 348 43.84 -50.93 3.57
C GLY F 348 42.38 -50.76 3.97
N TYR F 349 41.70 -51.88 4.26
CA TYR F 349 40.27 -51.78 4.56
C TYR F 349 39.98 -51.01 5.84
N PRO F 350 40.67 -51.24 6.96
CA PRO F 350 40.45 -50.36 8.13
C PRO F 350 40.73 -48.90 7.81
N VAL F 351 41.76 -48.63 6.98
CA VAL F 351 42.07 -47.26 6.62
C VAL F 351 40.90 -46.63 5.86
N VAL F 352 40.36 -47.36 4.88
CA VAL F 352 39.30 -46.79 4.05
C VAL F 352 38.02 -46.61 4.86
N LEU F 353 37.72 -47.56 5.76
CA LEU F 353 36.54 -47.41 6.59
C LEU F 353 36.68 -46.24 7.55
N ALA F 354 37.86 -46.06 8.13
CA ALA F 354 38.11 -44.91 8.99
C ALA F 354 38.02 -43.61 8.19
N VAL F 355 38.47 -43.63 6.93
CA VAL F 355 38.36 -42.45 6.09
C VAL F 355 36.90 -42.12 5.81
N MET F 356 36.08 -43.14 5.55
CA MET F 356 34.65 -42.91 5.39
C MET F 356 34.04 -42.30 6.64
N GLY F 357 34.39 -42.85 7.81
CA GLY F 357 33.86 -42.32 9.06
C GLY F 357 34.30 -40.89 9.31
N VAL F 358 35.57 -40.58 9.03
CA VAL F 358 36.08 -39.23 9.26
C VAL F 358 35.44 -38.25 8.28
N ILE F 359 35.21 -38.66 7.04
CA ILE F 359 34.55 -37.80 6.08
C ILE F 359 33.11 -37.52 6.53
N ALA F 360 32.42 -38.56 7.01
CA ALA F 360 31.06 -38.36 7.51
C ALA F 360 31.06 -37.41 8.71
N VAL F 361 32.03 -37.55 9.61
CA VAL F 361 32.12 -36.67 10.77
C VAL F 361 32.39 -35.24 10.33
N ILE F 362 33.31 -35.05 9.40
CA ILE F 362 33.63 -33.71 8.92
C ILE F 362 32.41 -33.07 8.25
N MET F 363 31.65 -33.87 7.50
CA MET F 363 30.46 -33.35 6.84
C MET F 363 29.38 -32.98 7.85
N VAL F 364 29.18 -33.81 8.88
CA VAL F 364 28.11 -33.53 9.83
C VAL F 364 28.47 -32.37 10.74
N VAL F 365 29.75 -32.22 11.10
CA VAL F 365 30.13 -31.08 11.94
C VAL F 365 30.07 -29.78 11.16
N TYR F 366 30.16 -29.83 9.82
CA TYR F 366 29.90 -28.64 9.02
C TYR F 366 28.45 -28.21 9.19
N PHE F 367 27.53 -29.17 9.25
CA PHE F 367 26.18 -28.88 9.69
C PHE F 367 26.16 -28.65 11.20
N LYS F 368 25.06 -28.08 11.68
CA LYS F 368 24.89 -27.62 13.05
C LYS F 368 25.75 -26.38 13.28
N LYS F 369 26.56 -26.02 12.28
CA LYS F 369 27.22 -24.73 12.19
C LYS F 369 26.49 -23.81 11.23
N LYS F 370 25.85 -24.37 10.21
CA LYS F 370 24.94 -23.65 9.33
C LYS F 370 23.50 -23.72 9.82
N LYS F 371 23.28 -24.24 11.03
CA LYS F 371 22.02 -24.42 11.74
C LYS F 371 21.21 -25.61 11.19
N TRP F 372 21.62 -26.22 10.08
CA TRP F 372 20.93 -27.39 9.56
C TRP F 372 21.02 -28.55 10.53
N MET G 23 -14.42 -17.14 25.53
CA MET G 23 -15.05 -15.98 24.93
C MET G 23 -14.34 -14.69 25.35
N GLU G 24 -13.62 -14.77 26.47
CA GLU G 24 -12.81 -13.66 26.97
C GLU G 24 -13.64 -12.42 27.29
N GLU G 25 -12.97 -11.32 27.63
CA GLU G 25 -13.65 -10.08 27.97
C GLU G 25 -13.84 -9.18 26.75
N LYS G 26 -14.43 -9.75 25.70
CA LYS G 26 -14.79 -9.01 24.49
C LYS G 26 -16.26 -9.20 24.17
N ARG G 27 -17.09 -9.43 25.19
CA ARG G 27 -18.49 -9.77 25.01
C ARG G 27 -19.28 -8.53 24.61
N LEU G 28 -19.72 -8.48 23.35
CA LEU G 28 -20.59 -7.42 22.88
C LEU G 28 -22.04 -7.65 23.26
N SER G 29 -22.39 -8.87 23.68
CA SER G 29 -23.76 -9.20 24.08
C SER G 29 -24.12 -8.66 25.45
N ALA G 30 -23.25 -7.85 26.06
CA ALA G 30 -23.65 -7.15 27.27
C ALA G 30 -24.83 -6.24 26.96
N LYS G 31 -25.80 -6.21 27.88
CA LYS G 31 -27.06 -5.50 27.68
C LYS G 31 -27.78 -5.98 26.42
N LYS G 32 -27.72 -7.30 26.18
CA LYS G 32 -28.45 -7.88 25.04
C LYS G 32 -29.95 -7.70 25.22
N GLY G 33 -30.52 -8.30 26.25
CA GLY G 33 -31.90 -8.06 26.59
C GLY G 33 -32.03 -7.14 27.77
N LEU G 34 -32.29 -5.87 27.52
CA LEU G 34 -32.37 -4.85 28.56
C LEU G 34 -33.14 -3.67 28.02
N PRO G 35 -33.89 -2.97 28.88
CA PRO G 35 -34.57 -1.75 28.41
C PRO G 35 -33.56 -0.71 28.00
N PRO G 36 -33.88 0.09 26.99
CA PRO G 36 -32.99 1.20 26.62
C PRO G 36 -32.81 2.17 27.77
N GLY G 37 -31.59 2.70 27.90
CA GLY G 37 -31.27 3.57 29.00
C GLY G 37 -30.84 2.88 30.27
N THR G 38 -30.75 1.55 30.27
CA THR G 38 -30.29 0.82 31.44
C THR G 38 -28.79 1.00 31.61
N LEU G 39 -28.37 1.41 32.81
CA LEU G 39 -26.97 1.72 33.08
C LEU G 39 -26.25 0.45 33.52
N VAL G 40 -25.44 -0.11 32.63
CA VAL G 40 -24.65 -1.30 32.92
C VAL G 40 -23.23 -1.06 32.42
N TYR G 41 -22.25 -1.31 33.29
CA TYR G 41 -20.84 -1.14 32.94
C TYR G 41 -20.34 -2.41 32.24
N THR G 42 -19.78 -2.24 31.04
CA THR G 42 -19.35 -3.37 30.23
C THR G 42 -17.85 -3.54 30.19
N GLY G 43 -17.11 -2.83 31.05
CA GLY G 43 -15.67 -2.87 31.04
C GLY G 43 -15.10 -3.98 31.89
N LYS G 44 -13.81 -3.84 32.24
CA LYS G 44 -13.11 -4.83 33.04
C LYS G 44 -12.30 -4.21 34.16
N TYR G 45 -12.45 -2.91 34.42
CA TYR G 45 -11.76 -2.22 35.51
C TYR G 45 -12.80 -1.87 36.57
N ARG G 46 -12.72 -2.52 37.73
CA ARG G 46 -13.66 -2.29 38.82
C ARG G 46 -12.94 -2.19 40.16
N GLU G 47 -11.74 -1.62 40.18
CA GLU G 47 -10.90 -1.61 41.37
C GLU G 47 -10.57 -0.22 41.90
N ASP G 48 -11.04 0.85 41.23
CA ASP G 48 -10.60 2.19 41.60
C ASP G 48 -11.71 3.19 41.29
N PHE G 49 -11.62 4.34 41.97
CA PHE G 49 -12.58 5.43 41.80
C PHE G 49 -12.00 6.69 42.41
N GLU G 50 -12.28 7.83 41.77
CA GLU G 50 -11.84 9.14 42.26
C GLU G 50 -12.55 10.20 41.43
N ILE G 51 -12.62 11.41 42.00
CA ILE G 51 -13.16 12.56 41.29
C ILE G 51 -12.20 13.74 41.50
N GLU G 52 -11.75 14.32 40.40
CA GLU G 52 -10.86 15.49 40.44
C GLU G 52 -11.58 16.68 39.82
N VAL G 53 -11.71 17.76 40.57
CA VAL G 53 -12.36 18.98 40.13
C VAL G 53 -11.30 20.07 40.04
N MET G 54 -11.25 20.74 38.90
CA MET G 54 -10.29 21.82 38.65
C MET G 54 -11.09 23.03 38.19
N ASN G 55 -11.37 23.95 39.13
CA ASN G 55 -12.14 25.15 38.83
C ASN G 55 -11.14 26.30 38.69
N TYR G 56 -10.81 26.64 37.45
CA TYR G 56 -9.80 27.66 37.19
C TYR G 56 -10.45 28.91 36.62
N SER G 57 -10.04 30.07 37.15
CA SER G 57 -10.47 31.37 36.67
C SER G 57 -9.25 32.12 36.14
N ILE G 58 -9.45 33.39 35.79
CA ILE G 58 -8.35 34.15 35.20
C ILE G 58 -7.29 34.47 36.24
N GLU G 59 -7.67 34.68 37.51
CA GLU G 59 -6.65 34.96 38.52
C GLU G 59 -6.51 33.88 39.59
N GLU G 60 -7.55 33.08 39.87
CA GLU G 60 -7.42 32.00 40.84
C GLU G 60 -7.80 30.67 40.19
N PHE G 61 -7.21 29.60 40.70
CA PHE G 61 -7.60 28.25 40.33
C PHE G 61 -7.66 27.40 41.60
N ARG G 62 -8.60 26.46 41.62
CA ARG G 62 -8.84 25.63 42.79
C ARG G 62 -8.85 24.16 42.37
N GLU G 63 -8.01 23.36 43.01
CA GLU G 63 -8.00 21.92 42.83
C GLU G 63 -8.82 21.26 43.94
N PHE G 64 -9.35 20.09 43.63
CA PHE G 64 -10.20 19.40 44.58
C PHE G 64 -10.22 17.91 44.23
N LYS G 65 -10.12 17.06 45.23
CA LYS G 65 -10.17 15.62 45.04
C LYS G 65 -11.15 15.02 46.03
N THR G 66 -11.96 14.08 45.57
CA THR G 66 -13.01 13.52 46.42
C THR G 66 -13.42 12.15 45.91
N THR G 67 -14.33 11.53 46.65
CA THR G 67 -15.01 10.31 46.22
C THR G 67 -16.52 10.44 46.39
N ASP G 68 -17.03 11.65 46.59
CA ASP G 68 -18.46 11.89 46.79
C ASP G 68 -18.94 12.92 45.77
N VAL G 69 -20.08 12.62 45.14
CA VAL G 69 -20.57 13.47 44.06
C VAL G 69 -21.08 14.80 44.59
N GLU G 70 -21.72 14.80 45.77
CA GLU G 70 -22.40 15.98 46.27
C GLU G 70 -21.47 17.17 46.44
N SER G 71 -20.17 16.92 46.57
CA SER G 71 -19.19 18.01 46.53
C SER G 71 -18.90 18.47 45.11
N VAL G 72 -19.35 17.73 44.10
CA VAL G 72 -19.05 18.05 42.72
C VAL G 72 -20.24 18.63 41.97
N LEU G 73 -21.47 18.21 42.30
CA LEU G 73 -22.66 18.72 41.61
C LEU G 73 -22.79 20.24 41.61
N PRO G 74 -22.59 20.97 42.73
CA PRO G 74 -22.88 22.41 42.71
C PRO G 74 -21.98 23.23 41.78
N PHE G 75 -21.08 22.57 41.04
CA PHE G 75 -20.20 23.26 40.14
C PHE G 75 -20.82 23.55 38.78
N ARG G 76 -22.00 23.00 38.49
CA ARG G 76 -22.64 23.24 37.20
C ARG G 76 -23.09 24.69 37.04
N ASP G 77 -23.28 25.41 38.14
CA ASP G 77 -23.77 26.79 38.11
C ASP G 77 -22.63 27.80 38.18
N SER G 78 -21.38 27.35 38.11
CA SER G 78 -20.25 28.25 38.21
C SER G 78 -20.19 29.20 37.01
N SER G 79 -19.59 30.37 37.24
CA SER G 79 -19.38 31.35 36.18
C SER G 79 -18.01 31.22 35.53
N THR G 80 -17.22 30.23 35.92
CA THR G 80 -15.88 30.00 35.42
C THR G 80 -15.76 28.57 34.93
N PRO G 81 -14.84 28.30 34.01
CA PRO G 81 -14.67 26.91 33.53
C PRO G 81 -14.31 25.97 34.67
N THR G 82 -14.82 24.75 34.59
CA THR G 82 -14.60 23.74 35.62
C THR G 82 -14.41 22.40 34.95
N TRP G 83 -13.29 21.74 35.23
CA TRP G 83 -12.98 20.43 34.66
C TRP G 83 -13.26 19.37 35.72
N ILE G 84 -14.19 18.46 35.40
CA ILE G 84 -14.54 17.37 36.30
C ILE G 84 -14.10 16.07 35.66
N ASN G 85 -13.19 15.36 36.34
CA ASN G 85 -12.64 14.10 35.87
C ASN G 85 -13.09 13.01 36.85
N ILE G 86 -14.00 12.16 36.41
CA ILE G 86 -14.53 11.08 37.24
C ILE G 86 -13.80 9.82 36.78
N THR G 87 -12.73 9.48 37.49
CA THR G 87 -11.94 8.30 37.15
C THR G 87 -12.57 7.07 37.78
N GLY G 88 -13.03 6.15 36.94
CA GLY G 88 -13.71 4.96 37.41
C GLY G 88 -15.21 5.07 37.25
N ILE G 89 -15.76 4.45 36.20
CA ILE G 89 -17.18 4.52 35.93
C ILE G 89 -17.89 3.22 36.29
N HIS G 90 -17.19 2.30 36.97
CA HIS G 90 -17.85 1.07 37.41
C HIS G 90 -18.97 1.36 38.41
N ARG G 91 -18.80 2.40 39.22
CA ARG G 91 -19.84 2.85 40.14
C ARG G 91 -20.88 3.62 39.33
N THR G 92 -21.88 2.90 38.82
CA THR G 92 -22.89 3.51 37.97
C THR G 92 -23.77 4.51 38.72
N ASP G 93 -23.78 4.45 40.05
CA ASP G 93 -24.55 5.41 40.83
C ASP G 93 -24.04 6.83 40.60
N VAL G 94 -22.72 7.00 40.56
CA VAL G 94 -22.13 8.32 40.33
C VAL G 94 -22.54 8.85 38.96
N VAL G 95 -22.45 8.01 37.94
CA VAL G 95 -22.81 8.44 36.59
C VAL G 95 -24.29 8.79 36.52
N GLN G 96 -25.14 7.98 37.14
CA GLN G 96 -26.57 8.25 37.14
C GLN G 96 -26.88 9.57 37.84
N ARG G 97 -26.24 9.82 38.99
CA ARG G 97 -26.47 11.08 39.71
C ARG G 97 -26.02 12.27 38.89
N VAL G 98 -24.84 12.17 38.25
CA VAL G 98 -24.34 13.27 37.44
C VAL G 98 -25.27 13.54 36.27
N GLY G 99 -25.72 12.49 35.59
CA GLY G 99 -26.63 12.67 34.48
C GLY G 99 -27.97 13.25 34.90
N GLU G 100 -28.48 12.81 36.05
CA GLU G 100 -29.75 13.34 36.54
C GLU G 100 -29.63 14.81 36.90
N PHE G 101 -28.53 15.21 37.54
CA PHE G 101 -28.38 16.60 37.91
C PHE G 101 -28.15 17.49 36.69
N PHE G 102 -27.34 17.03 35.74
CA PHE G 102 -27.04 17.82 34.55
C PHE G 102 -28.09 17.67 33.45
N GLY G 103 -29.14 16.90 33.69
CA GLY G 103 -30.18 16.71 32.68
C GLY G 103 -29.70 15.98 31.44
N ILE G 104 -28.92 14.92 31.61
CA ILE G 104 -28.36 14.17 30.50
C ILE G 104 -29.32 13.06 30.10
N HIS G 105 -29.46 12.85 28.79
CA HIS G 105 -30.33 11.81 28.29
C HIS G 105 -29.81 10.44 28.73
N PRO G 106 -30.69 9.52 29.13
CA PRO G 106 -30.22 8.18 29.53
C PRO G 106 -29.49 7.45 28.43
N LEU G 107 -29.83 7.72 27.16
CA LEU G 107 -29.10 7.14 26.05
C LEU G 107 -27.62 7.54 26.10
N VAL G 108 -27.36 8.82 26.42
CA VAL G 108 -25.99 9.28 26.54
C VAL G 108 -25.29 8.59 27.71
N LEU G 109 -26.02 8.37 28.81
CA LEU G 109 -25.42 7.70 29.96
C LEU G 109 -25.00 6.26 29.63
N GLU G 110 -25.90 5.51 28.98
CA GLU G 110 -25.54 4.14 28.62
C GLU G 110 -24.47 4.11 27.54
N ASP G 111 -24.39 5.14 26.70
CA ASP G 111 -23.29 5.23 25.76
C ASP G 111 -21.97 5.49 26.48
N ILE G 112 -22.03 6.26 27.57
CA ILE G 112 -20.85 6.49 28.40
C ILE G 112 -20.39 5.18 29.02
N LEU G 113 -21.33 4.41 29.55
CA LEU G 113 -20.98 3.16 30.23
C LEU G 113 -20.68 2.02 29.28
N ASN G 114 -20.90 2.19 27.98
CA ASN G 114 -20.59 1.16 26.99
C ASN G 114 -19.14 1.33 26.55
N VAL G 115 -18.28 0.42 26.99
CA VAL G 115 -16.85 0.54 26.70
C VAL G 115 -16.58 0.33 25.23
N HIS G 116 -17.29 -0.59 24.60
CA HIS G 116 -17.07 -0.91 23.19
C HIS G 116 -17.73 0.09 22.25
N GLN G 117 -18.10 1.27 22.74
CA GLN G 117 -18.76 2.27 21.92
C GLN G 117 -17.81 2.82 20.85
N ARG G 118 -18.34 2.98 19.65
CA ARG G 118 -17.58 3.60 18.58
C ARG G 118 -17.32 5.07 18.91
N PRO G 119 -16.13 5.59 18.63
CA PRO G 119 -15.88 7.03 18.84
C PRO G 119 -16.88 7.86 18.04
N LYS G 120 -17.47 8.85 18.70
CA LYS G 120 -18.58 9.57 18.08
C LYS G 120 -18.77 10.91 18.78
N VAL G 121 -19.59 11.75 18.16
CA VAL G 121 -19.96 13.05 18.71
C VAL G 121 -21.43 13.28 18.45
N GLU G 122 -22.14 13.79 19.46
CA GLU G 122 -23.56 14.09 19.37
C GLU G 122 -23.81 15.48 19.92
N PHE G 123 -24.60 16.27 19.20
CA PHE G 123 -24.93 17.62 19.61
C PHE G 123 -26.35 17.67 20.15
N PHE G 124 -26.49 18.17 21.36
CA PHE G 124 -27.79 18.33 22.00
C PHE G 124 -28.04 19.81 22.29
N GLU G 125 -29.20 20.08 22.91
CA GLU G 125 -29.61 21.47 23.12
C GLU G 125 -28.70 22.18 24.11
N ASN G 126 -28.23 21.47 25.15
CA ASN G 126 -27.41 22.09 26.18
C ASN G 126 -25.98 21.57 26.23
N TYR G 127 -25.73 20.33 25.80
CA TYR G 127 -24.42 19.74 25.97
C TYR G 127 -23.97 19.05 24.68
N VAL G 128 -22.65 18.95 24.53
CA VAL G 128 -22.02 18.26 23.42
C VAL G 128 -21.36 17.00 23.97
N PHE G 129 -21.72 15.85 23.43
CA PHE G 129 -21.27 14.55 23.93
C PHE G 129 -20.24 13.98 22.98
N ILE G 130 -19.10 13.53 23.51
CA ILE G 130 -18.01 13.00 22.70
C ILE G 130 -17.51 11.71 23.34
N VAL G 131 -17.34 10.66 22.54
CA VAL G 131 -16.74 9.40 22.97
C VAL G 131 -15.48 9.19 22.16
N LEU G 132 -14.34 9.13 22.84
CA LEU G 132 -13.05 8.88 22.22
C LEU G 132 -12.36 7.73 22.94
N LYS G 133 -11.23 7.31 22.39
CA LYS G 133 -10.44 6.21 22.96
C LYS G 133 -8.98 6.61 23.01
N MET G 134 -8.30 6.18 24.07
CA MET G 134 -6.84 6.29 24.14
C MET G 134 -6.23 4.90 24.26
N PHE G 135 -5.11 4.70 23.58
CA PHE G 135 -4.48 3.40 23.49
C PHE G 135 -3.21 3.34 24.34
N THR G 136 -2.87 2.14 24.77
CA THR G 136 -1.63 1.86 25.47
C THR G 136 -0.96 0.67 24.80
N TYR G 137 0.31 0.82 24.47
CA TYR G 137 1.09 -0.21 23.82
C TYR G 137 2.13 -0.75 24.80
N ASP G 138 2.20 -2.07 24.91
CA ASP G 138 3.14 -2.72 25.81
C ASP G 138 4.22 -3.39 24.96
N LYS G 139 5.47 -3.00 25.16
CA LYS G 139 6.56 -3.56 24.37
C LYS G 139 6.89 -4.98 24.80
N ASN G 140 6.87 -5.26 26.10
CA ASN G 140 7.17 -6.60 26.59
C ASN G 140 6.14 -7.61 26.09
N LEU G 141 4.87 -7.25 26.17
CA LEU G 141 3.77 -8.08 25.66
C LEU G 141 3.04 -7.28 24.61
N HIS G 142 3.22 -7.64 23.34
CA HIS G 142 2.74 -6.82 22.24
C HIS G 142 1.22 -6.86 22.13
N GLU G 143 0.53 -6.16 23.02
CA GLU G 143 -0.92 -6.06 23.00
C GLU G 143 -1.32 -4.59 23.10
N LEU G 144 -2.35 -4.22 22.36
CA LEU G 144 -2.82 -2.84 22.29
C LEU G 144 -4.09 -2.73 23.14
N GLU G 145 -3.97 -2.10 24.30
CA GLU G 145 -5.11 -1.93 25.18
C GLU G 145 -5.78 -0.59 24.90
N SER G 146 -7.10 -0.54 25.11
CA SER G 146 -7.90 0.64 24.81
C SER G 146 -8.67 1.07 26.05
N GLU G 147 -8.81 2.38 26.22
CA GLU G 147 -9.59 2.95 27.32
C GLU G 147 -10.49 4.04 26.76
N GLN G 148 -11.78 3.97 27.11
CA GLN G 148 -12.78 4.88 26.59
C GLN G 148 -12.91 6.10 27.48
N VAL G 149 -12.94 7.28 26.86
CA VAL G 149 -13.10 8.54 27.56
C VAL G 149 -14.29 9.28 26.97
N SER G 150 -15.22 9.69 27.82
CA SER G 150 -16.40 10.44 27.41
C SER G 150 -16.29 11.86 27.94
N LEU G 151 -16.40 12.82 27.03
CA LEU G 151 -16.34 14.24 27.38
C LEU G 151 -17.69 14.86 27.09
N ILE G 152 -18.28 15.48 28.10
CA ILE G 152 -19.55 16.19 27.95
C ILE G 152 -19.26 17.66 28.21
N LEU G 153 -19.36 18.46 27.16
CA LEU G 153 -19.19 19.91 27.28
C LEU G 153 -20.57 20.53 27.47
N THR G 154 -20.85 20.97 28.70
CA THR G 154 -22.15 21.53 29.05
C THR G 154 -21.93 22.90 29.67
N LYS G 155 -22.41 23.94 28.98
CA LYS G 155 -22.27 25.34 29.40
C LYS G 155 -20.79 25.58 29.71
N ASN G 156 -20.45 26.12 30.88
CA ASN G 156 -19.05 26.30 31.28
C ASN G 156 -18.59 25.15 32.18
N CYS G 157 -18.74 23.93 31.68
CA CYS G 157 -18.32 22.74 32.39
C CYS G 157 -17.92 21.66 31.40
N VAL G 158 -16.93 20.87 31.76
CA VAL G 158 -16.46 19.74 30.96
C VAL G 158 -16.41 18.53 31.87
N LEU G 159 -17.39 17.64 31.72
CA LEU G 159 -17.45 16.41 32.50
C LEU G 159 -16.68 15.32 31.79
N MET G 160 -15.68 14.76 32.45
CA MET G 160 -14.87 13.69 31.92
C MET G 160 -15.20 12.38 32.63
N PHE G 161 -15.43 11.34 31.84
CA PHE G 161 -15.69 10.00 32.37
C PHE G 161 -14.67 9.04 31.79
N GLN G 162 -13.96 8.32 32.66
CA GLN G 162 -13.02 7.29 32.24
C GLN G 162 -13.09 6.15 33.26
N GLU G 163 -12.28 5.12 33.03
CA GLU G 163 -12.41 3.88 33.78
C GLU G 163 -11.18 3.49 34.60
N LYS G 164 -10.07 4.22 34.49
CA LYS G 164 -8.90 3.89 35.29
C LYS G 164 -7.97 5.09 35.38
N ILE G 165 -7.11 5.09 36.40
CA ILE G 165 -6.11 6.13 36.56
C ILE G 165 -5.04 5.99 35.49
N GLY G 166 -4.49 7.13 35.06
CA GLY G 166 -3.49 7.15 34.02
C GLY G 166 -4.02 7.85 32.78
N ASP G 167 -3.68 9.12 32.62
CA ASP G 167 -4.23 9.97 31.58
C ASP G 167 -3.11 10.63 30.81
N VAL G 168 -3.41 11.00 29.56
CA VAL G 168 -2.49 11.76 28.73
C VAL G 168 -2.78 13.26 28.80
N PHE G 169 -3.57 13.68 29.77
CA PHE G 169 -3.97 15.07 29.94
C PHE G 169 -3.16 15.77 31.01
N ASP G 170 -2.09 15.16 31.48
CA ASP G 170 -1.19 15.82 32.42
C ASP G 170 -0.64 17.14 31.91
N PRO G 171 -0.25 17.29 30.64
CA PRO G 171 0.14 18.62 30.16
C PRO G 171 -0.95 19.67 30.31
N VAL G 172 -2.22 19.29 30.14
CA VAL G 172 -3.31 20.23 30.37
C VAL G 172 -3.36 20.63 31.84
N ARG G 173 -3.17 19.68 32.75
CA ARG G 173 -3.15 19.99 34.18
C ARG G 173 -1.99 20.92 34.51
N GLU G 174 -0.82 20.69 33.92
CA GLU G 174 0.31 21.59 34.14
C GLU G 174 0.03 22.98 33.60
N ARG G 175 -0.60 23.07 32.43
CA ARG G 175 -0.93 24.37 31.86
C ARG G 175 -1.92 25.12 32.73
N ILE G 176 -2.89 24.40 33.31
CA ILE G 176 -3.85 25.06 34.20
C ILE G 176 -3.17 25.51 35.48
N ARG G 177 -2.36 24.63 36.09
CA ARG G 177 -1.70 24.97 37.35
C ARG G 177 -0.65 26.04 37.14
N TYR G 178 0.21 25.88 36.15
CA TYR G 178 1.24 26.86 35.81
C TYR G 178 0.94 27.41 34.43
N ASN G 179 0.85 28.74 34.33
CA ASN G 179 0.36 29.39 33.11
C ASN G 179 1.42 29.27 32.02
N ARG G 180 1.41 28.12 31.35
CA ARG G 180 2.28 27.87 30.20
C ARG G 180 1.61 28.28 28.89
N GLY G 181 0.38 28.74 28.93
CA GLY G 181 -0.35 29.13 27.73
C GLY G 181 -1.52 30.02 28.06
N ILE G 182 -2.56 29.93 27.24
CA ILE G 182 -3.75 30.76 27.42
C ILE G 182 -4.94 29.87 27.79
N ILE G 183 -4.66 28.75 28.45
CA ILE G 183 -5.72 27.83 28.86
C ILE G 183 -6.65 28.50 29.86
N ARG G 184 -6.09 29.33 30.75
CA ARG G 184 -6.90 29.98 31.78
C ARG G 184 -7.57 31.26 31.29
N LYS G 185 -7.15 31.78 30.13
CA LYS G 185 -7.73 33.01 29.60
C LYS G 185 -8.99 32.76 28.77
N LYS G 186 -9.29 31.51 28.44
CA LYS G 186 -10.41 31.17 27.56
C LYS G 186 -11.46 30.37 28.33
N ARG G 187 -12.52 29.99 27.62
CA ARG G 187 -13.68 29.34 28.22
C ARG G 187 -13.50 27.82 28.17
N ALA G 188 -14.59 27.09 28.47
CA ALA G 188 -14.51 25.63 28.56
C ALA G 188 -14.29 24.97 27.21
N ASP G 189 -14.71 25.64 26.12
CA ASP G 189 -14.48 25.07 24.80
C ASP G 189 -12.99 24.91 24.51
N TYR G 190 -12.18 25.88 24.96
CA TYR G 190 -10.74 25.74 24.80
C TYR G 190 -10.19 24.60 25.67
N LEU G 191 -10.82 24.35 26.82
CA LEU G 191 -10.42 23.20 27.63
C LEU G 191 -10.70 21.89 26.88
N LEU G 192 -11.87 21.80 26.24
CA LEU G 192 -12.17 20.62 25.43
C LEU G 192 -11.18 20.49 24.29
N TYR G 193 -10.82 21.60 23.65
CA TYR G 193 -9.74 21.60 22.66
C TYR G 193 -8.45 21.02 23.22
N SER G 194 -8.03 21.48 24.40
CA SER G 194 -6.76 21.01 24.94
C SER G 194 -6.80 19.53 25.20
N LEU G 195 -7.93 19.02 25.69
CA LEU G 195 -8.07 17.59 25.91
C LEU G 195 -7.97 16.82 24.60
N ILE G 196 -8.67 17.27 23.56
CA ILE G 196 -8.62 16.57 22.28
C ILE G 196 -7.21 16.58 21.71
N ASP G 197 -6.51 17.71 21.83
CA ASP G 197 -5.16 17.82 21.31
C ASP G 197 -4.20 16.90 22.05
N ALA G 198 -4.35 16.80 23.38
CA ALA G 198 -3.52 15.87 24.14
C ALA G 198 -3.78 14.43 23.70
N LEU G 199 -5.04 14.08 23.47
CA LEU G 199 -5.35 12.74 23.00
C LEU G 199 -4.71 12.47 21.64
N VAL G 200 -4.74 13.45 20.74
CA VAL G 200 -4.13 13.28 19.43
C VAL G 200 -2.61 13.14 19.55
N ASP G 201 -1.99 13.87 20.47
CA ASP G 201 -0.56 13.72 20.68
C ASP G 201 -0.22 12.33 21.20
N ASP G 202 -1.04 11.78 22.10
CA ASP G 202 -0.86 10.39 22.50
C ASP G 202 -0.98 9.45 21.31
N TYR G 203 -1.92 9.73 20.41
CA TYR G 203 -2.03 8.93 19.20
C TYR G 203 -0.74 8.98 18.40
N PHE G 204 -0.12 10.16 18.31
CA PHE G 204 1.14 10.29 17.58
C PHE G 204 2.26 9.46 18.21
N VAL G 205 2.38 9.52 19.54
CA VAL G 205 3.45 8.78 20.20
C VAL G 205 3.22 7.28 20.07
N LEU G 206 1.96 6.85 20.14
CA LEU G 206 1.64 5.45 19.91
C LEU G 206 2.00 5.04 18.48
N LEU G 207 1.76 5.94 17.53
CA LEU G 207 2.10 5.64 16.14
C LEU G 207 3.60 5.46 15.96
N GLU G 208 4.41 6.30 16.62
CA GLU G 208 5.85 6.13 16.46
C GLU G 208 6.35 4.86 17.15
N LYS G 209 5.75 4.49 18.29
CA LYS G 209 6.10 3.20 18.89
C LYS G 209 5.75 2.04 17.96
N ILE G 210 4.59 2.11 17.32
CA ILE G 210 4.21 1.07 16.38
C ILE G 210 5.16 1.05 15.18
N ASP G 211 5.64 2.23 14.75
CA ASP G 211 6.62 2.27 13.68
C ASP G 211 7.92 1.58 14.08
N ASP G 212 8.35 1.76 15.33
CA ASP G 212 9.52 1.05 15.82
C ASP G 212 9.29 -0.46 15.76
N GLU G 213 8.11 -0.91 16.19
CA GLU G 213 7.79 -2.34 16.10
C GLU G 213 7.79 -2.81 14.64
N ILE G 214 7.30 -1.97 13.73
CA ILE G 214 7.29 -2.30 12.31
C ILE G 214 8.71 -2.53 11.83
N ASP G 215 9.63 -1.64 12.19
CA ASP G 215 11.01 -1.79 11.76
C ASP G 215 11.63 -3.06 12.32
N VAL G 216 11.34 -3.37 13.60
CA VAL G 216 11.89 -4.58 14.20
C VAL G 216 11.39 -5.82 13.46
N LEU G 217 10.09 -5.88 13.17
CA LEU G 217 9.53 -7.04 12.48
C LEU G 217 10.03 -7.13 11.05
N GLU G 218 10.23 -6.00 10.37
CA GLU G 218 10.79 -6.03 9.03
C GLU G 218 12.21 -6.59 9.05
N GLU G 219 13.02 -6.16 10.01
CA GLU G 219 14.37 -6.72 10.13
C GLU G 219 14.33 -8.21 10.38
N GLU G 220 13.42 -8.66 11.26
CA GLU G 220 13.34 -10.08 11.56
C GLU G 220 12.91 -10.89 10.35
N VAL G 221 11.90 -10.42 9.60
CA VAL G 221 11.47 -11.17 8.42
C VAL G 221 12.54 -11.18 7.35
N LEU G 222 13.31 -10.09 7.22
CA LEU G 222 14.36 -10.06 6.21
C LEU G 222 15.51 -10.99 6.57
N GLU G 223 15.86 -11.06 7.85
CA GLU G 223 17.07 -11.78 8.27
C GLU G 223 16.80 -13.18 8.79
N ARG G 224 15.97 -13.32 9.83
CA ARG G 224 15.83 -14.57 10.56
C ARG G 224 14.36 -14.99 10.63
N PRO G 225 13.85 -15.62 9.59
CA PRO G 225 12.49 -16.16 9.65
C PRO G 225 12.35 -17.28 10.66
N GLU G 226 11.17 -17.38 11.26
CA GLU G 226 10.86 -18.43 12.23
C GLU G 226 9.35 -18.38 12.49
N LYS G 227 8.88 -19.28 13.36
CA LYS G 227 7.45 -19.36 13.65
C LYS G 227 6.99 -18.19 14.53
N GLU G 228 7.79 -17.83 15.54
CA GLU G 228 7.43 -16.68 16.36
C GLU G 228 7.42 -15.40 15.52
N THR G 229 8.15 -15.39 14.41
CA THR G 229 8.13 -14.23 13.51
C THR G 229 6.73 -14.02 12.93
N VAL G 230 6.14 -15.06 12.35
CA VAL G 230 4.80 -14.91 11.80
C VAL G 230 3.77 -14.75 12.92
N GLN G 231 4.01 -15.36 14.08
CA GLN G 231 3.13 -15.11 15.23
C GLN G 231 3.06 -13.62 15.55
N ARG G 232 4.21 -12.99 15.71
CA ARG G 232 4.24 -11.57 16.05
C ARG G 232 3.74 -10.71 14.90
N THR G 233 3.99 -11.12 13.66
CA THR G 233 3.48 -10.37 12.52
C THR G 233 1.96 -10.38 12.48
N HIS G 234 1.35 -11.54 12.75
CA HIS G 234 -0.11 -11.62 12.82
C HIS G 234 -0.64 -10.77 13.98
N GLN G 235 0.03 -10.83 15.13
CA GLN G 235 -0.38 -10.00 16.26
C GLN G 235 -0.36 -8.52 15.87
N LEU G 236 0.72 -8.09 15.22
CA LEU G 236 0.83 -6.69 14.82
C LEU G 236 -0.22 -6.32 13.77
N LYS G 237 -0.51 -7.22 12.84
CA LYS G 237 -1.53 -6.94 11.84
C LYS G 237 -2.90 -6.76 12.49
N ARG G 238 -3.25 -7.63 13.44
CA ARG G 238 -4.51 -7.47 14.15
C ARG G 238 -4.55 -6.17 14.93
N ASN G 239 -3.44 -5.83 15.60
CA ASN G 239 -3.37 -4.58 16.34
C ASN G 239 -3.57 -3.37 15.43
N LEU G 240 -2.93 -3.39 14.26
CA LEU G 240 -3.07 -2.29 13.31
C LEU G 240 -4.48 -2.21 12.75
N VAL G 241 -5.13 -3.36 12.52
CA VAL G 241 -6.51 -3.34 12.04
C VAL G 241 -7.42 -2.69 13.06
N GLU G 242 -7.29 -3.08 14.33
CA GLU G 242 -8.07 -2.45 15.39
C GLU G 242 -7.77 -0.97 15.49
N LEU G 243 -6.49 -0.61 15.40
CA LEU G 243 -6.09 0.79 15.51
C LEU G 243 -6.70 1.63 14.39
N ARG G 244 -6.67 1.13 13.15
CA ARG G 244 -7.26 1.85 12.04
C ARG G 244 -8.77 1.98 12.20
N LYS G 245 -9.42 0.90 12.67
CA LYS G 245 -10.85 0.95 12.92
C LYS G 245 -11.19 2.02 13.94
N THR G 246 -10.32 2.24 14.93
CA THR G 246 -10.56 3.31 15.88
C THR G 246 -10.20 4.68 15.30
N ILE G 247 -9.15 4.76 14.50
CA ILE G 247 -8.68 6.06 13.99
C ILE G 247 -9.70 6.68 13.06
N TRP G 248 -10.29 5.88 12.17
CA TRP G 248 -11.13 6.48 11.12
C TRP G 248 -12.30 7.30 11.65
N PRO G 249 -13.09 6.85 12.64
CA PRO G 249 -14.17 7.72 13.16
C PRO G 249 -13.67 8.97 13.86
N LEU G 250 -12.42 9.01 14.31
CA LEU G 250 -11.90 10.22 14.94
C LEU G 250 -11.89 11.39 13.96
N ARG G 251 -11.59 11.11 12.69
CA ARG G 251 -11.65 12.13 11.66
C ARG G 251 -13.06 12.72 11.57
N GLU G 252 -14.08 11.86 11.58
CA GLU G 252 -15.45 12.35 11.50
C GLU G 252 -15.83 13.12 12.75
N VAL G 253 -15.35 12.68 13.92
CA VAL G 253 -15.63 13.41 15.16
C VAL G 253 -15.08 14.82 15.08
N LEU G 254 -13.82 14.95 14.67
CA LEU G 254 -13.22 16.29 14.58
C LEU G 254 -13.84 17.10 13.46
N SER G 255 -14.23 16.46 12.36
CA SER G 255 -14.90 17.19 11.28
C SER G 255 -16.24 17.75 11.74
N SER G 256 -16.98 16.98 12.54
CA SER G 256 -18.23 17.49 13.11
C SER G 256 -17.97 18.61 14.10
N LEU G 257 -16.95 18.47 14.93
CA LEU G 257 -16.63 19.55 15.86
C LEU G 257 -16.14 20.81 15.15
N TYR G 258 -15.64 20.67 13.93
CA TYR G 258 -15.06 21.76 13.16
C TYR G 258 -16.07 22.47 12.27
N ARG G 259 -16.77 21.73 11.41
CA ARG G 259 -17.51 22.36 10.31
C ARG G 259 -18.82 22.97 10.78
N ASP G 260 -19.74 22.14 11.28
CA ASP G 260 -21.05 22.61 11.73
C ASP G 260 -20.99 22.94 13.22
N VAL G 261 -20.45 24.12 13.51
CA VAL G 261 -20.20 24.57 14.88
C VAL G 261 -21.51 24.71 15.65
N PRO G 262 -21.67 24.01 16.77
CA PRO G 262 -22.85 24.22 17.60
C PRO G 262 -22.71 25.48 18.43
N PRO G 263 -23.80 25.98 19.02
CA PRO G 263 -23.69 27.20 19.84
C PRO G 263 -22.79 27.06 21.05
N LEU G 264 -22.54 25.83 21.52
CA LEU G 264 -21.65 25.64 22.66
C LEU G 264 -20.23 26.09 22.34
N ILE G 265 -19.75 25.76 21.14
CA ILE G 265 -18.43 26.22 20.70
C ILE G 265 -18.54 27.70 20.33
N GLU G 266 -17.64 28.52 20.88
CA GLU G 266 -17.77 29.97 20.83
C GLU G 266 -17.26 30.58 19.54
N LYS G 267 -17.08 29.78 18.47
CA LYS G 267 -16.73 30.28 17.15
C LYS G 267 -15.35 30.94 17.11
N GLU G 268 -14.65 30.94 18.24
CA GLU G 268 -13.28 31.44 18.30
C GLU G 268 -12.24 30.35 18.43
N THR G 269 -12.64 29.12 18.75
CA THR G 269 -11.75 27.98 18.81
C THR G 269 -11.78 27.14 17.53
N VAL G 270 -12.51 27.59 16.51
CA VAL G 270 -12.64 26.80 15.28
C VAL G 270 -11.30 26.56 14.59
N PRO G 271 -10.41 27.56 14.44
CA PRO G 271 -9.11 27.25 13.81
C PRO G 271 -8.32 26.18 14.56
N TYR G 272 -8.42 26.15 15.89
CA TYR G 272 -7.76 25.11 16.66
C TYR G 272 -8.31 23.74 16.32
N PHE G 273 -9.63 23.61 16.18
CA PHE G 273 -10.21 22.34 15.77
C PHE G 273 -9.81 21.98 14.35
N ARG G 274 -9.63 22.98 13.48
CA ARG G 274 -9.07 22.70 12.15
C ARG G 274 -7.67 22.12 12.25
N ASP G 275 -6.85 22.65 13.17
CA ASP G 275 -5.51 22.12 13.37
C ASP G 275 -5.56 20.67 13.82
N VAL G 276 -6.47 20.34 14.75
CA VAL G 276 -6.57 18.96 15.19
C VAL G 276 -7.09 18.07 14.07
N TYR G 277 -7.98 18.60 13.22
CA TYR G 277 -8.45 17.82 12.08
C TYR G 277 -7.30 17.49 11.12
N ASP G 278 -6.42 18.47 10.89
CA ASP G 278 -5.25 18.20 10.05
C ASP G 278 -4.34 17.16 10.70
N HIS G 279 -4.19 17.22 12.02
CA HIS G 279 -3.39 16.21 12.71
C HIS G 279 -3.99 14.82 12.54
N THR G 280 -5.32 14.72 12.63
CA THR G 280 -5.97 13.43 12.42
C THR G 280 -5.78 12.93 11.00
N ILE G 281 -5.79 13.85 10.03
CA ILE G 281 -5.50 13.47 8.64
C ILE G 281 -4.12 12.86 8.53
N GLN G 282 -3.13 13.51 9.16
CA GLN G 282 -1.77 12.97 9.15
C GLN G 282 -1.72 11.59 9.81
N ILE G 283 -2.43 11.43 10.92
CA ILE G 283 -2.46 10.15 11.61
C ILE G 283 -3.03 9.05 10.71
N ALA G 284 -4.13 9.36 10.02
CA ALA G 284 -4.74 8.38 9.13
C ALA G 284 -3.80 7.99 8.00
N ASP G 285 -3.09 8.97 7.44
CA ASP G 285 -2.14 8.65 6.37
C ASP G 285 -1.02 7.73 6.88
N THR G 286 -0.50 8.02 8.06
CA THR G 286 0.55 7.16 8.63
C THR G 286 0.03 5.76 8.89
N VAL G 287 -1.22 5.65 9.37
CA VAL G 287 -1.80 4.33 9.62
C VAL G 287 -1.93 3.55 8.33
N GLU G 288 -2.34 4.22 7.25
CA GLU G 288 -2.46 3.53 5.97
C GLU G 288 -1.09 3.05 5.47
N THR G 289 -0.06 3.87 5.64
CA THR G 289 1.29 3.43 5.27
C THR G 289 1.71 2.20 6.07
N PHE G 290 1.44 2.21 7.38
CA PHE G 290 1.77 1.05 8.21
C PHE G 290 1.01 -0.19 7.75
N ARG G 291 -0.26 -0.03 7.38
CA ARG G 291 -1.05 -1.15 6.90
C ARG G 291 -0.47 -1.73 5.62
N ASP G 292 -0.02 -0.87 4.70
CA ASP G 292 0.60 -1.36 3.47
C ASP G 292 1.87 -2.15 3.78
N ILE G 293 2.69 -1.63 4.69
CA ILE G 293 3.94 -2.32 5.04
C ILE G 293 3.63 -3.68 5.64
N VAL G 294 2.66 -3.74 6.55
CA VAL G 294 2.29 -5.01 7.17
C VAL G 294 1.77 -5.99 6.12
N SER G 295 0.98 -5.50 5.17
CA SER G 295 0.48 -6.37 4.12
C SER G 295 1.62 -6.97 3.30
N GLY G 296 2.66 -6.18 3.03
CA GLY G 296 3.82 -6.72 2.32
C GLY G 296 4.70 -7.63 3.18
N LEU G 297 4.59 -7.52 4.50
CA LEU G 297 5.52 -8.23 5.39
C LEU G 297 5.46 -9.74 5.22
N LEU G 298 4.25 -10.32 5.16
CA LEU G 298 4.15 -11.77 5.06
C LEU G 298 4.65 -12.30 3.73
N ASP G 299 4.41 -11.57 2.64
CA ASP G 299 4.98 -11.97 1.36
C ASP G 299 6.50 -11.93 1.39
N VAL G 300 7.06 -10.90 2.05
CA VAL G 300 8.51 -10.83 2.20
C VAL G 300 9.02 -12.03 2.99
N TYR G 301 8.33 -12.40 4.07
CA TYR G 301 8.73 -13.55 4.86
C TYR G 301 8.70 -14.84 4.04
N LEU G 302 7.64 -15.02 3.26
CA LEU G 302 7.52 -16.21 2.42
C LEU G 302 8.66 -16.28 1.42
N SER G 303 8.98 -15.16 0.77
CA SER G 303 10.07 -15.17 -0.20
C SER G 303 11.42 -15.39 0.47
N SER G 304 11.61 -14.91 1.70
CA SER G 304 12.86 -15.17 2.41
C SER G 304 13.01 -16.64 2.76
N VAL G 305 11.92 -17.28 3.20
CA VAL G 305 11.97 -18.71 3.47
C VAL G 305 12.27 -19.49 2.19
N SER G 306 11.64 -19.06 1.07
CA SER G 306 11.95 -19.69 -0.22
C SER G 306 13.42 -19.50 -0.59
N ASN G 307 13.99 -18.34 -0.25
CA ASN G 307 15.41 -18.10 -0.54
C ASN G 307 16.30 -19.04 0.26
N LYS G 308 16.00 -19.24 1.55
CA LYS G 308 16.78 -20.18 2.34
C LYS G 308 16.67 -21.60 1.78
N THR G 309 15.45 -22.00 1.40
CA THR G 309 15.27 -23.29 0.75
C THR G 309 16.06 -23.38 -0.54
N ASN G 310 16.16 -22.26 -1.28
CA ASN G 310 16.94 -22.23 -2.51
C ASN G 310 18.43 -22.42 -2.23
N GLU G 311 18.93 -21.83 -1.15
CA GLU G 311 20.34 -22.05 -0.79
C GLU G 311 20.60 -23.51 -0.47
N VAL G 312 19.70 -24.13 0.30
CA VAL G 312 19.83 -25.57 0.57
C VAL G 312 19.75 -26.35 -0.74
N MET G 313 18.89 -25.89 -1.65
CA MET G 313 18.73 -26.53 -2.96
C MET G 313 20.03 -26.48 -3.76
N LYS G 314 20.69 -25.33 -3.75
CA LYS G 314 21.95 -25.18 -4.46
C LYS G 314 23.01 -26.11 -3.88
N VAL G 315 23.07 -26.21 -2.55
CA VAL G 315 24.04 -27.13 -1.94
C VAL G 315 23.76 -28.57 -2.38
N LEU G 316 22.48 -28.98 -2.31
CA LEU G 316 22.13 -30.35 -2.65
C LEU G 316 22.43 -30.66 -4.11
N THR G 317 22.07 -29.76 -5.02
CA THR G 317 22.31 -30.01 -6.43
C THR G 317 23.79 -29.98 -6.77
N ILE G 318 24.58 -29.15 -6.08
CA ILE G 318 26.02 -29.15 -6.30
C ILE G 318 26.61 -30.50 -5.92
N ILE G 319 26.25 -30.99 -4.72
CA ILE G 319 26.79 -32.28 -4.28
C ILE G 319 26.35 -33.39 -5.24
N ALA G 320 25.07 -33.38 -5.62
CA ALA G 320 24.55 -34.42 -6.51
C ALA G 320 25.26 -34.41 -7.85
N THR G 321 25.46 -33.23 -8.44
CA THR G 321 26.09 -33.16 -9.74
C THR G 321 27.56 -33.54 -9.67
N ILE G 322 28.24 -33.21 -8.58
CA ILE G 322 29.65 -33.55 -8.48
C ILE G 322 29.83 -35.06 -8.31
N PHE G 323 28.96 -35.71 -7.52
CA PHE G 323 29.21 -37.09 -7.11
C PHE G 323 28.33 -38.14 -7.77
N MET G 324 27.33 -37.77 -8.56
CA MET G 324 26.52 -38.80 -9.21
C MET G 324 27.17 -39.33 -10.49
N PRO G 325 27.65 -38.48 -11.41
CA PRO G 325 28.37 -39.01 -12.58
C PRO G 325 29.61 -39.79 -12.21
N LEU G 326 30.30 -39.41 -11.12
CA LEU G 326 31.50 -40.12 -10.72
C LEU G 326 31.18 -41.55 -10.29
N THR G 327 30.15 -41.73 -9.46
CA THR G 327 29.77 -43.09 -9.09
C THR G 327 29.14 -43.83 -10.27
N PHE G 328 28.56 -43.10 -11.23
CA PHE G 328 28.11 -43.73 -12.47
C PHE G 328 29.29 -44.35 -13.21
N ILE G 329 30.37 -43.58 -13.39
CA ILE G 329 31.53 -44.11 -14.09
C ILE G 329 32.18 -45.24 -13.29
N ALA G 330 32.16 -45.13 -11.96
CA ALA G 330 32.66 -46.22 -11.13
C ALA G 330 31.86 -47.50 -11.33
N GLY G 331 30.54 -47.38 -11.41
CA GLY G 331 29.72 -48.56 -11.70
C GLY G 331 29.96 -49.10 -13.09
N ILE G 332 30.21 -48.20 -14.05
CA ILE G 332 30.50 -48.64 -15.42
C ILE G 332 31.78 -49.44 -15.45
N TYR G 333 32.78 -49.03 -14.70
CA TYR G 333 34.05 -49.76 -14.65
C TYR G 333 34.04 -50.89 -13.62
N GLY G 334 32.95 -51.04 -12.88
CA GLY G 334 32.85 -52.13 -11.92
C GLY G 334 32.06 -53.31 -12.43
N MET G 335 31.31 -53.13 -13.51
CA MET G 335 30.60 -54.24 -14.12
C MET G 335 31.61 -55.28 -14.63
N ASN G 336 31.29 -56.55 -14.41
CA ASN G 336 32.25 -57.63 -14.59
C ASN G 336 31.82 -58.57 -15.71
N PHE G 337 32.78 -58.96 -16.55
CA PHE G 337 32.62 -59.97 -17.58
C PHE G 337 33.99 -60.28 -18.15
N GLU G 338 34.09 -61.39 -18.87
CA GLU G 338 35.35 -61.76 -19.49
C GLU G 338 35.64 -60.85 -20.69
N TYR G 339 36.92 -60.74 -21.02
CA TYR G 339 37.42 -59.90 -22.12
C TYR G 339 37.00 -58.43 -21.92
N MET G 340 37.54 -57.84 -20.86
CA MET G 340 37.34 -56.42 -20.59
C MET G 340 38.37 -55.60 -21.34
N PRO G 341 37.97 -54.71 -22.24
CA PRO G 341 38.96 -53.83 -22.89
C PRO G 341 39.72 -52.96 -21.91
N GLU G 342 39.09 -52.52 -20.82
CA GLU G 342 39.79 -51.73 -19.81
C GLU G 342 40.74 -52.59 -18.98
N LEU G 343 40.63 -53.91 -19.06
CA LEU G 343 41.55 -54.81 -18.40
C LEU G 343 42.62 -55.21 -19.41
N ARG G 344 43.85 -55.42 -18.90
CA ARG G 344 45.13 -55.46 -19.65
C ARG G 344 45.60 -54.06 -19.99
N TRP G 345 44.98 -53.02 -19.43
CA TRP G 345 45.34 -51.65 -19.77
C TRP G 345 46.67 -51.27 -19.13
N LYS G 346 47.17 -50.09 -19.51
CA LYS G 346 48.45 -49.60 -18.98
C LYS G 346 48.41 -49.51 -17.45
N TRP G 347 47.58 -48.61 -16.93
CA TRP G 347 47.20 -48.62 -15.52
C TRP G 347 45.81 -47.99 -15.42
N GLY G 348 44.82 -48.79 -15.05
CA GLY G 348 43.44 -48.31 -15.05
C GLY G 348 43.20 -47.19 -14.06
N TYR G 349 43.66 -47.36 -12.83
CA TYR G 349 43.34 -46.40 -11.78
C TYR G 349 43.81 -44.98 -12.06
N PRO G 350 45.07 -44.74 -12.47
CA PRO G 350 45.46 -43.33 -12.72
C PRO G 350 44.62 -42.64 -13.78
N VAL G 351 44.28 -43.33 -14.87
CA VAL G 351 43.52 -42.70 -15.95
C VAL G 351 42.11 -42.35 -15.49
N VAL G 352 41.44 -43.30 -14.85
CA VAL G 352 40.09 -43.06 -14.36
C VAL G 352 40.08 -41.95 -13.32
N LEU G 353 41.04 -41.98 -12.40
CA LEU G 353 41.11 -40.96 -11.36
C LEU G 353 41.34 -39.58 -11.96
N ALA G 354 42.22 -39.48 -12.96
CA ALA G 354 42.44 -38.20 -13.63
C ALA G 354 41.19 -37.73 -14.35
N VAL G 355 40.48 -38.65 -15.00
CA VAL G 355 39.25 -38.28 -15.72
C VAL G 355 38.22 -37.73 -14.75
N MET G 356 38.00 -38.42 -13.63
CA MET G 356 37.03 -37.93 -12.65
C MET G 356 37.50 -36.64 -12.01
N GLY G 357 38.80 -36.47 -11.79
CA GLY G 357 39.30 -35.22 -11.25
C GLY G 357 39.03 -34.05 -12.20
N VAL G 358 39.27 -34.27 -13.49
CA VAL G 358 39.00 -33.22 -14.48
C VAL G 358 37.51 -32.90 -14.51
N ILE G 359 36.66 -33.94 -14.50
CA ILE G 359 35.22 -33.72 -14.53
C ILE G 359 34.78 -32.92 -13.31
N ALA G 360 35.26 -33.31 -12.13
CA ALA G 360 34.89 -32.60 -10.91
C ALA G 360 35.37 -31.17 -10.94
N VAL G 361 36.59 -30.93 -11.43
CA VAL G 361 37.14 -29.58 -11.46
C VAL G 361 36.31 -28.69 -12.39
N ILE G 362 35.98 -29.20 -13.58
CA ILE G 362 35.22 -28.38 -14.51
C ILE G 362 33.81 -28.14 -13.99
N MET G 363 33.21 -29.13 -13.32
CA MET G 363 31.87 -28.93 -12.78
C MET G 363 31.88 -27.93 -11.62
N VAL G 364 32.92 -27.96 -10.78
CA VAL G 364 33.03 -26.96 -9.72
C VAL G 364 33.22 -25.57 -10.30
N VAL G 365 34.04 -25.46 -11.36
CA VAL G 365 34.18 -24.18 -12.04
C VAL G 365 32.83 -23.71 -12.59
N TYR G 366 32.03 -24.64 -13.12
CA TYR G 366 30.71 -24.31 -13.62
C TYR G 366 29.82 -23.76 -12.51
N PHE G 367 29.77 -24.48 -11.37
CA PHE G 367 28.76 -24.17 -10.36
C PHE G 367 29.24 -23.14 -9.33
N LYS G 368 30.30 -23.47 -8.59
CA LYS G 368 30.64 -22.68 -7.42
C LYS G 368 31.49 -21.47 -7.79
N LYS G 369 32.41 -21.62 -8.74
CA LYS G 369 33.28 -20.51 -9.11
C LYS G 369 32.54 -19.45 -9.91
N LYS G 370 31.67 -19.87 -10.82
CA LYS G 370 31.02 -18.93 -11.73
C LYS G 370 29.85 -18.21 -11.06
N LYS G 371 28.82 -18.96 -10.65
CA LYS G 371 27.61 -18.38 -10.11
C LYS G 371 27.37 -18.73 -8.65
N TRP G 372 27.33 -20.01 -8.31
CA TRP G 372 26.96 -20.45 -6.97
C TRP G 372 28.18 -20.61 -6.08
#